data_2N3D
#
_entry.id   2N3D
#
_entity_poly.entity_id   1
_entity_poly.type   'polypeptide(L)'
_entity_poly.pdbx_seq_one_letter_code
;MFSKQAKSNNKAPARIEPLPTPMAATPAEPARRAPPKVASLLSADLTIEGGVTGEGELQIDGVVKGDVRVGRLTVGETGH
VEGSVYAEAVEVRGRVVGAITSKQVRLYGTSYVDGDITHEQLAMETGAFFQGRSLKFQRPAPAPSQPAPHPEHLAIAKSA
GGAPENSSSVDKLAAALEHHHHHH
;
_entity_poly.pdbx_strand_id   A
#
# COMPACT_ATOMS: atom_id res chain seq x y z
N LYS A 37 4.93 -6.00 18.97
CA LYS A 37 4.92 -4.62 18.55
C LYS A 37 5.51 -4.47 17.14
N VAL A 38 5.35 -5.52 16.34
CA VAL A 38 5.86 -5.52 14.96
C VAL A 38 4.83 -6.10 14.01
N ALA A 39 3.58 -6.14 14.46
CA ALA A 39 2.50 -6.67 13.64
C ALA A 39 1.15 -6.10 14.07
N SER A 40 1.07 -4.77 14.13
CA SER A 40 -0.16 -4.11 14.53
C SER A 40 -1.32 -4.55 13.64
N LEU A 41 -2.55 -4.34 14.13
CA LEU A 41 -3.74 -4.73 13.36
C LEU A 41 -4.85 -3.69 13.53
N LEU A 42 -5.14 -2.96 12.45
CA LEU A 42 -6.18 -1.93 12.47
C LEU A 42 -7.47 -2.47 11.85
N SER A 43 -8.50 -2.61 12.69
CA SER A 43 -9.79 -3.12 12.22
C SER A 43 -10.27 -2.32 11.01
N ALA A 44 -11.48 -2.63 10.56
CA ALA A 44 -12.07 -1.95 9.40
C ALA A 44 -12.81 -0.70 9.84
N ASP A 45 -13.32 -0.72 11.07
CA ASP A 45 -14.04 0.44 11.59
C ASP A 45 -13.07 1.57 11.92
N LEU A 46 -11.92 1.57 11.24
CA LEU A 46 -10.90 2.59 11.47
C LEU A 46 -10.56 3.32 10.17
N THR A 47 -10.33 4.63 10.29
CA THR A 47 -9.99 5.47 9.15
C THR A 47 -8.84 6.41 9.49
N ILE A 48 -7.87 6.52 8.59
CA ILE A 48 -6.72 7.38 8.82
C ILE A 48 -7.01 8.80 8.34
N GLU A 49 -6.46 9.79 9.06
CA GLU A 49 -6.67 11.20 8.71
C GLU A 49 -5.36 11.96 8.79
N GLY A 50 -5.13 12.84 7.82
CA GLY A 50 -3.90 13.63 7.79
C GLY A 50 -2.69 12.76 7.47
N GLY A 51 -2.00 12.31 8.51
CA GLY A 51 -0.82 11.46 8.32
C GLY A 51 -0.42 10.80 9.63
N VAL A 52 0.00 9.54 9.55
CA VAL A 52 0.42 8.79 10.75
C VAL A 52 1.72 8.03 10.48
N THR A 53 2.55 7.92 11.51
CA THR A 53 3.84 7.21 11.39
C THR A 53 3.78 5.91 12.18
N GLY A 54 4.79 5.06 11.98
CA GLY A 54 4.87 3.79 12.68
C GLY A 54 6.12 3.02 12.28
N GLU A 55 6.29 1.83 12.85
CA GLU A 55 7.45 1.00 12.56
C GLU A 55 7.07 -0.47 12.56
N GLY A 56 7.76 -1.27 11.75
CA GLY A 56 7.48 -2.70 11.67
C GLY A 56 6.38 -2.97 10.64
N GLU A 57 5.69 -4.10 10.82
CA GLU A 57 4.61 -4.48 9.91
C GLU A 57 3.28 -3.89 10.37
N LEU A 58 2.54 -3.32 9.42
CA LEU A 58 1.24 -2.71 9.71
C LEU A 58 0.14 -3.41 8.93
N GLN A 59 -0.67 -4.20 9.63
CA GLN A 59 -1.79 -4.89 9.01
C GLN A 59 -3.04 -4.03 9.11
N ILE A 60 -3.55 -3.56 7.98
CA ILE A 60 -4.74 -2.69 7.97
C ILE A 60 -5.79 -3.19 7.00
N ASP A 61 -7.01 -3.34 7.51
CA ASP A 61 -8.15 -3.77 6.70
C ASP A 61 -9.24 -2.70 6.77
N GLY A 62 -8.82 -1.45 6.56
CA GLY A 62 -9.73 -0.31 6.63
C GLY A 62 -9.46 0.69 5.51
N VAL A 63 -9.92 1.93 5.72
CA VAL A 63 -9.75 2.99 4.71
C VAL A 63 -8.68 3.98 5.16
N VAL A 64 -7.78 4.35 4.24
CA VAL A 64 -6.71 5.30 4.56
C VAL A 64 -6.91 6.62 3.83
N LYS A 65 -7.04 7.70 4.61
CA LYS A 65 -7.25 9.03 4.04
C LYS A 65 -6.18 9.99 4.56
N GLY A 66 -5.06 10.10 3.83
CA GLY A 66 -3.98 10.99 4.23
C GLY A 66 -2.63 10.41 3.86
N ASP A 67 -1.65 10.56 4.75
CA ASP A 67 -0.30 10.05 4.51
C ASP A 67 -0.01 8.87 5.43
N VAL A 68 0.97 8.04 5.04
CA VAL A 68 1.35 6.88 5.84
C VAL A 68 2.85 6.62 5.74
N ARG A 69 3.48 6.44 6.89
CA ARG A 69 4.92 6.17 6.96
C ARG A 69 5.17 4.93 7.83
N VAL A 70 5.81 3.92 7.26
CA VAL A 70 6.10 2.70 8.00
C VAL A 70 7.10 1.82 7.24
N GLY A 71 7.53 0.74 7.90
CA GLY A 71 8.49 -0.18 7.28
C GLY A 71 7.78 -1.11 6.31
N ARG A 72 6.95 -2.01 6.83
CA ARG A 72 6.20 -2.96 6.02
C ARG A 72 4.71 -2.61 6.10
N LEU A 73 4.00 -2.75 4.98
CA LEU A 73 2.57 -2.43 4.93
C LEU A 73 1.78 -3.51 4.21
N THR A 74 0.91 -4.20 4.96
CA THR A 74 0.06 -5.25 4.39
C THR A 74 -1.37 -4.75 4.28
N VAL A 75 -1.90 -4.69 3.07
CA VAL A 75 -3.27 -4.22 2.85
C VAL A 75 -4.25 -5.36 3.09
N GLY A 76 -4.98 -5.25 4.20
CA GLY A 76 -5.96 -6.26 4.59
C GLY A 76 -6.94 -6.61 3.49
N GLU A 77 -8.06 -7.22 3.88
CA GLU A 77 -9.09 -7.65 2.94
C GLU A 77 -10.04 -6.53 2.55
N THR A 78 -10.14 -5.48 3.38
CA THR A 78 -11.06 -4.39 3.05
C THR A 78 -10.56 -3.69 1.80
N GLY A 79 -9.25 -3.75 1.61
CA GLY A 79 -8.61 -3.20 0.43
C GLY A 79 -8.93 -1.74 0.18
N HIS A 80 -9.00 -0.90 1.22
CA HIS A 80 -9.30 0.52 0.99
C HIS A 80 -8.13 1.39 1.39
N VAL A 81 -7.53 2.05 0.40
CA VAL A 81 -6.40 2.96 0.65
C VAL A 81 -6.43 4.12 -0.33
N GLU A 82 -6.66 5.33 0.18
CA GLU A 82 -6.68 6.52 -0.67
C GLU A 82 -5.82 7.63 -0.07
N GLY A 83 -4.68 7.88 -0.70
CA GLY A 83 -3.76 8.91 -0.22
C GLY A 83 -2.36 8.66 -0.76
N SER A 84 -1.37 9.20 -0.05
CA SER A 84 0.03 9.01 -0.44
C SER A 84 0.75 8.17 0.62
N VAL A 85 1.19 6.99 0.24
CA VAL A 85 1.88 6.09 1.17
C VAL A 85 3.37 5.98 0.86
N TYR A 86 4.19 6.15 1.89
CA TYR A 86 5.64 6.06 1.76
C TYR A 86 6.17 4.96 2.67
N ALA A 87 6.78 3.94 2.07
CA ALA A 87 7.33 2.84 2.86
C ALA A 87 8.47 2.16 2.11
N GLU A 88 9.08 1.18 2.76
CA GLU A 88 10.20 0.45 2.15
C GLU A 88 9.70 -0.78 1.40
N ALA A 89 8.66 -1.43 1.94
CA ALA A 89 8.11 -2.62 1.31
C ALA A 89 6.62 -2.74 1.63
N VAL A 90 5.84 -3.24 0.68
CA VAL A 90 4.39 -3.39 0.90
C VAL A 90 3.82 -4.60 0.16
N GLU A 91 2.90 -5.29 0.83
CA GLU A 91 2.23 -6.47 0.25
C GLU A 91 0.75 -6.18 0.12
N VAL A 92 0.28 -6.04 -1.11
CA VAL A 92 -1.14 -5.74 -1.36
C VAL A 92 -1.98 -7.00 -1.46
N ARG A 93 -3.13 -6.96 -0.78
CA ARG A 93 -4.08 -8.06 -0.79
C ARG A 93 -5.47 -7.46 -0.97
N GLY A 94 -5.49 -6.22 -1.48
CA GLY A 94 -6.73 -5.50 -1.70
C GLY A 94 -6.53 -4.35 -2.69
N ARG A 95 -7.36 -3.30 -2.60
CA ARG A 95 -7.28 -2.18 -3.55
C ARG A 95 -6.72 -0.89 -2.92
N VAL A 96 -5.79 -0.29 -3.65
CA VAL A 96 -5.15 0.95 -3.22
C VAL A 96 -5.01 1.90 -4.42
N VAL A 97 -5.81 2.96 -4.43
CA VAL A 97 -5.77 3.93 -5.52
C VAL A 97 -5.36 5.31 -5.02
N GLY A 98 -4.35 5.89 -5.68
CA GLY A 98 -3.87 7.21 -5.29
C GLY A 98 -2.41 7.38 -5.71
N ALA A 99 -1.49 7.07 -4.80
CA ALA A 99 -0.07 7.18 -5.09
C ALA A 99 0.75 6.36 -4.10
N ILE A 100 1.74 5.63 -4.62
CA ILE A 100 2.59 4.80 -3.77
C ILE A 100 4.08 5.04 -4.07
N THR A 101 4.89 5.07 -3.02
CA THR A 101 6.33 5.27 -3.16
C THR A 101 7.08 4.26 -2.30
N SER A 102 7.69 3.27 -2.94
CA SER A 102 8.42 2.23 -2.21
C SER A 102 9.36 1.48 -3.14
N LYS A 103 10.56 1.19 -2.66
CA LYS A 103 11.55 0.48 -3.46
C LYS A 103 11.11 -0.96 -3.69
N GLN A 104 10.26 -1.48 -2.81
CA GLN A 104 9.78 -2.86 -2.92
C GLN A 104 8.25 -2.90 -2.91
N VAL A 105 7.68 -3.55 -3.92
CA VAL A 105 6.23 -3.67 -4.02
C VAL A 105 5.85 -5.00 -4.66
N ARG A 106 4.83 -5.65 -4.09
CA ARG A 106 4.35 -6.93 -4.59
C ARG A 106 2.83 -6.99 -4.54
N LEU A 107 2.20 -7.06 -5.70
CA LEU A 107 0.74 -7.09 -5.74
C LEU A 107 0.21 -8.51 -5.54
N TYR A 108 -0.14 -8.83 -4.30
CA TYR A 108 -0.69 -10.13 -3.95
C TYR A 108 -2.21 -10.06 -3.97
N GLY A 109 -2.86 -11.22 -4.04
CA GLY A 109 -4.32 -11.26 -4.03
C GLY A 109 -4.92 -10.57 -5.27
N THR A 110 -6.25 -10.60 -5.34
CA THR A 110 -6.96 -9.96 -6.46
C THR A 110 -6.86 -8.44 -6.32
N SER A 111 -5.78 -8.00 -5.70
CA SER A 111 -5.56 -6.57 -5.43
C SER A 111 -5.69 -5.72 -6.69
N TYR A 112 -5.71 -4.40 -6.48
CA TYR A 112 -5.84 -3.45 -7.57
C TYR A 112 -5.12 -2.15 -7.22
N VAL A 113 -4.54 -1.50 -8.22
CA VAL A 113 -3.84 -0.23 -7.99
C VAL A 113 -4.14 0.78 -9.10
N ASP A 114 -4.61 1.96 -8.70
CA ASP A 114 -4.94 3.01 -9.67
C ASP A 114 -4.38 4.36 -9.22
N GLY A 115 -3.34 4.83 -9.92
CA GLY A 115 -2.73 6.11 -9.57
C GLY A 115 -1.29 6.17 -10.06
N ASP A 116 -0.51 7.07 -9.47
CA ASP A 116 0.89 7.22 -9.84
C ASP A 116 1.76 6.28 -9.01
N ILE A 117 2.43 5.35 -9.68
CA ILE A 117 3.29 4.38 -8.99
C ILE A 117 4.77 4.72 -9.21
N THR A 118 5.56 4.51 -8.15
CA THR A 118 6.99 4.77 -8.19
C THR A 118 7.73 3.75 -7.35
N HIS A 119 8.33 2.76 -8.02
CA HIS A 119 9.05 1.71 -7.32
C HIS A 119 10.25 1.21 -8.13
N GLU A 120 11.33 0.88 -7.42
CA GLU A 120 12.53 0.39 -8.08
C GLU A 120 12.40 -1.10 -8.35
N GLN A 121 11.90 -1.84 -7.35
CA GLN A 121 11.71 -3.29 -7.48
C GLN A 121 10.22 -3.61 -7.34
N LEU A 122 9.67 -4.30 -8.33
CA LEU A 122 8.25 -4.65 -8.32
C LEU A 122 8.04 -6.10 -8.75
N ALA A 123 6.99 -6.72 -8.20
CA ALA A 123 6.66 -8.10 -8.53
C ALA A 123 5.14 -8.24 -8.67
N MET A 124 4.70 -8.87 -9.76
CA MET A 124 3.27 -9.06 -10.00
C MET A 124 2.87 -10.51 -9.75
N GLU A 125 1.89 -10.70 -8.86
CA GLU A 125 1.41 -12.03 -8.53
C GLU A 125 -0.05 -12.18 -8.96
N THR A 126 -0.44 -13.39 -9.37
CA THR A 126 -1.80 -13.64 -9.81
C THR A 126 -2.80 -12.89 -8.94
N GLY A 127 -3.56 -12.00 -9.56
CA GLY A 127 -4.57 -11.20 -8.84
C GLY A 127 -4.23 -9.71 -8.87
N ALA A 128 -3.16 -9.37 -9.60
CA ALA A 128 -2.76 -7.96 -9.70
C ALA A 128 -3.40 -7.31 -10.92
N PHE A 129 -4.27 -6.32 -10.67
CA PHE A 129 -4.93 -5.59 -11.75
C PHE A 129 -4.80 -4.09 -11.50
N PHE A 130 -3.87 -3.43 -12.21
CA PHE A 130 -3.66 -2.00 -12.00
C PHE A 130 -3.60 -1.20 -13.30
N GLN A 131 -4.48 -0.21 -13.41
CA GLN A 131 -4.46 0.67 -14.56
C GLN A 131 -4.22 2.09 -14.04
N GLY A 132 -2.98 2.51 -14.14
CA GLY A 132 -2.58 3.83 -13.68
C GLY A 132 -1.32 4.27 -14.40
N ARG A 133 -0.87 5.48 -14.16
CA ARG A 133 0.37 5.92 -14.78
C ARG A 133 1.52 5.40 -13.93
N SER A 134 2.24 4.41 -14.46
CA SER A 134 3.34 3.78 -13.74
C SER A 134 4.68 4.36 -14.19
N LEU A 135 5.58 4.57 -13.24
CA LEU A 135 6.90 5.12 -13.55
C LEU A 135 7.98 4.11 -13.17
N LYS A 136 8.62 3.53 -14.19
CA LYS A 136 9.68 2.56 -13.97
C LYS A 136 11.02 3.25 -13.81
N PHE A 137 11.85 2.74 -12.90
CA PHE A 137 13.16 3.33 -12.66
C PHE A 137 14.16 2.85 -13.72
N GLN A 138 14.55 3.75 -14.60
CA GLN A 138 15.50 3.40 -15.65
C GLN A 138 16.93 3.44 -15.12
N ARG A 139 17.45 4.64 -14.94
CA ARG A 139 18.81 4.82 -14.44
C ARG A 139 19.04 6.26 -14.00
N LYS A 37 8.70 -7.37 13.32
CA LYS A 37 8.07 -8.33 14.23
C LYS A 37 6.72 -7.80 14.71
N VAL A 38 6.75 -6.62 15.32
CA VAL A 38 5.53 -6.01 15.83
C VAL A 38 4.49 -5.86 14.71
N ALA A 39 3.59 -6.84 14.63
CA ALA A 39 2.54 -6.80 13.60
C ALA A 39 1.22 -6.30 14.19
N SER A 40 1.07 -4.98 14.24
CA SER A 40 -0.16 -4.40 14.78
C SER A 40 -1.35 -4.79 13.91
N LEU A 41 -2.56 -4.64 14.45
CA LEU A 41 -3.78 -4.98 13.70
C LEU A 41 -4.86 -3.94 13.91
N LEU A 42 -5.16 -3.18 12.86
CA LEU A 42 -6.19 -2.14 12.94
C LEU A 42 -7.48 -2.63 12.26
N SER A 43 -8.57 -2.62 13.02
CA SER A 43 -9.86 -3.07 12.49
C SER A 43 -10.27 -2.25 11.28
N ALA A 44 -11.50 -2.47 10.80
CA ALA A 44 -12.01 -1.76 9.64
C ALA A 44 -12.73 -0.48 10.06
N ASP A 45 -13.22 -0.48 11.29
CA ASP A 45 -13.93 0.70 11.81
C ASP A 45 -12.94 1.82 12.11
N LEU A 46 -11.83 1.85 11.36
CA LEU A 46 -10.80 2.87 11.55
C LEU A 46 -10.51 3.60 10.25
N THR A 47 -10.55 4.93 10.31
CA THR A 47 -10.27 5.79 9.16
C THR A 47 -9.17 6.78 9.51
N ILE A 48 -8.00 6.59 8.92
CA ILE A 48 -6.86 7.47 9.21
C ILE A 48 -6.88 8.71 8.32
N GLU A 49 -6.61 9.86 8.92
CA GLU A 49 -6.59 11.13 8.19
C GLU A 49 -5.37 11.96 8.59
N GLY A 50 -4.74 12.60 7.60
CA GLY A 50 -3.56 13.43 7.86
C GLY A 50 -2.28 12.68 7.50
N GLY A 51 -1.51 12.32 8.51
CA GLY A 51 -0.25 11.60 8.29
C GLY A 51 0.15 10.79 9.51
N VAL A 52 -0.11 9.48 9.45
CA VAL A 52 0.23 8.59 10.56
C VAL A 52 1.64 8.02 10.39
N THR A 53 2.31 7.78 11.50
CA THR A 53 3.67 7.23 11.48
C THR A 53 3.74 5.94 12.29
N GLY A 54 4.65 5.05 11.90
CA GLY A 54 4.81 3.78 12.58
C GLY A 54 6.07 3.06 12.11
N GLU A 55 6.30 1.86 12.65
CA GLU A 55 7.47 1.06 12.28
C GLU A 55 7.11 -0.42 12.24
N GLY A 56 8.13 -1.25 12.05
CA GLY A 56 7.92 -2.69 11.99
C GLY A 56 6.87 -3.05 10.94
N GLU A 57 6.03 -4.03 11.26
CA GLU A 57 4.98 -4.47 10.35
C GLU A 57 3.61 -3.99 10.85
N LEU A 58 2.77 -3.55 9.91
CA LEU A 58 1.44 -3.05 10.26
C LEU A 58 0.38 -3.68 9.35
N GLN A 59 -0.45 -4.54 9.93
CA GLN A 59 -1.51 -5.20 9.18
C GLN A 59 -2.83 -4.43 9.36
N ILE A 60 -3.20 -3.68 8.34
CA ILE A 60 -4.42 -2.87 8.40
C ILE A 60 -5.51 -3.43 7.49
N ASP A 61 -6.74 -3.41 8.00
CA ASP A 61 -7.90 -3.89 7.26
C ASP A 61 -8.99 -2.83 7.32
N GLY A 62 -8.62 -1.61 6.91
CA GLY A 62 -9.55 -0.48 6.93
C GLY A 62 -9.23 0.52 5.83
N VAL A 63 -9.72 1.75 5.99
CA VAL A 63 -9.50 2.81 5.01
C VAL A 63 -8.52 3.85 5.54
N VAL A 64 -7.58 4.29 4.69
CA VAL A 64 -6.61 5.30 5.10
C VAL A 64 -6.45 6.37 4.04
N LYS A 65 -6.62 7.63 4.43
CA LYS A 65 -6.49 8.75 3.51
C LYS A 65 -5.47 9.76 4.02
N GLY A 66 -4.33 9.85 3.35
CA GLY A 66 -3.27 10.77 3.74
C GLY A 66 -1.90 10.12 3.57
N ASP A 67 -0.91 10.63 4.32
CA ASP A 67 0.44 10.09 4.23
C ASP A 67 0.58 8.89 5.17
N VAL A 68 1.30 7.87 4.71
CA VAL A 68 1.53 6.66 5.51
C VAL A 68 3.01 6.34 5.58
N ARG A 69 3.59 6.48 6.78
CA ARG A 69 5.01 6.19 6.98
C ARG A 69 5.18 4.95 7.87
N VAL A 70 5.78 3.90 7.30
CA VAL A 70 6.01 2.67 8.05
C VAL A 70 7.00 1.78 7.32
N GLY A 71 7.46 0.73 8.00
CA GLY A 71 8.42 -0.19 7.41
C GLY A 71 7.75 -1.04 6.33
N ARG A 72 6.84 -1.92 6.75
CA ARG A 72 6.13 -2.79 5.82
C ARG A 72 4.62 -2.62 5.99
N LEU A 73 3.95 -2.21 4.91
CA LEU A 73 2.50 -2.00 4.94
C LEU A 73 1.77 -3.14 4.25
N THR A 74 0.89 -3.81 4.98
CA THR A 74 0.10 -4.92 4.43
C THR A 74 -1.37 -4.52 4.36
N VAL A 75 -1.91 -4.51 3.14
CA VAL A 75 -3.31 -4.13 2.93
C VAL A 75 -4.23 -5.33 3.18
N GLY A 76 -4.97 -5.24 4.29
CA GLY A 76 -5.90 -6.29 4.71
C GLY A 76 -6.92 -6.65 3.63
N GLU A 77 -8.04 -7.21 4.07
CA GLU A 77 -9.10 -7.64 3.17
C GLU A 77 -10.07 -6.51 2.78
N THR A 78 -10.18 -5.47 3.60
CA THR A 78 -11.10 -4.39 3.24
C THR A 78 -10.57 -3.67 2.01
N GLY A 79 -9.27 -3.74 1.84
CA GLY A 79 -8.63 -3.18 0.66
C GLY A 79 -8.94 -1.71 0.43
N HIS A 80 -9.00 -0.88 1.49
CA HIS A 80 -9.27 0.54 1.26
C HIS A 80 -8.03 1.39 1.50
N VAL A 81 -7.52 1.95 0.41
CA VAL A 81 -6.33 2.81 0.49
C VAL A 81 -6.37 3.88 -0.60
N GLU A 82 -6.53 5.13 -0.20
CA GLU A 82 -6.56 6.24 -1.17
C GLU A 82 -5.78 7.43 -0.63
N GLY A 83 -4.60 7.66 -1.19
CA GLY A 83 -3.76 8.77 -0.77
C GLY A 83 -2.31 8.52 -1.16
N SER A 84 -1.39 9.15 -0.42
CA SER A 84 0.04 8.98 -0.69
C SER A 84 0.63 7.97 0.29
N VAL A 85 1.10 6.85 -0.24
CA VAL A 85 1.69 5.79 0.59
C VAL A 85 3.21 5.82 0.52
N TYR A 86 3.85 5.74 1.68
CA TYR A 86 5.31 5.76 1.76
C TYR A 86 5.80 4.62 2.65
N ALA A 87 6.58 3.70 2.08
CA ALA A 87 7.08 2.58 2.86
C ALA A 87 8.21 1.86 2.12
N GLU A 88 8.77 0.84 2.77
CA GLU A 88 9.87 0.07 2.18
C GLU A 88 9.33 -1.17 1.47
N ALA A 89 8.37 -1.84 2.10
CA ALA A 89 7.76 -3.03 1.55
C ALA A 89 6.23 -2.90 1.60
N VAL A 90 5.56 -3.33 0.53
CA VAL A 90 4.11 -3.23 0.48
C VAL A 90 3.49 -4.45 -0.19
N GLU A 91 2.79 -5.26 0.61
CA GLU A 91 2.12 -6.45 0.10
C GLU A 91 0.62 -6.19 0.02
N VAL A 92 0.10 -6.04 -1.19
CA VAL A 92 -1.31 -5.74 -1.39
C VAL A 92 -2.15 -7.01 -1.48
N ARG A 93 -3.29 -6.98 -0.77
CA ARG A 93 -4.23 -8.08 -0.76
C ARG A 93 -5.64 -7.49 -0.90
N GLY A 94 -5.68 -6.26 -1.41
CA GLY A 94 -6.93 -5.53 -1.57
C GLY A 94 -6.80 -4.42 -2.61
N ARG A 95 -7.62 -3.36 -2.50
CA ARG A 95 -7.60 -2.27 -3.49
C ARG A 95 -6.99 -0.97 -2.95
N VAL A 96 -6.22 -0.34 -3.84
CA VAL A 96 -5.56 0.93 -3.54
C VAL A 96 -5.66 1.85 -4.76
N VAL A 97 -6.14 3.07 -4.55
CA VAL A 97 -6.29 4.01 -5.66
C VAL A 97 -5.86 5.43 -5.26
N GLY A 98 -4.81 5.92 -5.91
CA GLY A 98 -4.30 7.25 -5.63
C GLY A 98 -2.84 7.37 -6.05
N ALA A 99 -1.94 7.05 -5.13
CA ALA A 99 -0.51 7.12 -5.42
C ALA A 99 0.27 6.38 -4.33
N ILE A 100 1.40 5.78 -4.71
CA ILE A 100 2.23 5.05 -3.76
C ILE A 100 3.70 5.15 -4.11
N THR A 101 4.55 5.28 -3.08
CA THR A 101 5.99 5.38 -3.27
C THR A 101 6.71 4.44 -2.32
N SER A 102 7.45 3.47 -2.87
CA SER A 102 8.17 2.51 -2.04
C SER A 102 9.33 1.88 -2.81
N LYS A 103 10.22 1.24 -2.07
CA LYS A 103 11.38 0.59 -2.68
C LYS A 103 10.97 -0.72 -3.35
N GLN A 104 10.19 -1.53 -2.62
CA GLN A 104 9.74 -2.82 -3.14
C GLN A 104 8.25 -3.02 -2.87
N VAL A 105 7.50 -3.46 -3.88
CA VAL A 105 6.06 -3.69 -3.73
C VAL A 105 5.59 -4.83 -4.63
N ARG A 106 4.81 -5.74 -4.06
CA ARG A 106 4.26 -6.88 -4.79
C ARG A 106 2.74 -6.90 -4.70
N LEU A 107 2.07 -7.07 -5.82
CA LEU A 107 0.60 -7.08 -5.83
C LEU A 107 0.06 -8.49 -5.62
N TYR A 108 -0.28 -8.79 -4.37
CA TYR A 108 -0.85 -10.09 -4.01
C TYR A 108 -2.38 -10.00 -4.03
N GLY A 109 -3.04 -11.14 -4.10
CA GLY A 109 -4.51 -11.17 -4.10
C GLY A 109 -5.08 -10.53 -5.37
N THR A 110 -6.41 -10.55 -5.48
CA THR A 110 -7.11 -9.95 -6.62
C THR A 110 -7.00 -8.43 -6.53
N SER A 111 -5.92 -7.96 -5.90
CA SER A 111 -5.70 -6.54 -5.69
C SER A 111 -5.80 -5.72 -6.96
N TYR A 112 -5.82 -4.40 -6.78
CA TYR A 112 -5.91 -3.48 -7.89
C TYR A 112 -5.19 -2.17 -7.55
N VAL A 113 -4.59 -1.53 -8.56
CA VAL A 113 -3.88 -0.27 -8.33
C VAL A 113 -4.11 0.70 -9.48
N ASP A 114 -4.65 1.88 -9.16
CA ASP A 114 -4.93 2.89 -10.18
C ASP A 114 -4.45 4.26 -9.72
N GLY A 115 -3.37 4.75 -10.34
CA GLY A 115 -2.83 6.04 -9.97
C GLY A 115 -1.35 6.15 -10.36
N ASP A 116 -0.65 7.09 -9.73
CA ASP A 116 0.77 7.29 -10.01
C ASP A 116 1.62 6.40 -9.11
N ILE A 117 2.44 5.55 -9.73
CA ILE A 117 3.31 4.64 -8.97
C ILE A 117 4.77 5.02 -9.13
N THR A 118 5.49 5.05 -8.01
CA THR A 118 6.90 5.40 -7.99
C THR A 118 7.68 4.36 -7.19
N HIS A 119 8.27 3.40 -7.88
CA HIS A 119 9.01 2.32 -7.21
C HIS A 119 10.21 1.89 -8.05
N GLU A 120 11.16 1.23 -7.39
CA GLU A 120 12.36 0.73 -8.06
C GLU A 120 12.20 -0.75 -8.39
N GLN A 121 11.71 -1.51 -7.40
CA GLN A 121 11.48 -2.95 -7.57
C GLN A 121 10.01 -3.26 -7.41
N LEU A 122 9.46 -4.07 -8.31
CA LEU A 122 8.05 -4.43 -8.24
C LEU A 122 7.81 -5.83 -8.79
N ALA A 123 6.79 -6.50 -8.26
CA ALA A 123 6.43 -7.85 -8.68
C ALA A 123 4.92 -7.97 -8.84
N MET A 124 4.49 -8.76 -9.82
CA MET A 124 3.05 -8.93 -10.07
C MET A 124 2.64 -10.39 -9.86
N GLU A 125 1.83 -10.64 -8.83
CA GLU A 125 1.36 -11.99 -8.54
C GLU A 125 -0.08 -12.16 -9.01
N THR A 126 -0.48 -13.41 -9.24
CA THR A 126 -1.83 -13.70 -9.70
C THR A 126 -2.84 -12.91 -8.89
N GLY A 127 -3.64 -12.09 -9.58
CA GLY A 127 -4.66 -11.28 -8.92
C GLY A 127 -4.31 -9.79 -9.00
N ALA A 128 -3.23 -9.47 -9.69
CA ALA A 128 -2.81 -8.07 -9.84
C ALA A 128 -3.40 -7.44 -11.09
N PHE A 129 -4.25 -6.43 -10.90
CA PHE A 129 -4.85 -5.70 -12.02
C PHE A 129 -4.66 -4.21 -11.79
N PHE A 130 -3.68 -3.61 -12.47
CA PHE A 130 -3.40 -2.19 -12.26
C PHE A 130 -3.25 -1.42 -13.55
N GLN A 131 -4.10 -0.40 -13.73
CA GLN A 131 -4.01 0.46 -14.89
C GLN A 131 -3.79 1.88 -14.38
N GLY A 132 -2.54 2.30 -14.42
CA GLY A 132 -2.14 3.61 -13.96
C GLY A 132 -0.86 4.02 -14.65
N ARG A 133 -0.39 5.23 -14.40
CA ARG A 133 0.87 5.64 -15.00
C ARG A 133 2.00 5.08 -14.13
N SER A 134 2.70 4.08 -14.66
CA SER A 134 3.78 3.45 -13.93
C SER A 134 5.07 4.23 -14.15
N LEU A 135 5.93 4.25 -13.12
CA LEU A 135 7.20 4.97 -13.20
C LEU A 135 8.35 4.07 -12.77
N LYS A 136 9.18 3.67 -13.72
CA LYS A 136 10.33 2.82 -13.43
C LYS A 136 11.57 3.67 -13.16
N PHE A 137 12.07 3.60 -11.92
CA PHE A 137 13.25 4.37 -11.55
C PHE A 137 14.37 4.17 -12.56
N GLN A 138 14.81 5.27 -13.17
CA GLN A 138 15.88 5.22 -14.16
C GLN A 138 17.24 5.36 -13.48
N ARG A 139 18.27 4.75 -14.07
CA ARG A 139 19.61 4.81 -13.52
C ARG A 139 20.66 4.58 -14.61
N LYS A 37 3.36 -1.30 18.20
CA LYS A 37 4.58 -2.10 18.29
C LYS A 37 5.00 -2.61 16.91
N VAL A 38 5.64 -3.77 16.89
CA VAL A 38 6.08 -4.36 15.63
C VAL A 38 4.90 -4.61 14.70
N ALA A 39 3.99 -5.47 15.14
CA ALA A 39 2.81 -5.81 14.34
C ALA A 39 1.56 -5.15 14.94
N SER A 40 0.79 -4.45 14.10
CA SER A 40 -0.43 -3.78 14.55
C SER A 40 -1.59 -4.13 13.62
N LEU A 41 -2.65 -4.70 14.21
CA LEU A 41 -3.83 -5.08 13.44
C LEU A 41 -4.96 -4.06 13.65
N LEU A 42 -5.41 -3.45 12.55
CA LEU A 42 -6.48 -2.45 12.61
C LEU A 42 -7.71 -2.95 11.84
N SER A 43 -8.81 -3.15 12.56
CA SER A 43 -10.04 -3.63 11.94
C SER A 43 -10.55 -2.63 10.90
N ALA A 44 -11.79 -2.84 10.45
CA ALA A 44 -12.39 -1.97 9.45
C ALA A 44 -13.01 -0.74 10.10
N ASP A 45 -13.40 -0.87 11.36
CA ASP A 45 -13.99 0.26 12.07
C ASP A 45 -12.94 1.33 12.31
N LEU A 46 -11.76 1.14 11.72
CA LEU A 46 -10.67 2.10 11.86
C LEU A 46 -10.55 2.99 10.63
N THR A 47 -10.45 4.29 10.88
CA THR A 47 -10.32 5.29 9.80
C THR A 47 -9.21 6.28 10.14
N ILE A 48 -8.10 6.20 9.42
CA ILE A 48 -6.97 7.10 9.66
C ILE A 48 -7.14 8.40 8.89
N GLU A 49 -6.74 9.51 9.52
CA GLU A 49 -6.85 10.83 8.89
C GLU A 49 -5.58 11.64 9.10
N GLY A 50 -5.17 12.37 8.08
CA GLY A 50 -3.96 13.20 8.17
C GLY A 50 -2.74 12.43 7.69
N GLY A 51 -2.07 11.74 8.61
CA GLY A 51 -0.89 10.97 8.26
C GLY A 51 -0.21 10.41 9.50
N VAL A 52 -0.12 9.08 9.57
CA VAL A 52 0.50 8.40 10.70
C VAL A 52 1.92 7.94 10.33
N THR A 53 2.80 7.87 11.32
CA THR A 53 4.18 7.44 11.08
C THR A 53 4.65 6.50 12.19
N GLY A 54 5.17 5.35 11.79
CA GLY A 54 5.65 4.37 12.77
C GLY A 54 6.17 3.12 12.07
N GLU A 55 7.49 2.93 12.09
CA GLU A 55 8.10 1.77 11.46
C GLU A 55 7.47 0.47 11.96
N GLY A 56 7.88 -0.65 11.38
CA GLY A 56 7.36 -1.95 11.78
C GLY A 56 6.31 -2.47 10.80
N GLU A 57 5.68 -3.58 11.14
CA GLU A 57 4.66 -4.18 10.30
C GLU A 57 3.28 -3.62 10.65
N LEU A 58 2.50 -3.25 9.64
CA LEU A 58 1.17 -2.71 9.87
C LEU A 58 0.13 -3.42 9.00
N GLN A 59 -0.68 -4.26 9.62
CA GLN A 59 -1.73 -4.99 8.91
C GLN A 59 -3.05 -4.27 9.11
N ILE A 60 -3.48 -3.52 8.09
CA ILE A 60 -4.72 -2.75 8.17
C ILE A 60 -5.78 -3.27 7.21
N ASP A 61 -6.98 -3.45 7.77
CA ASP A 61 -8.14 -3.91 6.99
C ASP A 61 -9.25 -2.89 7.15
N GLY A 62 -8.95 -1.65 6.72
CA GLY A 62 -9.89 -0.55 6.85
C GLY A 62 -9.62 0.54 5.83
N VAL A 63 -10.11 1.75 6.13
CA VAL A 63 -9.93 2.89 5.23
C VAL A 63 -8.89 3.86 5.77
N VAL A 64 -7.75 3.97 5.07
CA VAL A 64 -6.67 4.86 5.48
C VAL A 64 -6.48 5.97 4.45
N LYS A 65 -6.63 7.22 4.90
CA LYS A 65 -6.47 8.38 4.02
C LYS A 65 -5.42 9.33 4.58
N GLY A 66 -4.50 9.77 3.71
CA GLY A 66 -3.44 10.70 4.12
C GLY A 66 -2.06 10.12 3.82
N ASP A 67 -1.05 10.61 4.52
CA ASP A 67 0.32 10.14 4.32
C ASP A 67 0.65 9.01 5.30
N VAL A 68 0.97 7.83 4.75
CA VAL A 68 1.29 6.67 5.58
C VAL A 68 2.78 6.33 5.46
N ARG A 69 3.48 6.37 6.59
CA ARG A 69 4.92 6.07 6.63
C ARG A 69 5.19 4.86 7.51
N VAL A 70 5.61 3.76 6.88
CA VAL A 70 5.89 2.53 7.63
C VAL A 70 6.91 1.67 6.87
N GLY A 71 7.53 0.74 7.60
CA GLY A 71 8.51 -0.15 6.99
C GLY A 71 7.84 -1.13 6.04
N ARG A 72 6.79 -1.79 6.54
CA ARG A 72 6.04 -2.76 5.74
C ARG A 72 4.54 -2.52 5.89
N LEU A 73 3.87 -2.21 4.79
CA LEU A 73 2.44 -1.95 4.81
C LEU A 73 1.67 -3.05 4.09
N THR A 74 0.87 -3.80 4.84
CA THR A 74 0.07 -4.87 4.28
C THR A 74 -1.40 -4.46 4.22
N VAL A 75 -1.96 -4.45 3.00
CA VAL A 75 -3.35 -4.04 2.83
C VAL A 75 -4.29 -5.21 3.11
N GLY A 76 -4.97 -5.10 4.25
CA GLY A 76 -5.91 -6.13 4.72
C GLY A 76 -6.96 -6.51 3.67
N GLU A 77 -8.06 -7.08 4.16
CA GLU A 77 -9.15 -7.53 3.29
C GLU A 77 -10.13 -6.43 2.92
N THR A 78 -10.23 -5.37 3.73
CA THR A 78 -11.18 -4.31 3.39
C THR A 78 -10.71 -3.61 2.13
N GLY A 79 -9.42 -3.67 1.90
CA GLY A 79 -8.83 -3.12 0.68
C GLY A 79 -9.14 -1.65 0.43
N HIS A 80 -9.17 -0.80 1.47
CA HIS A 80 -9.46 0.62 1.22
C HIS A 80 -8.22 1.46 1.52
N VAL A 81 -7.67 2.06 0.47
CA VAL A 81 -6.48 2.91 0.60
C VAL A 81 -6.53 4.05 -0.42
N GLU A 82 -6.62 5.29 0.07
CA GLU A 82 -6.66 6.46 -0.82
C GLU A 82 -5.82 7.59 -0.26
N GLY A 83 -4.67 7.85 -0.89
CA GLY A 83 -3.78 8.92 -0.45
C GLY A 83 -2.37 8.69 -0.95
N SER A 84 -1.39 9.26 -0.23
CA SER A 84 0.01 9.10 -0.59
C SER A 84 0.66 8.08 0.33
N VAL A 85 1.11 6.96 -0.24
CA VAL A 85 1.74 5.90 0.55
C VAL A 85 3.26 5.91 0.40
N TYR A 86 3.96 5.79 1.53
CA TYR A 86 5.41 5.77 1.53
C TYR A 86 5.91 4.62 2.41
N ALA A 87 6.62 3.68 1.83
CA ALA A 87 7.11 2.53 2.59
C ALA A 87 8.24 1.82 1.85
N GLU A 88 8.80 0.80 2.49
CA GLU A 88 9.88 0.02 1.89
C GLU A 88 9.33 -1.21 1.19
N ALA A 89 8.38 -1.87 1.85
CA ALA A 89 7.75 -3.07 1.30
C ALA A 89 6.24 -2.93 1.40
N VAL A 90 5.53 -3.37 0.38
CA VAL A 90 4.07 -3.26 0.36
C VAL A 90 3.41 -4.48 -0.27
N GLU A 91 2.72 -5.27 0.56
CA GLU A 91 2.01 -6.45 0.09
C GLU A 91 0.53 -6.15 0.03
N VAL A 92 0.01 -5.96 -1.18
CA VAL A 92 -1.40 -5.63 -1.36
C VAL A 92 -2.27 -6.88 -1.47
N ARG A 93 -3.41 -6.85 -0.77
CA ARG A 93 -4.36 -7.95 -0.77
C ARG A 93 -5.76 -7.37 -0.91
N GLY A 94 -5.83 -6.14 -1.43
CA GLY A 94 -7.10 -5.44 -1.58
C GLY A 94 -7.01 -4.32 -2.63
N ARG A 95 -7.82 -3.27 -2.46
CA ARG A 95 -7.86 -2.18 -3.45
C ARG A 95 -7.20 -0.89 -2.93
N VAL A 96 -6.37 -0.31 -3.80
CA VAL A 96 -5.66 0.94 -3.49
C VAL A 96 -5.65 1.83 -4.74
N VAL A 97 -6.10 3.08 -4.57
CA VAL A 97 -6.14 4.03 -5.69
C VAL A 97 -5.69 5.42 -5.23
N GLY A 98 -4.73 5.98 -5.94
CA GLY A 98 -4.20 7.31 -5.61
C GLY A 98 -2.75 7.43 -6.03
N ALA A 99 -1.85 7.22 -5.07
CA ALA A 99 -0.42 7.30 -5.34
C ALA A 99 0.37 6.57 -4.26
N ILE A 100 1.33 5.75 -4.68
CA ILE A 100 2.15 5.00 -3.74
C ILE A 100 3.60 4.90 -4.22
N THR A 101 4.54 5.07 -3.30
CA THR A 101 5.95 5.00 -3.62
C THR A 101 6.69 4.12 -2.61
N SER A 102 7.62 3.31 -3.11
CA SER A 102 8.39 2.43 -2.24
C SER A 102 9.51 1.75 -3.02
N LYS A 103 10.38 1.04 -2.30
CA LYS A 103 11.49 0.35 -2.93
C LYS A 103 11.04 -0.99 -3.48
N GLN A 104 10.23 -1.72 -2.71
CA GLN A 104 9.72 -3.03 -3.14
C GLN A 104 8.20 -3.06 -3.07
N VAL A 105 7.57 -3.43 -4.19
CA VAL A 105 6.11 -3.51 -4.26
C VAL A 105 5.67 -4.81 -4.90
N ARG A 106 4.77 -5.52 -4.22
CA ARG A 106 4.25 -6.80 -4.73
C ARG A 106 2.72 -6.80 -4.65
N LEU A 107 2.08 -6.94 -5.81
CA LEU A 107 0.63 -6.95 -5.86
C LEU A 107 0.07 -8.35 -5.62
N TYR A 108 -0.28 -8.62 -4.36
CA TYR A 108 -0.84 -9.91 -3.96
C TYR A 108 -2.37 -9.86 -3.99
N GLY A 109 -3.01 -11.02 -4.00
CA GLY A 109 -4.47 -11.07 -4.00
C GLY A 109 -5.08 -10.26 -5.14
N THR A 110 -6.36 -9.91 -4.96
CA THR A 110 -7.11 -9.11 -5.94
C THR A 110 -6.54 -7.70 -6.00
N SER A 111 -5.24 -7.58 -5.76
CA SER A 111 -4.57 -6.29 -5.74
C SER A 111 -5.00 -5.43 -6.92
N TYR A 112 -5.30 -4.16 -6.62
CA TYR A 112 -5.72 -3.20 -7.64
C TYR A 112 -5.05 -1.86 -7.40
N VAL A 113 -4.22 -1.42 -8.36
CA VAL A 113 -3.51 -0.13 -8.22
C VAL A 113 -3.86 0.79 -9.39
N ASP A 114 -4.43 1.95 -9.06
CA ASP A 114 -4.82 2.94 -10.08
C ASP A 114 -4.34 4.33 -9.68
N GLY A 115 -3.30 4.80 -10.36
CA GLY A 115 -2.76 6.13 -10.07
C GLY A 115 -1.27 6.20 -10.42
N ASP A 116 -0.57 7.10 -9.75
CA ASP A 116 0.87 7.26 -9.98
C ASP A 116 1.67 6.40 -9.02
N ILE A 117 2.41 5.42 -9.57
CA ILE A 117 3.22 4.53 -8.73
C ILE A 117 4.68 4.63 -9.12
N THR A 118 5.55 4.74 -8.12
CA THR A 118 7.00 4.85 -8.36
C THR A 118 7.77 3.87 -7.47
N HIS A 119 8.70 3.15 -8.08
CA HIS A 119 9.51 2.18 -7.35
C HIS A 119 10.66 1.68 -8.22
N GLU A 120 11.60 0.97 -7.59
CA GLU A 120 12.76 0.42 -8.31
C GLU A 120 12.55 -1.05 -8.62
N GLN A 121 11.91 -1.77 -7.69
CA GLN A 121 11.65 -3.19 -7.85
C GLN A 121 10.16 -3.47 -7.65
N LEU A 122 9.57 -4.25 -8.56
CA LEU A 122 8.15 -4.57 -8.47
C LEU A 122 7.91 -6.04 -8.83
N ALA A 123 6.87 -6.63 -8.23
CA ALA A 123 6.51 -8.01 -8.49
C ALA A 123 5.02 -8.14 -8.70
N MET A 124 4.61 -8.93 -9.69
CA MET A 124 3.19 -9.12 -10.00
C MET A 124 2.76 -10.55 -9.70
N GLU A 125 1.72 -10.69 -8.88
CA GLU A 125 1.19 -12.00 -8.52
C GLU A 125 -0.27 -12.11 -8.93
N THR A 126 -0.72 -13.34 -9.21
CA THR A 126 -2.09 -13.56 -9.62
C THR A 126 -3.05 -12.69 -8.81
N GLY A 127 -4.03 -12.10 -9.49
CA GLY A 127 -5.02 -11.24 -8.81
C GLY A 127 -4.59 -9.78 -8.87
N ALA A 128 -3.46 -9.52 -9.52
CA ALA A 128 -2.96 -8.15 -9.65
C ALA A 128 -3.48 -7.47 -10.91
N PHE A 129 -4.27 -6.41 -10.74
CA PHE A 129 -4.80 -5.65 -11.88
C PHE A 129 -4.54 -4.17 -11.64
N PHE A 130 -3.54 -3.60 -12.33
CA PHE A 130 -3.21 -2.19 -12.15
C PHE A 130 -3.04 -1.44 -13.45
N GLN A 131 -3.87 -0.43 -13.65
CA GLN A 131 -3.75 0.43 -14.83
C GLN A 131 -3.50 1.84 -14.34
N GLY A 132 -2.24 2.23 -14.38
CA GLY A 132 -1.81 3.54 -13.92
C GLY A 132 -0.51 3.90 -14.61
N ARG A 133 0.00 5.10 -14.36
CA ARG A 133 1.27 5.46 -14.96
C ARG A 133 2.37 4.87 -14.07
N SER A 134 3.04 3.86 -14.62
CA SER A 134 4.10 3.17 -13.88
C SER A 134 5.45 3.83 -14.12
N LEU A 135 6.00 4.43 -13.07
CA LEU A 135 7.29 5.10 -13.19
C LEU A 135 8.40 4.21 -12.62
N LYS A 136 9.25 3.70 -13.51
CA LYS A 136 10.35 2.84 -13.10
C LYS A 136 11.61 3.65 -12.86
N PHE A 137 12.37 3.29 -11.83
CA PHE A 137 13.60 4.00 -11.51
C PHE A 137 14.75 3.51 -12.39
N GLN A 138 15.31 4.42 -13.17
CA GLN A 138 16.41 4.07 -14.06
C GLN A 138 17.14 5.32 -14.53
N ARG A 139 18.22 5.68 -13.82
CA ARG A 139 18.99 6.87 -14.17
C ARG A 139 20.29 6.92 -13.38
N LYS A 37 8.52 -7.85 11.58
CA LYS A 37 8.63 -7.61 13.02
C LYS A 37 7.36 -6.94 13.54
N VAL A 38 6.76 -7.55 14.56
CA VAL A 38 5.54 -7.01 15.15
C VAL A 38 4.47 -6.81 14.08
N ALA A 39 3.44 -7.65 14.11
CA ALA A 39 2.34 -7.56 13.14
C ALA A 39 1.05 -7.17 13.83
N SER A 40 0.71 -5.89 13.78
CA SER A 40 -0.51 -5.40 14.41
C SER A 40 -1.72 -5.58 13.48
N LEU A 41 -2.91 -5.52 14.06
CA LEU A 41 -4.15 -5.67 13.27
C LEU A 41 -5.18 -4.63 13.69
N LEU A 42 -5.69 -3.89 12.71
CA LEU A 42 -6.69 -2.85 12.97
C LEU A 42 -7.99 -3.17 12.25
N SER A 43 -9.10 -2.99 12.95
CA SER A 43 -10.42 -3.26 12.39
C SER A 43 -10.71 -2.32 11.23
N ALA A 44 -11.90 -2.45 10.65
CA ALA A 44 -12.31 -1.60 9.53
C ALA A 44 -12.99 -0.33 10.01
N ASP A 45 -13.46 -0.36 11.25
CA ASP A 45 -14.12 0.80 11.83
C ASP A 45 -13.10 1.89 12.16
N LEU A 46 -11.98 1.88 11.44
CA LEU A 46 -10.91 2.86 11.65
C LEU A 46 -10.52 3.54 10.34
N THR A 47 -10.24 4.84 10.44
CA THR A 47 -9.85 5.62 9.26
C THR A 47 -8.67 6.54 9.63
N ILE A 48 -7.62 6.48 8.83
CA ILE A 48 -6.43 7.30 9.08
C ILE A 48 -6.58 8.67 8.43
N GLU A 49 -6.20 9.71 9.16
CA GLU A 49 -6.29 11.09 8.66
C GLU A 49 -5.00 11.85 8.97
N GLY A 50 -4.54 12.65 8.02
CA GLY A 50 -3.32 13.42 8.20
C GLY A 50 -2.10 12.63 7.74
N GLY A 51 -1.39 12.04 8.70
CA GLY A 51 -0.20 11.26 8.38
C GLY A 51 0.21 10.37 9.55
N VAL A 52 0.15 9.06 9.36
CA VAL A 52 0.52 8.11 10.40
C VAL A 52 1.96 7.65 10.23
N THR A 53 2.60 7.30 11.34
CA THR A 53 3.99 6.85 11.32
C THR A 53 4.23 5.78 12.38
N GLY A 54 4.85 4.68 11.96
CA GLY A 54 5.13 3.57 12.88
C GLY A 54 5.76 2.39 12.14
N GLU A 55 7.09 2.35 12.13
CA GLU A 55 7.79 1.28 11.45
C GLU A 55 7.23 -0.08 11.85
N GLY A 56 7.78 -1.15 11.27
CA GLY A 56 7.33 -2.50 11.58
C GLY A 56 6.23 -2.93 10.61
N GLU A 57 5.69 -4.13 10.85
CA GLU A 57 4.62 -4.66 9.99
C GLU A 57 3.25 -4.24 10.53
N LEU A 58 2.53 -3.46 9.74
CA LEU A 58 1.20 -2.98 10.14
C LEU A 58 0.13 -3.51 9.19
N GLN A 59 -0.72 -4.40 9.71
CA GLN A 59 -1.80 -4.98 8.91
C GLN A 59 -3.10 -4.23 9.20
N ILE A 60 -3.60 -3.51 8.20
CA ILE A 60 -4.82 -2.72 8.36
C ILE A 60 -5.92 -3.19 7.43
N ASP A 61 -7.13 -3.35 7.97
CA ASP A 61 -8.29 -3.77 7.19
C ASP A 61 -9.35 -2.66 7.22
N GLY A 62 -8.90 -1.44 6.89
CA GLY A 62 -9.79 -0.27 6.92
C GLY A 62 -9.50 0.69 5.77
N VAL A 63 -9.92 1.95 5.96
CA VAL A 63 -9.75 3.00 4.95
C VAL A 63 -8.62 3.96 5.37
N VAL A 64 -7.51 3.93 4.64
CA VAL A 64 -6.38 4.80 4.94
C VAL A 64 -6.41 6.04 4.06
N LYS A 65 -6.55 7.21 4.70
CA LYS A 65 -6.58 8.49 3.97
C LYS A 65 -5.50 9.43 4.49
N GLY A 66 -4.71 9.97 3.58
CA GLY A 66 -3.62 10.89 3.94
C GLY A 66 -2.26 10.25 3.67
N ASP A 67 -1.25 10.64 4.45
CA ASP A 67 0.09 10.10 4.29
C ASP A 67 0.27 8.85 5.14
N VAL A 68 1.13 7.95 4.67
CA VAL A 68 1.39 6.70 5.39
C VAL A 68 2.90 6.42 5.44
N ARG A 69 3.42 6.24 6.66
CA ARG A 69 4.84 5.97 6.85
C ARG A 69 5.05 4.73 7.71
N VAL A 70 5.72 3.73 7.15
CA VAL A 70 5.97 2.49 7.88
C VAL A 70 7.00 1.63 7.14
N GLY A 71 7.56 0.66 7.85
CA GLY A 71 8.55 -0.23 7.24
C GLY A 71 7.89 -1.13 6.20
N ARG A 72 6.79 -1.78 6.61
CA ARG A 72 6.06 -2.68 5.73
C ARG A 72 4.56 -2.43 5.87
N LEU A 73 3.92 -2.03 4.77
CA LEU A 73 2.49 -1.75 4.78
C LEU A 73 1.71 -2.89 4.13
N THR A 74 0.88 -3.57 4.92
CA THR A 74 0.08 -4.68 4.43
C THR A 74 -1.40 -4.29 4.41
N VAL A 75 -1.99 -4.23 3.21
CA VAL A 75 -3.39 -3.85 3.09
C VAL A 75 -4.30 -5.05 3.34
N GLY A 76 -5.00 -4.99 4.47
CA GLY A 76 -5.91 -6.04 4.89
C GLY A 76 -6.90 -6.45 3.80
N GLU A 77 -8.01 -7.05 4.24
CA GLU A 77 -9.05 -7.52 3.31
C GLU A 77 -10.04 -6.41 2.94
N THR A 78 -10.11 -5.34 3.72
CA THR A 78 -11.07 -4.28 3.38
C THR A 78 -10.62 -3.61 2.09
N GLY A 79 -9.33 -3.68 1.83
CA GLY A 79 -8.76 -3.17 0.60
C GLY A 79 -9.09 -1.70 0.34
N HIS A 80 -9.13 -0.85 1.38
CA HIS A 80 -9.44 0.56 1.13
C HIS A 80 -8.25 1.44 1.46
N VAL A 81 -7.69 2.05 0.41
CA VAL A 81 -6.55 2.95 0.58
C VAL A 81 -6.59 4.06 -0.45
N GLU A 82 -6.83 5.30 0.00
CA GLU A 82 -6.87 6.45 -0.92
C GLU A 82 -6.05 7.60 -0.35
N GLY A 83 -4.89 7.85 -0.96
CA GLY A 83 -4.02 8.93 -0.51
C GLY A 83 -2.59 8.71 -0.98
N SER A 84 -1.64 9.30 -0.27
CA SER A 84 -0.23 9.15 -0.60
C SER A 84 0.42 8.13 0.34
N VAL A 85 1.09 7.14 -0.24
CA VAL A 85 1.73 6.08 0.56
C VAL A 85 3.25 6.16 0.47
N TYR A 86 3.91 6.06 1.63
CA TYR A 86 5.37 6.10 1.69
C TYR A 86 5.87 4.92 2.53
N ALA A 87 6.67 4.05 1.91
CA ALA A 87 7.19 2.89 2.63
C ALA A 87 8.30 2.20 1.84
N GLU A 88 9.03 1.32 2.52
CA GLU A 88 10.11 0.59 1.87
C GLU A 88 9.57 -0.68 1.22
N ALA A 89 8.53 -1.25 1.83
CA ALA A 89 7.89 -2.45 1.32
C ALA A 89 6.38 -2.27 1.32
N VAL A 90 5.71 -2.76 0.29
CA VAL A 90 4.26 -2.62 0.19
C VAL A 90 3.61 -3.89 -0.35
N GLU A 91 2.87 -4.58 0.51
CA GLU A 91 2.17 -5.81 0.13
C GLU A 91 0.67 -5.54 0.12
N VAL A 92 0.06 -5.63 -1.06
CA VAL A 92 -1.37 -5.36 -1.19
C VAL A 92 -2.18 -6.65 -1.34
N ARG A 93 -3.30 -6.71 -0.62
CA ARG A 93 -4.21 -7.85 -0.66
C ARG A 93 -5.62 -7.33 -0.89
N GLY A 94 -5.69 -6.10 -1.41
CA GLY A 94 -6.96 -5.43 -1.65
C GLY A 94 -6.82 -4.31 -2.68
N ARG A 95 -7.69 -3.29 -2.58
CA ARG A 95 -7.67 -2.18 -3.55
C ARG A 95 -7.09 -0.88 -2.98
N VAL A 96 -6.22 -0.28 -3.79
CA VAL A 96 -5.57 0.98 -3.45
C VAL A 96 -5.54 1.88 -4.68
N VAL A 97 -6.02 3.12 -4.54
CA VAL A 97 -6.04 4.06 -5.66
C VAL A 97 -5.62 5.46 -5.22
N GLY A 98 -4.62 6.00 -5.91
CA GLY A 98 -4.11 7.34 -5.60
C GLY A 98 -2.66 7.48 -6.05
N ALA A 99 -1.73 7.32 -5.10
CA ALA A 99 -0.31 7.43 -5.42
C ALA A 99 0.51 6.74 -4.34
N ILE A 100 1.53 5.99 -4.76
CA ILE A 100 2.38 5.27 -3.80
C ILE A 100 3.85 5.28 -4.24
N THR A 101 4.75 5.38 -3.28
CA THR A 101 6.19 5.39 -3.56
C THR A 101 6.93 4.44 -2.62
N SER A 102 7.62 3.46 -3.19
CA SER A 102 8.35 2.48 -2.38
C SER A 102 9.42 1.78 -3.21
N LYS A 103 10.48 1.34 -2.53
CA LYS A 103 11.57 0.64 -3.20
C LYS A 103 11.12 -0.72 -3.73
N GLN A 104 10.19 -1.35 -3.00
CA GLN A 104 9.67 -2.66 -3.40
C GLN A 104 8.16 -2.70 -3.27
N VAL A 105 7.50 -3.29 -4.26
CA VAL A 105 6.04 -3.39 -4.28
C VAL A 105 5.59 -4.77 -4.74
N ARG A 106 4.74 -5.41 -3.95
CA ARG A 106 4.21 -6.74 -4.29
C ARG A 106 2.69 -6.73 -4.22
N LEU A 107 2.05 -6.85 -5.38
CA LEU A 107 0.59 -6.84 -5.44
C LEU A 107 0.02 -8.24 -5.25
N TYR A 108 -0.36 -8.56 -4.01
CA TYR A 108 -0.94 -9.86 -3.67
C TYR A 108 -2.47 -9.77 -3.74
N GLY A 109 -3.13 -10.94 -3.82
CA GLY A 109 -4.59 -10.97 -3.86
C GLY A 109 -5.11 -10.40 -5.17
N THR A 110 -6.44 -10.46 -5.34
CA THR A 110 -7.11 -9.93 -6.53
C THR A 110 -7.06 -8.40 -6.49
N SER A 111 -6.04 -7.89 -5.83
CA SER A 111 -5.86 -6.45 -5.65
C SER A 111 -6.00 -5.66 -6.94
N TYR A 112 -6.31 -4.37 -6.77
CA TYR A 112 -6.47 -3.43 -7.88
C TYR A 112 -5.70 -2.15 -7.55
N VAL A 113 -4.86 -1.72 -8.48
CA VAL A 113 -4.06 -0.50 -8.27
C VAL A 113 -4.29 0.51 -9.38
N ASP A 114 -4.75 1.70 -8.99
CA ASP A 114 -5.02 2.78 -9.95
C ASP A 114 -4.44 4.09 -9.47
N GLY A 115 -3.36 4.54 -10.11
CA GLY A 115 -2.73 5.80 -9.72
C GLY A 115 -1.31 5.89 -10.25
N ASP A 116 -0.53 6.82 -9.69
CA ASP A 116 0.86 7.01 -10.11
C ASP A 116 1.80 6.28 -9.17
N ILE A 117 2.53 5.31 -9.69
CA ILE A 117 3.47 4.53 -8.88
C ILE A 117 4.91 4.98 -9.12
N THR A 118 5.68 4.99 -8.03
CA THR A 118 7.09 5.39 -8.09
C THR A 118 7.95 4.39 -7.33
N HIS A 119 8.37 3.33 -8.03
CA HIS A 119 9.18 2.28 -7.42
C HIS A 119 10.31 1.84 -8.35
N GLU A 120 11.31 1.19 -7.77
CA GLU A 120 12.46 0.71 -8.55
C GLU A 120 12.30 -0.79 -8.83
N GLN A 121 11.60 -1.48 -7.93
CA GLN A 121 11.37 -2.92 -8.08
C GLN A 121 9.89 -3.23 -7.90
N LEU A 122 9.32 -3.98 -8.85
CA LEU A 122 7.90 -4.34 -8.80
C LEU A 122 7.75 -5.86 -8.90
N ALA A 123 6.70 -6.38 -8.26
CA ALA A 123 6.42 -7.82 -8.27
C ALA A 123 4.92 -8.06 -8.36
N MET A 124 4.49 -8.77 -9.41
CA MET A 124 3.08 -9.07 -9.60
C MET A 124 2.77 -10.52 -9.25
N GLU A 125 1.79 -10.74 -8.38
CA GLU A 125 1.41 -12.09 -7.98
C GLU A 125 -0.03 -12.38 -8.39
N THR A 126 -0.40 -13.66 -8.40
CA THR A 126 -1.75 -14.05 -8.78
C THR A 126 -2.78 -13.10 -8.18
N GLY A 127 -3.58 -12.47 -9.03
CA GLY A 127 -4.61 -11.53 -8.56
C GLY A 127 -4.09 -10.10 -8.65
N ALA A 128 -2.95 -9.91 -9.30
CA ALA A 128 -2.38 -8.58 -9.44
C ALA A 128 -2.95 -7.88 -10.66
N PHE A 129 -3.66 -6.78 -10.41
CA PHE A 129 -4.25 -5.96 -11.48
C PHE A 129 -3.85 -4.52 -11.25
N PHE A 130 -2.94 -4.01 -12.07
CA PHE A 130 -2.45 -2.64 -11.90
C PHE A 130 -2.47 -1.87 -13.22
N GLN A 131 -3.40 -0.90 -13.34
CA GLN A 131 -3.45 -0.05 -14.52
C GLN A 131 -3.38 1.40 -14.08
N GLY A 132 -2.19 1.94 -14.17
CA GLY A 132 -1.92 3.32 -13.79
C GLY A 132 -0.66 3.78 -14.49
N ARG A 133 -0.27 5.02 -14.31
CA ARG A 133 0.97 5.47 -14.93
C ARG A 133 2.11 5.01 -14.04
N SER A 134 2.85 4.01 -14.52
CA SER A 134 3.96 3.45 -13.75
C SER A 134 5.26 4.16 -14.09
N LEU A 135 5.99 4.59 -13.07
CA LEU A 135 7.26 5.29 -13.26
C LEU A 135 8.44 4.39 -12.89
N LYS A 136 9.20 3.98 -13.90
CA LYS A 136 10.36 3.12 -13.67
C LYS A 136 11.58 3.97 -13.35
N PHE A 137 12.34 3.54 -12.34
CA PHE A 137 13.54 4.27 -11.93
C PHE A 137 14.76 3.74 -12.69
N GLN A 138 15.58 4.65 -13.19
CA GLN A 138 16.78 4.27 -13.93
C GLN A 138 17.90 3.91 -12.96
N ARG A 139 17.88 2.69 -12.46
CA ARG A 139 18.90 2.24 -11.53
C ARG A 139 20.25 2.11 -12.22
N LYS A 37 5.61 -3.77 19.65
CA LYS A 37 4.87 -3.01 18.64
C LYS A 37 5.42 -3.29 17.24
N VAL A 38 6.05 -4.44 17.08
CA VAL A 38 6.61 -4.82 15.79
C VAL A 38 5.49 -5.25 14.84
N ALA A 39 4.32 -5.53 15.41
CA ALA A 39 3.17 -5.96 14.61
C ALA A 39 1.90 -5.32 15.17
N SER A 40 1.02 -4.89 14.27
CA SER A 40 -0.23 -4.27 14.68
C SER A 40 -1.30 -4.45 13.60
N LEU A 41 -2.57 -4.33 14.00
CA LEU A 41 -3.68 -4.47 13.07
C LEU A 41 -4.72 -3.37 13.30
N LEU A 42 -5.31 -2.88 12.20
CA LEU A 42 -6.31 -1.82 12.28
C LEU A 42 -7.65 -2.29 11.71
N SER A 43 -8.69 -2.21 12.53
CA SER A 43 -10.03 -2.63 12.10
C SER A 43 -10.43 -1.98 10.79
N ALA A 44 -11.64 -2.28 10.33
CA ALA A 44 -12.14 -1.72 9.07
C ALA A 44 -12.87 -0.41 9.32
N ASP A 45 -13.59 -0.33 10.43
CA ASP A 45 -14.33 0.89 10.75
C ASP A 45 -13.37 2.00 11.18
N LEU A 46 -12.16 1.98 10.64
CA LEU A 46 -11.15 2.99 10.96
C LEU A 46 -10.70 3.75 9.71
N THR A 47 -10.49 5.05 9.88
CA THR A 47 -10.05 5.92 8.78
C THR A 47 -8.90 6.81 9.25
N ILE A 48 -7.83 6.87 8.45
CA ILE A 48 -6.67 7.69 8.83
C ILE A 48 -6.86 9.13 8.35
N GLU A 49 -6.41 10.07 9.18
CA GLU A 49 -6.52 11.50 8.86
C GLU A 49 -5.21 12.20 9.18
N GLY A 50 -4.80 13.12 8.31
CA GLY A 50 -3.56 13.86 8.53
C GLY A 50 -2.35 13.01 8.13
N GLY A 51 -1.61 12.53 9.13
CA GLY A 51 -0.43 11.71 8.86
C GLY A 51 -0.05 10.87 10.08
N VAL A 52 0.11 9.57 9.87
CA VAL A 52 0.48 8.65 10.96
C VAL A 52 1.75 7.88 10.61
N THR A 53 2.73 7.92 11.50
CA THR A 53 4.00 7.22 11.30
C THR A 53 4.07 5.97 12.16
N GLY A 54 4.88 5.01 11.74
CA GLY A 54 5.04 3.77 12.49
C GLY A 54 6.27 3.00 12.03
N GLU A 55 6.32 1.72 12.37
CA GLU A 55 7.45 0.88 12.00
C GLU A 55 7.10 -0.60 12.15
N GLY A 56 7.80 -1.45 11.41
CA GLY A 56 7.54 -2.88 11.47
C GLY A 56 6.39 -3.27 10.56
N GLU A 57 5.73 -4.38 10.87
CA GLU A 57 4.61 -4.85 10.06
C GLU A 57 3.31 -4.23 10.57
N LEU A 58 2.48 -3.76 9.64
CA LEU A 58 1.20 -3.14 9.99
C LEU A 58 0.09 -3.64 9.07
N GLN A 59 -0.84 -4.41 9.63
CA GLN A 59 -1.96 -4.94 8.87
C GLN A 59 -3.11 -3.95 8.87
N ILE A 60 -3.26 -3.22 7.77
CA ILE A 60 -4.33 -2.22 7.64
C ILE A 60 -5.49 -2.77 6.82
N ASP A 61 -6.57 -3.15 7.50
CA ASP A 61 -7.75 -3.68 6.84
C ASP A 61 -8.85 -2.62 6.85
N GLY A 62 -8.46 -1.38 6.59
CA GLY A 62 -9.40 -0.25 6.59
C GLY A 62 -9.12 0.71 5.43
N VAL A 63 -9.62 1.94 5.57
CA VAL A 63 -9.44 2.97 4.54
C VAL A 63 -8.43 4.02 5.00
N VAL A 64 -7.34 4.17 4.25
CA VAL A 64 -6.30 5.13 4.60
C VAL A 64 -6.51 6.45 3.85
N LYS A 65 -6.72 7.53 4.61
CA LYS A 65 -6.93 8.85 4.02
C LYS A 65 -5.87 9.82 4.56
N GLY A 66 -4.87 10.13 3.73
CA GLY A 66 -3.80 11.04 4.14
C GLY A 66 -2.43 10.41 3.85
N ASP A 67 -1.46 10.70 4.72
CA ASP A 67 -0.11 10.17 4.55
C ASP A 67 0.18 9.10 5.60
N VAL A 68 1.00 8.11 5.24
CA VAL A 68 1.34 7.04 6.17
C VAL A 68 2.77 6.57 5.93
N ARG A 69 3.52 6.37 7.01
CA ARG A 69 4.90 5.92 6.94
C ARG A 69 5.11 4.69 7.82
N VAL A 70 5.77 3.67 7.27
CA VAL A 70 6.02 2.45 8.03
C VAL A 70 7.03 1.57 7.29
N GLY A 71 7.43 0.48 7.93
CA GLY A 71 8.39 -0.45 7.33
C GLY A 71 7.71 -1.31 6.27
N ARG A 72 6.91 -2.28 6.72
CA ARG A 72 6.19 -3.17 5.81
C ARG A 72 4.69 -2.94 5.89
N LEU A 73 4.08 -2.56 4.78
CA LEU A 73 2.64 -2.29 4.74
C LEU A 73 1.88 -3.46 4.10
N THR A 74 0.94 -4.01 4.84
CA THR A 74 0.13 -5.13 4.36
C THR A 74 -1.34 -4.70 4.26
N VAL A 75 -1.86 -4.69 3.04
CA VAL A 75 -3.24 -4.28 2.81
C VAL A 75 -4.20 -5.44 3.05
N GLY A 76 -4.92 -5.37 4.18
CA GLY A 76 -5.86 -6.40 4.57
C GLY A 76 -6.87 -6.72 3.47
N GLU A 77 -8.00 -7.30 3.87
CA GLU A 77 -9.05 -7.68 2.93
C GLU A 77 -9.99 -6.53 2.61
N THR A 78 -10.00 -5.48 3.42
CA THR A 78 -10.90 -4.36 3.14
C THR A 78 -10.45 -3.66 1.86
N GLY A 79 -9.15 -3.78 1.60
CA GLY A 79 -8.57 -3.25 0.38
C GLY A 79 -8.83 -1.78 0.15
N HIS A 80 -8.82 -0.94 1.20
CA HIS A 80 -9.06 0.49 0.99
C HIS A 80 -7.82 1.29 1.37
N VAL A 81 -7.22 1.91 0.37
CA VAL A 81 -6.03 2.73 0.59
C VAL A 81 -6.01 3.89 -0.40
N GLU A 82 -6.20 5.11 0.09
CA GLU A 82 -6.21 6.28 -0.79
C GLU A 82 -5.47 7.45 -0.14
N GLY A 83 -4.31 7.76 -0.69
CA GLY A 83 -3.49 8.86 -0.17
C GLY A 83 -2.05 8.70 -0.62
N SER A 84 -1.14 9.30 0.15
CA SER A 84 0.29 9.21 -0.16
C SER A 84 0.93 8.16 0.75
N VAL A 85 1.43 7.08 0.16
CA VAL A 85 2.06 6.01 0.93
C VAL A 85 3.57 6.01 0.75
N TYR A 86 4.29 5.90 1.87
CA TYR A 86 5.75 5.87 1.85
C TYR A 86 6.25 4.74 2.74
N ALA A 87 6.93 3.77 2.14
CA ALA A 87 7.46 2.65 2.90
C ALA A 87 8.57 1.94 2.13
N GLU A 88 9.17 0.95 2.78
CA GLU A 88 10.25 0.18 2.16
C GLU A 88 9.69 -0.99 1.35
N ALA A 89 8.71 -1.68 1.93
CA ALA A 89 8.08 -2.81 1.26
C ALA A 89 6.57 -2.79 1.52
N VAL A 90 5.79 -3.23 0.55
CA VAL A 90 4.33 -3.24 0.70
C VAL A 90 3.69 -4.42 -0.01
N GLU A 91 2.87 -5.18 0.73
CA GLU A 91 2.18 -6.34 0.17
C GLU A 91 0.69 -6.03 0.06
N VAL A 92 0.15 -6.14 -1.15
CA VAL A 92 -1.27 -5.83 -1.38
C VAL A 92 -2.12 -7.08 -1.52
N ARG A 93 -3.28 -7.06 -0.87
CA ARG A 93 -4.23 -8.16 -0.91
C ARG A 93 -5.62 -7.55 -1.12
N GLY A 94 -5.62 -6.31 -1.61
CA GLY A 94 -6.85 -5.58 -1.83
C GLY A 94 -6.65 -4.44 -2.83
N ARG A 95 -7.44 -3.37 -2.73
CA ARG A 95 -7.36 -2.26 -3.69
C ARG A 95 -6.73 -0.98 -3.14
N VAL A 96 -5.87 -0.39 -3.98
CA VAL A 96 -5.18 0.86 -3.68
C VAL A 96 -5.50 1.88 -4.77
N VAL A 97 -6.01 3.05 -4.38
CA VAL A 97 -6.35 4.08 -5.35
C VAL A 97 -5.90 5.45 -4.86
N GLY A 98 -4.86 5.99 -5.51
CA GLY A 98 -4.33 7.30 -5.14
C GLY A 98 -2.88 7.44 -5.61
N ALA A 99 -1.94 7.13 -4.72
CA ALA A 99 -0.52 7.22 -5.06
C ALA A 99 0.32 6.57 -3.97
N ILE A 100 1.37 5.84 -4.38
CA ILE A 100 2.23 5.15 -3.42
C ILE A 100 3.70 5.17 -3.86
N THR A 101 4.60 5.19 -2.88
CA THR A 101 6.04 5.19 -3.15
C THR A 101 6.74 4.14 -2.29
N SER A 102 7.35 3.15 -2.95
CA SER A 102 8.05 2.08 -2.24
C SER A 102 9.17 1.50 -3.10
N LYS A 103 10.25 1.07 -2.45
CA LYS A 103 11.38 0.50 -3.16
C LYS A 103 11.08 -0.93 -3.63
N GLN A 104 10.11 -1.57 -2.97
CA GLN A 104 9.74 -2.94 -3.32
C GLN A 104 8.24 -3.15 -3.08
N VAL A 105 7.56 -3.78 -4.04
CA VAL A 105 6.13 -4.03 -3.91
C VAL A 105 5.72 -5.31 -4.62
N ARG A 106 4.73 -5.99 -4.05
CA ARG A 106 4.22 -7.24 -4.62
C ARG A 106 2.71 -7.26 -4.52
N LEU A 107 2.03 -7.28 -5.67
CA LEU A 107 0.57 -7.26 -5.68
C LEU A 107 -0.02 -8.66 -5.49
N TYR A 108 -0.38 -8.98 -4.25
CA TYR A 108 -0.99 -10.26 -3.92
C TYR A 108 -2.52 -10.13 -3.96
N GLY A 109 -3.21 -11.25 -4.07
CA GLY A 109 -4.67 -11.23 -4.08
C GLY A 109 -5.21 -10.60 -5.38
N THR A 110 -6.53 -10.62 -5.53
CA THR A 110 -7.19 -10.03 -6.70
C THR A 110 -7.10 -8.50 -6.64
N SER A 111 -6.04 -8.02 -6.00
CA SER A 111 -5.83 -6.60 -5.81
C SER A 111 -5.97 -5.80 -7.11
N TYR A 112 -6.23 -4.50 -6.93
CA TYR A 112 -6.37 -3.57 -8.04
C TYR A 112 -5.72 -2.24 -7.66
N VAL A 113 -4.59 -1.94 -8.29
CA VAL A 113 -3.85 -0.71 -7.99
C VAL A 113 -3.88 0.26 -9.16
N ASP A 114 -4.50 1.43 -8.93
CA ASP A 114 -4.60 2.46 -9.96
C ASP A 114 -4.25 3.83 -9.39
N GLY A 115 -3.33 4.52 -10.05
CA GLY A 115 -2.91 5.85 -9.61
C GLY A 115 -1.43 6.09 -9.91
N ASP A 116 -0.90 7.21 -9.40
CA ASP A 116 0.50 7.53 -9.62
C ASP A 116 1.38 6.66 -8.72
N ILE A 117 2.01 5.66 -9.32
CA ILE A 117 2.88 4.73 -8.56
C ILE A 117 4.35 4.94 -8.89
N THR A 118 5.19 4.83 -7.88
CA THR A 118 6.64 4.99 -8.04
C THR A 118 7.35 3.84 -7.34
N HIS A 119 8.14 3.08 -8.09
CA HIS A 119 8.85 1.94 -7.50
C HIS A 119 10.04 1.52 -8.35
N GLU A 120 11.02 0.89 -7.71
CA GLU A 120 12.22 0.40 -8.39
C GLU A 120 12.04 -1.07 -8.72
N GLN A 121 11.59 -1.83 -7.73
CA GLN A 121 11.35 -3.26 -7.90
C GLN A 121 9.87 -3.56 -7.67
N LEU A 122 9.25 -4.27 -8.62
CA LEU A 122 7.83 -4.59 -8.51
C LEU A 122 7.56 -6.03 -8.95
N ALA A 123 6.67 -6.70 -8.21
CA ALA A 123 6.29 -8.07 -8.51
C ALA A 123 4.78 -8.18 -8.65
N MET A 124 4.32 -9.14 -9.46
CA MET A 124 2.88 -9.33 -9.68
C MET A 124 2.51 -10.80 -9.55
N GLU A 125 1.74 -11.13 -8.52
CA GLU A 125 1.31 -12.51 -8.29
C GLU A 125 -0.13 -12.69 -8.75
N THR A 126 -0.59 -13.93 -8.78
CA THR A 126 -1.95 -14.22 -9.20
C THR A 126 -2.92 -13.24 -8.54
N GLY A 127 -3.78 -12.63 -9.36
CA GLY A 127 -4.76 -11.68 -8.84
C GLY A 127 -4.21 -10.26 -8.88
N ALA A 128 -3.06 -10.10 -9.53
CA ALA A 128 -2.44 -8.78 -9.62
C ALA A 128 -2.98 -8.01 -10.82
N PHE A 129 -3.64 -6.89 -10.54
CA PHE A 129 -4.21 -6.03 -11.60
C PHE A 129 -3.74 -4.59 -11.35
N PHE A 130 -3.02 -4.03 -12.32
CA PHE A 130 -2.51 -2.66 -12.17
C PHE A 130 -2.79 -1.80 -13.40
N GLN A 131 -3.67 -0.81 -13.24
CA GLN A 131 -3.91 0.14 -14.32
C GLN A 131 -3.76 1.53 -13.71
N GLY A 132 -2.58 2.09 -13.91
CA GLY A 132 -2.25 3.41 -13.37
C GLY A 132 -1.11 3.99 -14.16
N ARG A 133 -0.73 5.23 -13.84
CA ARG A 133 0.42 5.82 -14.52
C ARG A 133 1.67 5.33 -13.80
N SER A 134 2.42 4.47 -14.47
CA SER A 134 3.63 3.90 -13.89
C SER A 134 4.84 4.79 -14.12
N LEU A 135 5.52 5.14 -13.02
CA LEU A 135 6.71 5.99 -13.10
C LEU A 135 7.96 5.12 -13.15
N LYS A 136 8.82 5.39 -14.12
CA LYS A 136 10.06 4.62 -14.26
C LYS A 136 11.13 5.15 -13.32
N PHE A 137 11.74 4.25 -12.56
CA PHE A 137 12.78 4.62 -11.63
C PHE A 137 13.99 5.20 -12.38
N GLN A 138 14.55 6.27 -11.83
CA GLN A 138 15.70 6.92 -12.46
C GLN A 138 16.51 7.68 -11.42
N ARG A 139 17.84 7.58 -11.51
CA ARG A 139 18.71 8.27 -10.57
C ARG A 139 18.39 9.75 -10.52
N LYS A 37 3.44 -5.99 19.11
CA LYS A 37 4.62 -5.13 19.16
C LYS A 37 5.19 -4.94 17.76
N VAL A 38 5.55 -6.05 17.12
CA VAL A 38 6.11 -6.00 15.77
C VAL A 38 5.01 -5.82 14.74
N ALA A 39 3.87 -6.47 14.98
CA ALA A 39 2.72 -6.39 14.07
C ALA A 39 1.59 -5.62 14.71
N SER A 40 0.73 -5.03 13.88
CA SER A 40 -0.41 -4.26 14.37
C SER A 40 -1.60 -4.39 13.41
N LEU A 41 -2.72 -4.89 13.95
CA LEU A 41 -3.93 -5.07 13.14
C LEU A 41 -4.92 -3.94 13.39
N LEU A 42 -5.10 -3.08 12.39
CA LEU A 42 -6.03 -1.96 12.52
C LEU A 42 -7.40 -2.34 11.97
N SER A 43 -8.42 -2.28 12.82
CA SER A 43 -9.77 -2.63 12.41
C SER A 43 -10.16 -1.87 11.15
N ALA A 44 -11.28 -2.26 10.55
CA ALA A 44 -11.76 -1.61 9.33
C ALA A 44 -12.61 -0.39 9.68
N ASP A 45 -13.18 -0.39 10.87
CA ASP A 45 -14.01 0.72 11.30
C ASP A 45 -13.13 1.91 11.67
N LEU A 46 -11.96 1.98 11.05
CA LEU A 46 -11.00 3.07 11.31
C LEU A 46 -10.59 3.75 10.02
N THR A 47 -10.36 5.06 10.11
CA THR A 47 -9.95 5.87 8.97
C THR A 47 -8.74 6.71 9.34
N ILE A 48 -7.73 6.71 8.48
CA ILE A 48 -6.51 7.47 8.75
C ILE A 48 -6.66 8.91 8.26
N GLU A 49 -6.24 9.86 9.10
CA GLU A 49 -6.32 11.28 8.78
C GLU A 49 -5.01 11.98 9.12
N GLY A 50 -4.49 12.76 8.17
CA GLY A 50 -3.24 13.48 8.39
C GLY A 50 -2.03 12.63 7.99
N GLY A 51 -1.29 12.17 8.99
CA GLY A 51 -0.11 11.34 8.73
C GLY A 51 0.24 10.48 9.94
N VAL A 52 0.21 9.17 9.76
CA VAL A 52 0.52 8.23 10.83
C VAL A 52 1.87 7.55 10.58
N THR A 53 2.56 7.19 11.67
CA THR A 53 3.86 6.53 11.56
C THR A 53 3.91 5.31 12.47
N GLY A 54 4.68 4.30 12.06
CA GLY A 54 4.80 3.09 12.86
C GLY A 54 5.74 2.09 12.21
N GLU A 55 7.02 2.47 12.11
CA GLU A 55 8.02 1.60 11.50
C GLU A 55 7.83 0.15 11.95
N GLY A 56 7.57 -0.73 11.00
CA GLY A 56 7.37 -2.15 11.30
C GLY A 56 6.24 -2.72 10.46
N GLU A 57 5.77 -3.91 10.84
CA GLU A 57 4.68 -4.56 10.12
C GLU A 57 3.34 -3.95 10.53
N LEU A 58 2.69 -3.27 9.59
CA LEU A 58 1.39 -2.64 9.86
C LEU A 58 0.31 -3.23 8.97
N GLN A 59 -0.57 -4.03 9.57
CA GLN A 59 -1.66 -4.66 8.83
C GLN A 59 -2.94 -3.85 9.05
N ILE A 60 -3.49 -3.32 7.96
CA ILE A 60 -4.70 -2.50 8.04
C ILE A 60 -5.77 -2.98 7.08
N ASP A 61 -6.98 -3.16 7.60
CA ASP A 61 -8.12 -3.60 6.80
C ASP A 61 -9.20 -2.53 6.85
N GLY A 62 -8.78 -1.28 6.60
CA GLY A 62 -9.69 -0.14 6.65
C GLY A 62 -9.41 0.82 5.49
N VAL A 63 -9.86 2.08 5.65
CA VAL A 63 -9.67 3.10 4.62
C VAL A 63 -8.59 4.10 5.05
N VAL A 64 -7.59 4.29 4.20
CA VAL A 64 -6.49 5.21 4.50
C VAL A 64 -6.68 6.53 3.77
N LYS A 65 -6.82 7.61 4.55
CA LYS A 65 -7.00 8.95 3.99
C LYS A 65 -5.93 9.90 4.53
N GLY A 66 -4.82 10.00 3.81
CA GLY A 66 -3.72 10.89 4.22
C GLY A 66 -2.37 10.29 3.86
N ASP A 67 -1.40 10.45 4.77
CA ASP A 67 -0.05 9.93 4.55
C ASP A 67 0.25 8.77 5.49
N VAL A 68 1.13 7.88 5.07
CA VAL A 68 1.50 6.71 5.88
C VAL A 68 2.98 6.38 5.71
N ARG A 69 3.69 6.30 6.83
CA ARG A 69 5.12 5.98 6.81
C ARG A 69 5.41 4.81 7.74
N VAL A 70 5.82 3.68 7.15
CA VAL A 70 6.11 2.49 7.94
C VAL A 70 7.10 1.58 7.21
N GLY A 71 7.72 0.67 7.95
CA GLY A 71 8.68 -0.26 7.37
C GLY A 71 8.00 -1.13 6.31
N ARG A 72 6.93 -1.80 6.71
CA ARG A 72 6.16 -2.67 5.80
C ARG A 72 4.67 -2.34 5.90
N LEU A 73 3.99 -2.36 4.76
CA LEU A 73 2.55 -2.05 4.73
C LEU A 73 1.77 -3.13 4.00
N THR A 74 0.92 -3.85 4.74
CA THR A 74 0.10 -4.91 4.16
C THR A 74 -1.37 -4.48 4.16
N VAL A 75 -1.96 -4.44 2.97
CA VAL A 75 -3.36 -4.03 2.85
C VAL A 75 -4.30 -5.19 3.12
N GLY A 76 -5.03 -5.08 4.23
CA GLY A 76 -5.96 -6.10 4.67
C GLY A 76 -6.95 -6.51 3.59
N GLU A 77 -8.04 -7.13 4.02
CA GLU A 77 -9.08 -7.61 3.11
C GLU A 77 -10.08 -6.51 2.74
N THR A 78 -10.19 -5.45 3.54
CA THR A 78 -11.14 -4.39 3.23
C THR A 78 -10.70 -3.69 1.96
N GLY A 79 -9.40 -3.74 1.69
CA GLY A 79 -8.83 -3.18 0.47
C GLY A 79 -9.14 -1.71 0.24
N HIS A 80 -9.15 -0.87 1.28
CA HIS A 80 -9.41 0.55 1.05
C HIS A 80 -8.17 1.37 1.40
N VAL A 81 -7.58 1.99 0.38
CA VAL A 81 -6.40 2.83 0.58
C VAL A 81 -6.39 3.97 -0.43
N GLU A 82 -6.59 5.19 0.06
CA GLU A 82 -6.60 6.36 -0.82
C GLU A 82 -5.78 7.50 -0.20
N GLY A 83 -4.62 7.76 -0.77
CA GLY A 83 -3.76 8.82 -0.27
C GLY A 83 -2.32 8.61 -0.72
N SER A 84 -1.38 9.17 0.04
CA SER A 84 0.04 9.02 -0.25
C SER A 84 0.64 7.94 0.63
N VAL A 85 1.11 6.86 0.00
CA VAL A 85 1.69 5.74 0.74
C VAL A 85 3.22 5.75 0.62
N TYR A 86 3.89 5.61 1.76
CA TYR A 86 5.35 5.59 1.80
C TYR A 86 5.83 4.43 2.66
N ALA A 87 6.55 3.50 2.04
CA ALA A 87 7.05 2.34 2.77
C ALA A 87 8.19 1.67 2.01
N GLU A 88 8.86 0.72 2.67
CA GLU A 88 9.97 0.00 2.04
C GLU A 88 9.46 -1.28 1.38
N ALA A 89 8.48 -1.90 2.03
CA ALA A 89 7.89 -3.14 1.53
C ALA A 89 6.37 -3.01 1.53
N VAL A 90 5.73 -3.49 0.47
CA VAL A 90 4.27 -3.39 0.37
C VAL A 90 3.67 -4.66 -0.24
N GLU A 91 2.71 -5.24 0.48
CA GLU A 91 2.02 -6.45 0.04
C GLU A 91 0.52 -6.17 -0.01
N VAL A 92 -0.02 -6.02 -1.20
CA VAL A 92 -1.45 -5.72 -1.37
C VAL A 92 -2.30 -6.98 -1.44
N ARG A 93 -3.44 -6.93 -0.77
CA ARG A 93 -4.40 -8.03 -0.75
C ARG A 93 -5.79 -7.45 -0.95
N GLY A 94 -5.83 -6.23 -1.48
CA GLY A 94 -7.08 -5.53 -1.70
C GLY A 94 -6.91 -4.40 -2.72
N ARG A 95 -7.73 -3.35 -2.62
CA ARG A 95 -7.67 -2.24 -3.59
C ARG A 95 -7.05 -0.96 -3.01
N VAL A 96 -6.14 -0.39 -3.80
CA VAL A 96 -5.44 0.84 -3.43
C VAL A 96 -5.36 1.76 -4.66
N VAL A 97 -6.05 2.89 -4.60
CA VAL A 97 -6.05 3.85 -5.71
C VAL A 97 -5.70 5.25 -5.22
N GLY A 98 -4.71 5.85 -5.87
CA GLY A 98 -4.26 7.19 -5.50
C GLY A 98 -2.80 7.39 -5.88
N ALA A 99 -1.90 7.16 -4.93
CA ALA A 99 -0.47 7.31 -5.19
C ALA A 99 0.33 6.55 -4.14
N ILE A 100 1.39 5.85 -4.59
CA ILE A 100 2.23 5.07 -3.68
C ILE A 100 3.70 5.11 -4.09
N THR A 101 4.57 5.21 -3.09
CA THR A 101 6.02 5.25 -3.31
C THR A 101 6.72 4.29 -2.37
N SER A 102 7.55 3.40 -2.92
CA SER A 102 8.27 2.43 -2.12
C SER A 102 9.41 1.80 -2.91
N LYS A 103 10.26 1.04 -2.23
CA LYS A 103 11.39 0.39 -2.89
C LYS A 103 10.94 -0.91 -3.55
N GLN A 104 10.20 -1.72 -2.80
CA GLN A 104 9.71 -3.01 -3.33
C GLN A 104 8.20 -3.11 -3.16
N VAL A 105 7.53 -3.63 -4.20
CA VAL A 105 6.09 -3.78 -4.16
C VAL A 105 5.65 -5.13 -4.73
N ARG A 106 4.69 -5.76 -4.06
CA ARG A 106 4.18 -7.06 -4.50
C ARG A 106 2.66 -7.08 -4.39
N LEU A 107 1.99 -7.03 -5.55
CA LEU A 107 0.53 -7.02 -5.56
C LEU A 107 -0.03 -8.43 -5.41
N TYR A 108 -0.38 -8.78 -4.18
CA TYR A 108 -0.95 -10.09 -3.87
C TYR A 108 -2.47 -10.02 -3.90
N GLY A 109 -3.13 -11.17 -3.98
CA GLY A 109 -4.58 -11.21 -4.00
C GLY A 109 -5.13 -10.58 -5.28
N THR A 110 -6.45 -10.67 -5.45
CA THR A 110 -7.12 -10.09 -6.61
C THR A 110 -7.10 -8.56 -6.51
N SER A 111 -6.07 -8.06 -5.82
CA SER A 111 -5.91 -6.63 -5.58
C SER A 111 -5.96 -5.82 -6.87
N TYR A 112 -6.23 -4.52 -6.70
CA TYR A 112 -6.30 -3.58 -7.81
C TYR A 112 -5.45 -2.35 -7.48
N VAL A 113 -4.91 -1.70 -8.50
CA VAL A 113 -4.08 -0.52 -8.28
C VAL A 113 -4.33 0.53 -9.36
N ASP A 114 -4.80 1.71 -8.95
CA ASP A 114 -5.08 2.80 -9.89
C ASP A 114 -4.53 4.13 -9.37
N GLY A 115 -3.45 4.61 -9.99
CA GLY A 115 -2.85 5.87 -9.58
C GLY A 115 -1.41 5.98 -10.08
N ASP A 116 -0.64 6.85 -9.44
CA ASP A 116 0.76 7.05 -9.82
C ASP A 116 1.66 6.14 -9.00
N ILE A 117 2.36 5.22 -9.67
CA ILE A 117 3.26 4.29 -8.99
C ILE A 117 4.72 4.69 -9.21
N THR A 118 5.54 4.51 -8.18
CA THR A 118 6.96 4.84 -8.27
C THR A 118 7.78 3.93 -7.37
N HIS A 119 8.60 3.08 -7.98
CA HIS A 119 9.44 2.15 -7.21
C HIS A 119 10.67 1.74 -8.00
N GLU A 120 11.55 1.00 -7.34
CA GLU A 120 12.78 0.54 -7.98
C GLU A 120 12.62 -0.92 -8.43
N GLN A 121 11.72 -1.65 -7.77
CA GLN A 121 11.48 -3.04 -8.11
C GLN A 121 9.97 -3.34 -8.08
N LEU A 122 9.46 -3.84 -9.21
CA LEU A 122 8.04 -4.17 -9.33
C LEU A 122 7.87 -5.69 -9.30
N ALA A 123 6.74 -6.14 -8.75
CA ALA A 123 6.46 -7.57 -8.68
C ALA A 123 4.96 -7.82 -8.71
N MET A 124 4.51 -8.55 -9.73
CA MET A 124 3.08 -8.86 -9.88
C MET A 124 2.81 -10.32 -9.54
N GLU A 125 1.89 -10.54 -8.60
CA GLU A 125 1.54 -11.90 -8.17
C GLU A 125 0.10 -12.23 -8.58
N THR A 126 -0.25 -13.51 -8.55
CA THR A 126 -1.60 -13.93 -8.91
C THR A 126 -2.63 -13.00 -8.29
N GLY A 127 -3.54 -12.50 -9.12
CA GLY A 127 -4.59 -11.59 -8.64
C GLY A 127 -4.11 -10.15 -8.72
N ALA A 128 -2.98 -9.93 -9.37
CA ALA A 128 -2.42 -8.60 -9.52
C ALA A 128 -3.01 -7.89 -10.74
N PHE A 129 -3.73 -6.80 -10.47
CA PHE A 129 -4.32 -5.99 -11.54
C PHE A 129 -3.91 -4.54 -11.35
N PHE A 130 -3.00 -4.05 -12.17
CA PHE A 130 -2.51 -2.68 -12.03
C PHE A 130 -2.59 -1.90 -13.33
N GLN A 131 -3.52 -0.95 -13.40
CA GLN A 131 -3.64 -0.09 -14.57
C GLN A 131 -3.63 1.35 -14.10
N GLY A 132 -2.46 1.95 -14.19
CA GLY A 132 -2.23 3.31 -13.78
C GLY A 132 -1.01 3.85 -14.49
N ARG A 133 -0.67 5.11 -14.26
CA ARG A 133 0.53 5.64 -14.88
C ARG A 133 1.72 5.17 -14.03
N SER A 134 2.49 4.25 -14.59
CA SER A 134 3.64 3.68 -13.88
C SER A 134 4.89 4.49 -14.17
N LEU A 135 5.62 4.83 -13.10
CA LEU A 135 6.84 5.61 -13.24
C LEU A 135 8.05 4.80 -12.80
N LYS A 136 8.96 4.57 -13.75
CA LYS A 136 10.17 3.80 -13.46
C LYS A 136 11.25 4.70 -12.88
N PHE A 137 11.49 4.58 -11.58
CA PHE A 137 12.50 5.38 -10.92
C PHE A 137 13.89 4.81 -11.16
N GLN A 138 14.78 5.65 -11.70
CA GLN A 138 16.15 5.23 -11.98
C GLN A 138 17.13 6.32 -11.58
N ARG A 139 18.40 6.12 -11.90
CA ARG A 139 19.43 7.10 -11.57
C ARG A 139 19.12 8.45 -12.21
N LYS A 37 3.74 -4.84 18.68
CA LYS A 37 3.21 -6.15 18.34
C LYS A 37 3.72 -6.60 16.98
N VAL A 38 4.68 -5.85 16.45
CA VAL A 38 5.25 -6.17 15.15
C VAL A 38 4.16 -6.21 14.07
N ALA A 39 3.42 -7.31 14.03
CA ALA A 39 2.34 -7.47 13.05
C ALA A 39 1.00 -7.13 13.69
N SER A 40 0.68 -5.83 13.74
CA SER A 40 -0.58 -5.39 14.35
C SER A 40 -1.73 -5.58 13.36
N LEU A 41 -2.94 -5.73 13.90
CA LEU A 41 -4.14 -5.94 13.07
C LEU A 41 -5.21 -4.91 13.43
N LEU A 42 -5.46 -3.98 12.50
CA LEU A 42 -6.47 -2.94 12.72
C LEU A 42 -7.78 -3.33 12.04
N SER A 43 -8.87 -3.21 12.79
CA SER A 43 -10.19 -3.56 12.26
C SER A 43 -10.59 -2.61 11.13
N ALA A 44 -11.88 -2.61 10.79
CA ALA A 44 -12.39 -1.75 9.73
C ALA A 44 -12.77 -0.39 10.28
N ASP A 45 -13.03 -0.32 11.58
CA ASP A 45 -13.40 0.95 12.21
C ASP A 45 -12.17 1.85 12.36
N LEU A 46 -11.21 1.68 11.44
CA LEU A 46 -9.99 2.48 11.47
C LEU A 46 -9.91 3.39 10.24
N THR A 47 -9.81 4.70 10.48
CA THR A 47 -9.74 5.68 9.40
C THR A 47 -8.58 6.64 9.63
N ILE A 48 -7.65 6.70 8.67
CA ILE A 48 -6.49 7.59 8.79
C ILE A 48 -6.83 8.98 8.29
N GLU A 49 -6.44 9.99 9.07
CA GLU A 49 -6.69 11.38 8.71
C GLU A 49 -5.44 12.23 8.98
N GLY A 50 -4.97 12.93 7.95
CA GLY A 50 -3.79 13.77 8.08
C GLY A 50 -2.54 13.02 7.66
N GLY A 51 -1.70 12.68 8.64
CA GLY A 51 -0.47 11.95 8.37
C GLY A 51 0.04 11.24 9.62
N VAL A 52 0.15 9.91 9.54
CA VAL A 52 0.63 9.11 10.66
C VAL A 52 2.02 8.57 10.37
N THR A 53 2.80 8.36 11.44
CA THR A 53 4.17 7.86 11.31
C THR A 53 4.41 6.70 12.27
N GLY A 54 5.19 5.72 11.83
CA GLY A 54 5.49 4.56 12.65
C GLY A 54 6.46 3.63 11.93
N GLU A 55 6.70 2.46 12.51
CA GLU A 55 7.62 1.48 11.91
C GLU A 55 7.15 0.06 12.21
N GLY A 56 7.58 -0.89 11.38
CA GLY A 56 7.21 -2.29 11.56
C GLY A 56 6.14 -2.71 10.55
N GLU A 57 5.51 -3.86 10.82
CA GLU A 57 4.47 -4.39 9.94
C GLU A 57 3.09 -4.00 10.45
N LEU A 58 2.33 -3.30 9.61
CA LEU A 58 0.98 -2.87 9.97
C LEU A 58 -0.06 -3.51 9.05
N GLN A 59 -0.81 -4.46 9.59
CA GLN A 59 -1.86 -5.13 8.82
C GLN A 59 -3.18 -4.39 9.04
N ILE A 60 -3.58 -3.58 8.06
CA ILE A 60 -4.80 -2.79 8.18
C ILE A 60 -5.88 -3.26 7.20
N ASP A 61 -7.10 -3.36 7.72
CA ASP A 61 -8.26 -3.76 6.92
C ASP A 61 -9.31 -2.66 7.03
N GLY A 62 -8.90 -1.44 6.69
CA GLY A 62 -9.78 -0.27 6.79
C GLY A 62 -9.51 0.72 5.66
N VAL A 63 -9.92 1.96 5.89
CA VAL A 63 -9.76 3.03 4.90
C VAL A 63 -8.63 3.98 5.32
N VAL A 64 -7.61 4.08 4.48
CA VAL A 64 -6.46 4.94 4.77
C VAL A 64 -6.52 6.22 3.94
N LYS A 65 -6.73 7.36 4.61
CA LYS A 65 -6.81 8.65 3.93
C LYS A 65 -5.80 9.63 4.50
N GLY A 66 -4.78 9.96 3.71
CA GLY A 66 -3.74 10.91 4.15
C GLY A 66 -2.35 10.36 3.86
N ASP A 67 -1.36 10.86 4.60
CA ASP A 67 0.03 10.42 4.41
C ASP A 67 0.34 9.27 5.36
N VAL A 68 1.25 8.38 4.95
CA VAL A 68 1.63 7.24 5.79
C VAL A 68 3.11 6.92 5.65
N ARG A 69 3.78 6.75 6.79
CA ARG A 69 5.20 6.43 6.82
C ARG A 69 5.46 5.20 7.69
N VAL A 70 5.83 4.10 7.07
CA VAL A 70 6.09 2.85 7.80
C VAL A 70 7.18 2.03 7.10
N GLY A 71 7.64 0.97 7.77
CA GLY A 71 8.66 0.10 7.20
C GLY A 71 8.01 -0.97 6.33
N ARG A 72 6.94 -1.57 6.85
CA ARG A 72 6.22 -2.61 6.13
C ARG A 72 4.71 -2.34 6.20
N LEU A 73 4.07 -2.21 5.04
CA LEU A 73 2.63 -1.94 4.98
C LEU A 73 1.89 -3.05 4.24
N THR A 74 1.00 -3.73 4.96
CA THR A 74 0.20 -4.80 4.38
C THR A 74 -1.27 -4.37 4.30
N VAL A 75 -1.81 -4.38 3.08
CA VAL A 75 -3.21 -3.98 2.88
C VAL A 75 -4.16 -5.14 3.17
N GLY A 76 -4.87 -5.02 4.29
CA GLY A 76 -5.81 -6.04 4.73
C GLY A 76 -6.80 -6.44 3.64
N GLU A 77 -7.88 -7.10 4.06
CA GLU A 77 -8.91 -7.58 3.14
C GLU A 77 -9.95 -6.50 2.80
N THR A 78 -10.05 -5.45 3.63
CA THR A 78 -11.04 -4.41 3.34
C THR A 78 -10.65 -3.70 2.06
N GLY A 79 -9.36 -3.72 1.78
CA GLY A 79 -8.81 -3.16 0.55
C GLY A 79 -9.18 -1.70 0.30
N HIS A 80 -9.22 -0.86 1.35
CA HIS A 80 -9.53 0.55 1.10
C HIS A 80 -8.33 1.42 1.44
N VAL A 81 -7.76 2.03 0.41
CA VAL A 81 -6.60 2.89 0.57
C VAL A 81 -6.60 4.00 -0.47
N GLU A 82 -6.81 5.25 -0.03
CA GLU A 82 -6.81 6.38 -0.95
C GLU A 82 -6.00 7.54 -0.37
N GLY A 83 -4.83 7.77 -0.94
CA GLY A 83 -3.96 8.85 -0.48
C GLY A 83 -2.53 8.60 -0.93
N SER A 84 -1.57 9.17 -0.20
CA SER A 84 -0.15 9.00 -0.51
C SER A 84 0.51 8.15 0.58
N VAL A 85 1.13 7.05 0.17
CA VAL A 85 1.80 6.15 1.14
C VAL A 85 3.29 6.05 0.83
N TYR A 86 4.08 6.01 1.90
CA TYR A 86 5.54 5.89 1.77
C TYR A 86 6.03 4.75 2.65
N ALA A 87 6.62 3.73 2.03
CA ALA A 87 7.13 2.58 2.77
C ALA A 87 8.24 1.89 2.01
N GLU A 88 8.82 0.86 2.62
CA GLU A 88 9.91 0.11 2.00
C GLU A 88 9.38 -1.12 1.27
N ALA A 89 8.61 -1.95 1.99
CA ALA A 89 8.04 -3.17 1.41
C ALA A 89 6.55 -3.25 1.72
N VAL A 90 5.74 -3.60 0.73
CA VAL A 90 4.29 -3.69 0.94
C VAL A 90 3.68 -4.86 0.17
N GLU A 91 2.69 -5.50 0.79
CA GLU A 91 1.99 -6.63 0.19
C GLU A 91 0.50 -6.29 0.07
N VAL A 92 0.02 -6.14 -1.15
CA VAL A 92 -1.39 -5.79 -1.38
C VAL A 92 -2.29 -7.02 -1.42
N ARG A 93 -3.43 -6.92 -0.73
CA ARG A 93 -4.41 -8.00 -0.69
C ARG A 93 -5.79 -7.41 -0.87
N GLY A 94 -5.82 -6.19 -1.42
CA GLY A 94 -7.08 -5.49 -1.62
C GLY A 94 -6.94 -4.36 -2.65
N ARG A 95 -7.76 -3.32 -2.55
CA ARG A 95 -7.74 -2.22 -3.53
C ARG A 95 -7.12 -0.93 -2.97
N VAL A 96 -6.22 -0.37 -3.78
CA VAL A 96 -5.51 0.86 -3.44
C VAL A 96 -5.45 1.76 -4.68
N VAL A 97 -5.97 2.98 -4.57
CA VAL A 97 -5.96 3.92 -5.69
C VAL A 97 -5.61 5.33 -5.21
N GLY A 98 -4.58 5.91 -5.82
CA GLY A 98 -4.15 7.25 -5.46
C GLY A 98 -2.70 7.48 -5.85
N ALA A 99 -1.78 7.20 -4.93
CA ALA A 99 -0.36 7.37 -5.18
C ALA A 99 0.47 6.55 -4.19
N ILE A 100 1.33 5.68 -4.73
CA ILE A 100 2.17 4.84 -3.89
C ILE A 100 3.65 5.08 -4.17
N THR A 101 4.45 5.16 -3.11
CA THR A 101 5.88 5.38 -3.22
C THR A 101 6.65 4.42 -2.33
N SER A 102 7.35 3.47 -2.93
CA SER A 102 8.12 2.50 -2.16
C SER A 102 9.26 1.91 -2.98
N LYS A 103 10.20 1.28 -2.30
CA LYS A 103 11.35 0.67 -2.95
C LYS A 103 11.03 -0.76 -3.41
N GLN A 104 10.12 -1.42 -2.69
CA GLN A 104 9.72 -2.78 -3.03
C GLN A 104 8.21 -2.95 -2.87
N VAL A 105 7.56 -3.51 -3.89
CA VAL A 105 6.11 -3.72 -3.84
C VAL A 105 5.70 -4.96 -4.62
N ARG A 106 4.73 -5.69 -4.08
CA ARG A 106 4.22 -6.90 -4.72
C ARG A 106 2.70 -6.91 -4.66
N LEU A 107 2.06 -7.12 -5.82
CA LEU A 107 0.60 -7.14 -5.86
C LEU A 107 0.07 -8.54 -5.59
N TYR A 108 -0.29 -8.78 -4.32
CA TYR A 108 -0.84 -10.07 -3.91
C TYR A 108 -2.37 -10.01 -3.94
N GLY A 109 -3.01 -11.17 -3.95
CA GLY A 109 -4.46 -11.21 -3.97
C GLY A 109 -5.04 -10.58 -5.23
N THR A 110 -6.36 -10.64 -5.37
CA THR A 110 -7.05 -10.04 -6.51
C THR A 110 -6.99 -8.51 -6.41
N SER A 111 -5.94 -8.02 -5.75
CA SER A 111 -5.77 -6.60 -5.53
C SER A 111 -5.75 -5.79 -6.81
N TYR A 112 -5.80 -4.47 -6.65
CA TYR A 112 -5.79 -3.55 -7.79
C TYR A 112 -5.02 -2.29 -7.42
N VAL A 113 -4.31 -1.71 -8.39
CA VAL A 113 -3.53 -0.48 -8.15
C VAL A 113 -3.76 0.52 -9.28
N ASP A 114 -4.33 1.67 -8.95
CA ASP A 114 -4.61 2.71 -9.95
C ASP A 114 -4.18 4.09 -9.44
N GLY A 115 -3.17 4.67 -10.10
CA GLY A 115 -2.68 5.99 -9.70
C GLY A 115 -1.23 6.18 -10.10
N ASP A 116 -0.56 7.13 -9.47
CA ASP A 116 0.84 7.40 -9.76
C ASP A 116 1.74 6.46 -8.96
N ILE A 117 2.26 5.43 -9.63
CA ILE A 117 3.13 4.46 -8.97
C ILE A 117 4.60 4.85 -9.13
N THR A 118 5.37 4.60 -8.07
CA THR A 118 6.80 4.90 -8.08
C THR A 118 7.56 3.79 -7.37
N HIS A 119 8.24 2.94 -8.12
CA HIS A 119 8.98 1.84 -7.53
C HIS A 119 10.13 1.40 -8.42
N GLU A 120 11.23 0.98 -7.78
CA GLU A 120 12.40 0.51 -8.50
C GLU A 120 12.37 -1.02 -8.59
N GLN A 121 11.69 -1.63 -7.61
CA GLN A 121 11.54 -3.08 -7.56
C GLN A 121 10.07 -3.43 -7.43
N LEU A 122 9.57 -4.26 -8.36
CA LEU A 122 8.16 -4.65 -8.34
C LEU A 122 7.96 -6.05 -8.90
N ALA A 123 6.93 -6.73 -8.39
CA ALA A 123 6.59 -8.08 -8.83
C ALA A 123 5.08 -8.26 -8.84
N MET A 124 4.57 -8.90 -9.87
CA MET A 124 3.12 -9.13 -10.00
C MET A 124 2.77 -10.57 -9.68
N GLU A 125 1.82 -10.75 -8.76
CA GLU A 125 1.38 -12.08 -8.36
C GLU A 125 -0.07 -12.29 -8.80
N THR A 126 -0.43 -13.54 -9.09
CA THR A 126 -1.79 -13.85 -9.52
C THR A 126 -2.82 -13.05 -8.71
N GLY A 127 -3.55 -12.18 -9.40
CA GLY A 127 -4.56 -11.36 -8.75
C GLY A 127 -4.21 -9.88 -8.84
N ALA A 128 -3.14 -9.56 -9.55
CA ALA A 128 -2.70 -8.17 -9.71
C ALA A 128 -3.30 -7.54 -10.97
N PHE A 129 -4.15 -6.53 -10.77
CA PHE A 129 -4.75 -5.80 -11.90
C PHE A 129 -4.56 -4.30 -11.67
N PHE A 130 -3.61 -3.69 -12.39
CA PHE A 130 -3.34 -2.27 -12.18
C PHE A 130 -3.24 -1.49 -13.49
N GLN A 131 -3.98 -0.38 -13.55
CA GLN A 131 -3.89 0.51 -14.69
C GLN A 131 -3.64 1.92 -14.16
N GLY A 132 -2.39 2.32 -14.22
CA GLY A 132 -1.96 3.62 -13.73
C GLY A 132 -0.69 4.03 -14.44
N ARG A 133 -0.19 5.22 -14.16
CA ARG A 133 1.06 5.63 -14.78
C ARG A 133 2.18 5.00 -13.97
N SER A 134 2.83 4.00 -14.58
CA SER A 134 3.91 3.28 -13.91
C SER A 134 5.25 3.97 -14.19
N LEU A 135 5.83 4.57 -13.14
CA LEU A 135 7.11 5.26 -13.28
C LEU A 135 8.26 4.34 -12.85
N LYS A 136 9.11 3.97 -13.81
CA LYS A 136 10.24 3.10 -13.53
C LYS A 136 11.48 3.93 -13.19
N PHE A 137 12.17 3.55 -12.13
CA PHE A 137 13.38 4.27 -11.72
C PHE A 137 14.49 4.06 -12.74
N GLN A 138 14.92 5.15 -13.37
CA GLN A 138 15.97 5.06 -14.38
C GLN A 138 15.61 4.03 -15.43
N ARG A 139 16.06 2.79 -15.22
CA ARG A 139 15.78 1.71 -16.16
C ARG A 139 14.47 1.01 -15.80
N LYS A 37 4.62 -1.37 19.82
CA LYS A 37 3.69 -2.11 18.97
C LYS A 37 4.40 -2.65 17.74
N VAL A 38 4.62 -3.97 17.72
CA VAL A 38 5.30 -4.59 16.59
C VAL A 38 4.33 -4.79 15.42
N ALA A 39 3.31 -5.63 15.63
CA ALA A 39 2.31 -5.89 14.61
C ALA A 39 0.96 -5.28 14.99
N SER A 40 0.40 -4.47 14.10
CA SER A 40 -0.89 -3.83 14.36
C SER A 40 -1.98 -4.49 13.51
N LEU A 41 -3.21 -4.45 14.01
CA LEU A 41 -4.35 -5.04 13.31
C LEU A 41 -5.59 -4.17 13.48
N LEU A 42 -6.01 -3.50 12.41
CA LEU A 42 -7.19 -2.63 12.46
C LEU A 42 -8.38 -3.33 11.81
N SER A 43 -9.53 -3.27 12.47
CA SER A 43 -10.74 -3.90 11.95
C SER A 43 -11.30 -3.08 10.78
N ALA A 44 -12.54 -3.36 10.41
CA ALA A 44 -13.18 -2.65 9.31
C ALA A 44 -13.68 -1.28 9.75
N ASP A 45 -14.28 -1.22 10.93
CA ASP A 45 -14.79 0.03 11.45
C ASP A 45 -13.66 0.96 11.89
N LEU A 46 -12.51 0.82 11.25
CA LEU A 46 -11.34 1.65 11.58
C LEU A 46 -11.03 2.62 10.44
N THR A 47 -10.92 3.91 10.79
CA THR A 47 -10.62 4.95 9.81
C THR A 47 -9.41 5.75 10.26
N ILE A 48 -8.29 5.57 9.57
CA ILE A 48 -7.05 6.28 9.91
C ILE A 48 -6.83 7.45 8.96
N GLU A 49 -6.22 8.51 9.49
CA GLU A 49 -5.94 9.70 8.70
C GLU A 49 -4.48 9.68 8.29
N GLY A 50 -4.23 9.28 7.04
CA GLY A 50 -2.86 9.20 6.52
C GLY A 50 -2.01 10.34 7.08
N GLY A 51 -1.23 10.03 8.09
CA GLY A 51 -0.36 11.00 8.73
C GLY A 51 0.43 10.34 9.84
N VAL A 52 0.50 9.01 9.78
CA VAL A 52 1.21 8.23 10.78
C VAL A 52 2.67 8.03 10.39
N THR A 53 3.55 7.95 11.38
CA THR A 53 4.97 7.76 11.12
C THR A 53 5.57 6.79 12.14
N GLY A 54 6.01 5.63 11.66
CA GLY A 54 6.59 4.62 12.54
C GLY A 54 7.50 3.68 11.75
N GLU A 55 7.86 2.56 12.38
CA GLU A 55 8.73 1.59 11.73
C GLU A 55 8.44 0.18 12.27
N GLY A 56 7.68 -0.59 11.50
CA GLY A 56 7.33 -1.95 11.90
C GLY A 56 6.30 -2.56 10.96
N GLU A 57 5.66 -3.65 11.41
CA GLU A 57 4.66 -4.31 10.60
C GLU A 57 3.27 -3.71 10.86
N LEU A 58 2.71 -3.08 9.83
CA LEU A 58 1.39 -2.46 9.95
C LEU A 58 0.37 -3.17 9.07
N GLN A 59 -0.53 -3.92 9.71
CA GLN A 59 -1.59 -4.64 8.99
C GLN A 59 -2.92 -3.92 9.19
N ILE A 60 -3.34 -3.18 8.17
CA ILE A 60 -4.59 -2.42 8.26
C ILE A 60 -5.67 -3.00 7.36
N ASP A 61 -6.88 -3.10 7.92
CA ASP A 61 -8.04 -3.59 7.19
C ASP A 61 -9.16 -2.56 7.30
N GLY A 62 -8.86 -1.34 6.88
CA GLY A 62 -9.80 -0.24 6.97
C GLY A 62 -9.56 0.79 5.87
N VAL A 63 -10.05 2.00 6.11
CA VAL A 63 -9.92 3.10 5.15
C VAL A 63 -8.88 4.11 5.65
N VAL A 64 -7.75 4.21 4.93
CA VAL A 64 -6.68 5.14 5.31
C VAL A 64 -6.41 6.13 4.19
N LYS A 65 -6.58 7.43 4.48
CA LYS A 65 -6.36 8.47 3.48
C LYS A 65 -5.38 9.53 4.00
N GLY A 66 -4.43 9.92 3.14
CA GLY A 66 -3.44 10.94 3.49
C GLY A 66 -2.00 10.41 3.31
N ASP A 67 -1.16 10.63 4.31
CA ASP A 67 0.24 10.19 4.26
C ASP A 67 0.51 9.05 5.24
N VAL A 68 1.04 7.94 4.72
CA VAL A 68 1.36 6.78 5.56
C VAL A 68 2.84 6.41 5.42
N ARG A 69 3.55 6.37 6.54
CA ARG A 69 4.98 6.03 6.54
C ARG A 69 5.26 4.90 7.53
N VAL A 70 5.82 3.80 7.02
CA VAL A 70 6.13 2.65 7.87
C VAL A 70 7.12 1.72 7.16
N GLY A 71 7.68 0.78 7.91
CA GLY A 71 8.62 -0.17 7.33
C GLY A 71 7.93 -1.09 6.33
N ARG A 72 6.80 -1.66 6.74
CA ARG A 72 6.02 -2.55 5.87
C ARG A 72 4.53 -2.26 6.00
N LEU A 73 3.89 -1.96 4.87
CA LEU A 73 2.45 -1.66 4.85
C LEU A 73 1.67 -2.76 4.15
N THR A 74 0.90 -3.52 4.91
CA THR A 74 0.10 -4.60 4.35
C THR A 74 -1.36 -4.16 4.27
N VAL A 75 -1.93 -4.22 3.06
CA VAL A 75 -3.32 -3.82 2.86
C VAL A 75 -4.25 -4.97 3.22
N GLY A 76 -4.88 -4.84 4.38
CA GLY A 76 -5.79 -5.85 4.92
C GLY A 76 -6.87 -6.27 3.92
N GLU A 77 -7.96 -6.82 4.45
CA GLU A 77 -9.06 -7.31 3.62
C GLU A 77 -10.04 -6.20 3.23
N THR A 78 -10.09 -5.10 3.99
CA THR A 78 -11.03 -4.04 3.64
C THR A 78 -10.61 -3.40 2.33
N GLY A 79 -9.32 -3.49 2.06
CA GLY A 79 -8.76 -2.99 0.81
C GLY A 79 -9.08 -1.53 0.52
N HIS A 80 -9.09 -0.65 1.52
CA HIS A 80 -9.38 0.76 1.23
C HIS A 80 -8.16 1.62 1.52
N VAL A 81 -7.60 2.19 0.45
CA VAL A 81 -6.43 3.06 0.56
C VAL A 81 -6.48 4.13 -0.53
N GLU A 82 -6.69 5.39 -0.12
CA GLU A 82 -6.73 6.49 -1.09
C GLU A 82 -6.00 7.70 -0.55
N GLY A 83 -4.81 7.96 -1.11
CA GLY A 83 -4.01 9.10 -0.69
C GLY A 83 -2.55 8.88 -1.06
N SER A 84 -1.66 9.53 -0.32
CA SER A 84 -0.23 9.39 -0.54
C SER A 84 0.32 8.30 0.37
N VAL A 85 1.07 7.36 -0.21
CA VAL A 85 1.62 6.25 0.58
C VAL A 85 3.14 6.17 0.42
N TYR A 86 3.82 5.94 1.53
CA TYR A 86 5.28 5.82 1.54
C TYR A 86 5.71 4.65 2.41
N ALA A 87 6.58 3.80 1.89
CA ALA A 87 7.05 2.64 2.65
C ALA A 87 8.18 1.93 1.93
N GLU A 88 8.80 0.98 2.63
CA GLU A 88 9.91 0.22 2.06
C GLU A 88 9.39 -1.04 1.37
N ALA A 89 8.45 -1.72 2.03
CA ALA A 89 7.86 -2.94 1.48
C ALA A 89 6.34 -2.82 1.56
N VAL A 90 5.65 -3.23 0.49
CA VAL A 90 4.19 -3.15 0.44
C VAL A 90 3.57 -4.44 -0.06
N GLU A 91 2.71 -5.04 0.78
CA GLU A 91 2.01 -6.28 0.43
C GLU A 91 0.52 -5.97 0.26
N VAL A 92 0.05 -5.98 -0.98
CA VAL A 92 -1.35 -5.66 -1.25
C VAL A 92 -2.24 -6.90 -1.29
N ARG A 93 -3.38 -6.81 -0.61
CA ARG A 93 -4.36 -7.87 -0.55
C ARG A 93 -5.76 -7.28 -0.72
N GLY A 94 -5.80 -6.07 -1.27
CA GLY A 94 -7.07 -5.36 -1.44
C GLY A 94 -6.98 -4.27 -2.51
N ARG A 95 -7.78 -3.22 -2.37
CA ARG A 95 -7.81 -2.13 -3.38
C ARG A 95 -7.17 -0.84 -2.87
N VAL A 96 -6.33 -0.27 -3.75
CA VAL A 96 -5.63 0.98 -3.47
C VAL A 96 -5.64 1.87 -4.71
N VAL A 97 -6.11 3.11 -4.56
CA VAL A 97 -6.16 4.03 -5.70
C VAL A 97 -5.73 5.43 -5.27
N GLY A 98 -4.71 5.96 -5.93
CA GLY A 98 -4.20 7.29 -5.61
C GLY A 98 -2.74 7.42 -6.05
N ALA A 99 -1.83 7.24 -5.11
CA ALA A 99 -0.40 7.34 -5.41
C ALA A 99 0.42 6.69 -4.30
N ILE A 100 1.45 5.94 -4.69
CA ILE A 100 2.31 5.26 -3.71
C ILE A 100 3.76 5.29 -4.14
N THR A 101 4.66 5.41 -3.17
CA THR A 101 6.11 5.44 -3.42
C THR A 101 6.83 4.50 -2.47
N SER A 102 7.57 3.54 -3.03
CA SER A 102 8.30 2.60 -2.19
C SER A 102 9.45 1.95 -2.96
N LYS A 103 10.28 1.20 -2.25
CA LYS A 103 11.42 0.52 -2.85
C LYS A 103 11.00 -0.80 -3.49
N GLN A 104 10.24 -1.60 -2.75
CA GLN A 104 9.77 -2.89 -3.24
C GLN A 104 8.25 -2.99 -3.13
N VAL A 105 7.60 -3.39 -4.23
CA VAL A 105 6.14 -3.52 -4.25
C VAL A 105 5.72 -4.89 -4.80
N ARG A 106 4.86 -5.57 -4.06
CA ARG A 106 4.35 -6.89 -4.47
C ARG A 106 2.82 -6.87 -4.43
N LEU A 107 2.20 -7.06 -5.60
CA LEU A 107 0.74 -7.05 -5.66
C LEU A 107 0.16 -8.44 -5.46
N TYR A 108 -0.21 -8.73 -4.22
CA TYR A 108 -0.81 -10.02 -3.86
C TYR A 108 -2.34 -9.92 -3.87
N GLY A 109 -3.01 -11.06 -3.93
CA GLY A 109 -4.47 -11.08 -3.90
C GLY A 109 -5.08 -10.29 -5.06
N THR A 110 -6.36 -9.98 -4.92
CA THR A 110 -7.09 -9.19 -5.91
C THR A 110 -6.57 -7.76 -5.96
N SER A 111 -5.27 -7.61 -5.70
CA SER A 111 -4.65 -6.30 -5.66
C SER A 111 -5.10 -5.43 -6.82
N TYR A 112 -5.27 -4.14 -6.54
CA TYR A 112 -5.71 -3.18 -7.54
C TYR A 112 -5.03 -1.84 -7.33
N VAL A 113 -4.26 -1.38 -8.32
CA VAL A 113 -3.57 -0.09 -8.21
C VAL A 113 -3.95 0.81 -9.38
N ASP A 114 -4.52 1.98 -9.05
CA ASP A 114 -4.93 2.94 -10.08
C ASP A 114 -4.44 4.34 -9.71
N GLY A 115 -3.38 4.78 -10.37
CA GLY A 115 -2.82 6.11 -10.12
C GLY A 115 -1.33 6.14 -10.42
N ASP A 116 -0.64 7.13 -9.86
CA ASP A 116 0.80 7.27 -10.07
C ASP A 116 1.58 6.39 -9.09
N ILE A 117 2.29 5.39 -9.61
CA ILE A 117 3.08 4.50 -8.77
C ILE A 117 4.57 4.63 -9.08
N THR A 118 5.37 4.85 -8.05
CA THR A 118 6.82 4.99 -8.21
C THR A 118 7.54 3.91 -7.41
N HIS A 119 8.51 3.25 -8.05
CA HIS A 119 9.27 2.21 -7.37
C HIS A 119 10.41 1.71 -8.26
N GLU A 120 11.44 1.17 -7.64
CA GLU A 120 12.60 0.65 -8.37
C GLU A 120 12.37 -0.81 -8.75
N GLN A 121 12.01 -1.61 -7.75
CA GLN A 121 11.76 -3.04 -7.97
C GLN A 121 10.31 -3.37 -7.66
N LEU A 122 9.66 -4.11 -8.55
CA LEU A 122 8.26 -4.49 -8.36
C LEU A 122 7.98 -5.87 -8.94
N ALA A 123 7.04 -6.57 -8.32
CA ALA A 123 6.66 -7.92 -8.75
C ALA A 123 5.14 -8.06 -8.73
N MET A 124 4.58 -8.60 -9.81
CA MET A 124 3.13 -8.78 -9.91
C MET A 124 2.75 -10.24 -9.73
N GLU A 125 1.75 -10.49 -8.88
CA GLU A 125 1.27 -11.85 -8.62
C GLU A 125 -0.19 -11.98 -9.06
N THR A 126 -0.65 -13.22 -9.21
CA THR A 126 -2.02 -13.47 -9.62
C THR A 126 -2.99 -12.60 -8.83
N GLY A 127 -4.01 -12.08 -9.51
CA GLY A 127 -5.00 -11.24 -8.86
C GLY A 127 -4.59 -9.76 -8.91
N ALA A 128 -3.52 -9.48 -9.65
CA ALA A 128 -3.03 -8.11 -9.79
C ALA A 128 -3.64 -7.42 -11.00
N PHE A 129 -4.42 -6.36 -10.76
CA PHE A 129 -5.02 -5.57 -11.84
C PHE A 129 -4.72 -4.09 -11.60
N PHE A 130 -3.76 -3.53 -12.32
CA PHE A 130 -3.39 -2.12 -12.10
C PHE A 130 -3.27 -1.32 -13.39
N GLN A 131 -4.16 -0.34 -13.56
CA GLN A 131 -4.07 0.55 -14.72
C GLN A 131 -3.72 1.94 -14.20
N GLY A 132 -2.45 2.28 -14.31
CA GLY A 132 -1.95 3.56 -13.85
C GLY A 132 -0.67 3.91 -14.57
N ARG A 133 -0.12 5.08 -14.29
CA ARG A 133 1.14 5.46 -14.91
C ARG A 133 2.25 4.80 -14.09
N SER A 134 2.89 3.79 -14.68
CA SER A 134 3.95 3.04 -13.99
C SER A 134 5.32 3.61 -14.31
N LEU A 135 5.94 4.24 -13.31
CA LEU A 135 7.27 4.82 -13.48
C LEU A 135 8.33 3.93 -12.82
N LYS A 136 9.22 3.36 -13.64
CA LYS A 136 10.27 2.49 -13.12
C LYS A 136 11.65 3.14 -13.27
N PHE A 137 12.32 3.37 -12.14
CA PHE A 137 13.64 3.98 -12.15
C PHE A 137 14.74 2.93 -12.06
N GLN A 138 15.50 2.77 -13.14
CA GLN A 138 16.57 1.79 -13.17
C GLN A 138 16.04 0.40 -12.80
N ARG A 139 15.91 -0.46 -13.79
CA ARG A 139 15.42 -1.82 -13.56
C ARG A 139 16.41 -2.61 -12.73
N LYS A 37 9.15 -7.92 12.74
CA LYS A 37 8.90 -8.24 14.15
C LYS A 37 7.59 -7.62 14.61
N VAL A 38 7.67 -6.37 15.06
CA VAL A 38 6.48 -5.66 15.53
C VAL A 38 5.31 -5.87 14.57
N ALA A 39 4.16 -6.25 15.10
CA ALA A 39 2.97 -6.49 14.28
C ALA A 39 1.75 -5.87 14.95
N SER A 40 1.07 -4.97 14.23
CA SER A 40 -0.13 -4.31 14.75
C SER A 40 -1.36 -4.69 13.92
N LEU A 41 -2.52 -4.68 14.58
CA LEU A 41 -3.78 -5.02 13.91
C LEU A 41 -4.75 -3.85 13.98
N LEU A 42 -4.98 -3.21 12.83
CA LEU A 42 -5.90 -2.08 12.75
C LEU A 42 -7.25 -2.53 12.19
N SER A 43 -8.26 -2.60 13.07
CA SER A 43 -9.59 -3.02 12.65
C SER A 43 -10.03 -2.25 11.41
N ALA A 44 -11.26 -2.53 10.96
CA ALA A 44 -11.80 -1.86 9.78
C ALA A 44 -12.52 -0.57 10.15
N ASP A 45 -13.05 -0.53 11.37
CA ASP A 45 -13.77 0.65 11.83
C ASP A 45 -12.79 1.81 12.03
N LEU A 46 -11.56 1.64 11.54
CA LEU A 46 -10.53 2.67 11.68
C LEU A 46 -10.36 3.45 10.37
N THR A 47 -10.23 4.76 10.51
CA THR A 47 -10.04 5.65 9.36
C THR A 47 -8.86 6.58 9.61
N ILE A 48 -7.85 6.51 8.74
CA ILE A 48 -6.67 7.35 8.88
C ILE A 48 -6.89 8.70 8.21
N GLU A 49 -6.50 9.77 8.90
CA GLU A 49 -6.66 11.12 8.38
C GLU A 49 -5.38 11.94 8.59
N GLY A 50 -5.02 12.73 7.58
CA GLY A 50 -3.82 13.56 7.67
C GLY A 50 -2.58 12.74 7.33
N GLY A 51 -2.16 11.87 8.25
CA GLY A 51 -0.99 11.04 8.04
C GLY A 51 -0.35 10.66 9.36
N VAL A 52 -0.02 9.37 9.52
CA VAL A 52 0.61 8.88 10.74
C VAL A 52 1.89 8.12 10.41
N THR A 53 2.88 8.23 11.30
CA THR A 53 4.16 7.55 11.09
C THR A 53 4.24 6.30 11.98
N GLY A 54 5.23 5.46 11.70
CA GLY A 54 5.41 4.22 12.46
C GLY A 54 6.53 3.38 11.88
N GLU A 55 6.55 2.10 12.22
CA GLU A 55 7.58 1.20 11.72
C GLU A 55 7.21 -0.26 12.03
N GLY A 56 7.66 -1.18 11.17
CA GLY A 56 7.39 -2.60 11.35
C GLY A 56 6.26 -3.05 10.44
N GLU A 57 5.68 -4.21 10.75
CA GLU A 57 4.59 -4.75 9.95
C GLU A 57 3.25 -4.18 10.41
N LEU A 58 2.54 -3.53 9.49
CA LEU A 58 1.24 -2.93 9.79
C LEU A 58 0.13 -3.63 9.02
N GLN A 59 -0.66 -4.42 9.74
CA GLN A 59 -1.79 -5.14 9.13
C GLN A 59 -3.07 -4.36 9.35
N ILE A 60 -3.63 -3.81 8.28
CA ILE A 60 -4.86 -3.02 8.38
C ILE A 60 -5.91 -3.47 7.37
N ASP A 61 -7.16 -3.50 7.84
CA ASP A 61 -8.29 -3.88 6.98
C ASP A 61 -9.37 -2.81 7.09
N GLY A 62 -8.95 -1.57 6.84
CA GLY A 62 -9.84 -0.42 6.94
C GLY A 62 -9.61 0.56 5.79
N VAL A 63 -10.01 1.82 6.01
CA VAL A 63 -9.87 2.87 5.01
C VAL A 63 -8.74 3.82 5.41
N VAL A 64 -7.69 3.85 4.60
CA VAL A 64 -6.52 4.69 4.88
C VAL A 64 -6.50 5.92 3.96
N LYS A 65 -6.71 7.10 4.56
CA LYS A 65 -6.69 8.35 3.79
C LYS A 65 -5.69 9.33 4.40
N GLY A 66 -4.60 9.58 3.67
CA GLY A 66 -3.56 10.50 4.13
C GLY A 66 -2.17 9.95 3.85
N ASP A 67 -1.15 10.62 4.39
CA ASP A 67 0.22 10.19 4.20
C ASP A 67 0.63 9.21 5.30
N VAL A 68 0.83 7.95 4.92
CA VAL A 68 1.23 6.92 5.89
C VAL A 68 2.68 6.49 5.67
N ARG A 69 3.41 6.35 6.77
CA ARG A 69 4.82 5.94 6.71
C ARG A 69 5.07 4.77 7.65
N VAL A 70 5.66 3.71 7.12
CA VAL A 70 5.95 2.52 7.92
C VAL A 70 6.90 1.59 7.18
N GLY A 71 7.45 0.61 7.89
CA GLY A 71 8.37 -0.33 7.28
C GLY A 71 7.68 -1.15 6.19
N ARG A 72 6.76 -2.02 6.61
CA ARG A 72 6.02 -2.86 5.67
C ARG A 72 4.52 -2.62 5.82
N LEU A 73 3.87 -2.18 4.75
CA LEU A 73 2.43 -1.89 4.77
C LEU A 73 1.66 -3.03 4.10
N THR A 74 0.79 -3.69 4.88
CA THR A 74 -0.02 -4.79 4.37
C THR A 74 -1.48 -4.38 4.31
N VAL A 75 -2.04 -4.37 3.11
CA VAL A 75 -3.44 -3.99 2.93
C VAL A 75 -4.36 -5.19 3.17
N GLY A 76 -5.12 -5.10 4.25
CA GLY A 76 -6.04 -6.16 4.66
C GLY A 76 -6.99 -6.60 3.55
N GLU A 77 -8.07 -7.26 3.96
CA GLU A 77 -9.06 -7.78 3.01
C GLU A 77 -10.11 -6.75 2.62
N THR A 78 -10.35 -5.74 3.46
CA THR A 78 -11.36 -4.73 3.11
C THR A 78 -10.87 -3.96 1.89
N GLY A 79 -9.56 -3.94 1.74
CA GLY A 79 -8.94 -3.31 0.59
C GLY A 79 -9.28 -1.85 0.38
N HIS A 80 -9.39 -1.04 1.44
CA HIS A 80 -9.69 0.38 1.22
C HIS A 80 -8.47 1.23 1.55
N VAL A 81 -7.91 1.83 0.50
CA VAL A 81 -6.74 2.69 0.65
C VAL A 81 -6.75 3.78 -0.42
N GLU A 82 -6.94 5.03 0.00
CA GLU A 82 -6.96 6.14 -0.95
C GLU A 82 -6.23 7.35 -0.39
N GLY A 83 -5.04 7.62 -0.91
CA GLY A 83 -4.25 8.76 -0.45
C GLY A 83 -2.77 8.59 -0.81
N SER A 84 -1.91 9.24 -0.04
CA SER A 84 -0.47 9.15 -0.25
C SER A 84 0.11 8.03 0.61
N VAL A 85 0.95 7.18 0.01
CA VAL A 85 1.56 6.07 0.73
C VAL A 85 3.08 6.03 0.55
N TYR A 86 3.78 5.83 1.66
CA TYR A 86 5.24 5.75 1.65
C TYR A 86 5.70 4.60 2.54
N ALA A 87 6.56 3.74 2.03
CA ALA A 87 7.05 2.62 2.81
C ALA A 87 8.20 1.90 2.11
N GLU A 88 8.82 0.95 2.82
CA GLU A 88 9.93 0.19 2.26
C GLU A 88 9.42 -1.04 1.55
N ALA A 89 8.40 -1.68 2.14
CA ALA A 89 7.80 -2.87 1.57
C ALA A 89 6.28 -2.70 1.54
N VAL A 90 5.64 -3.22 0.49
CA VAL A 90 4.19 -3.10 0.36
C VAL A 90 3.58 -4.35 -0.27
N GLU A 91 2.74 -5.03 0.49
CA GLU A 91 2.06 -6.23 0.02
C GLU A 91 0.56 -6.00 0.00
N VAL A 92 0.00 -5.85 -1.20
CA VAL A 92 -1.43 -5.57 -1.34
C VAL A 92 -2.26 -6.87 -1.43
N ARG A 93 -3.40 -6.86 -0.76
CA ARG A 93 -4.32 -7.98 -0.76
C ARG A 93 -5.74 -7.44 -0.93
N GLY A 94 -5.81 -6.21 -1.46
CA GLY A 94 -7.09 -5.53 -1.64
C GLY A 94 -6.99 -4.40 -2.67
N ARG A 95 -7.84 -3.38 -2.55
CA ARG A 95 -7.84 -2.27 -3.52
C ARG A 95 -7.24 -0.98 -2.96
N VAL A 96 -6.40 -0.36 -3.78
CA VAL A 96 -5.75 0.90 -3.43
C VAL A 96 -5.75 1.84 -4.65
N VAL A 97 -6.13 3.10 -4.43
CA VAL A 97 -6.17 4.07 -5.51
C VAL A 97 -5.65 5.43 -5.04
N GLY A 98 -4.54 5.87 -5.63
CA GLY A 98 -3.95 7.16 -5.26
C GLY A 98 -2.50 7.25 -5.73
N ALA A 99 -1.56 7.04 -4.80
CA ALA A 99 -0.14 7.10 -5.14
C ALA A 99 0.67 6.26 -4.16
N ILE A 100 1.77 5.70 -4.63
CA ILE A 100 2.62 4.86 -3.77
C ILE A 100 4.10 4.98 -4.15
N THR A 101 4.93 5.15 -3.14
CA THR A 101 6.38 5.25 -3.35
C THR A 101 7.11 4.37 -2.34
N SER A 102 7.88 3.41 -2.83
CA SER A 102 8.61 2.51 -1.95
C SER A 102 9.76 1.83 -2.68
N LYS A 103 10.56 1.08 -1.94
CA LYS A 103 11.70 0.37 -2.52
C LYS A 103 11.24 -0.97 -3.09
N GLN A 104 10.33 -1.63 -2.38
CA GLN A 104 9.80 -2.93 -2.81
C GLN A 104 8.28 -2.91 -2.84
N VAL A 105 7.71 -3.44 -3.92
CA VAL A 105 6.26 -3.48 -4.08
C VAL A 105 5.82 -4.79 -4.71
N ARG A 106 4.84 -5.45 -4.09
CA ARG A 106 4.31 -6.72 -4.59
C ARG A 106 2.80 -6.71 -4.54
N LEU A 107 2.15 -6.98 -5.68
CA LEU A 107 0.70 -6.97 -5.73
C LEU A 107 0.13 -8.39 -5.54
N TYR A 108 -0.24 -8.69 -4.30
CA TYR A 108 -0.83 -9.98 -3.96
C TYR A 108 -2.36 -9.89 -4.00
N GLY A 109 -3.02 -11.04 -4.09
CA GLY A 109 -4.47 -11.08 -4.09
C GLY A 109 -5.06 -10.29 -5.27
N THR A 110 -6.35 -9.97 -5.15
CA THR A 110 -7.07 -9.20 -6.15
C THR A 110 -6.54 -7.77 -6.19
N SER A 111 -5.25 -7.62 -5.90
CA SER A 111 -4.62 -6.32 -5.83
C SER A 111 -5.02 -5.43 -7.00
N TYR A 112 -5.39 -4.19 -6.66
CA TYR A 112 -5.80 -3.20 -7.66
C TYR A 112 -5.11 -1.87 -7.39
N VAL A 113 -4.44 -1.31 -8.40
CA VAL A 113 -3.75 -0.03 -8.23
C VAL A 113 -4.05 0.91 -9.38
N ASP A 114 -4.58 2.09 -9.05
CA ASP A 114 -4.90 3.09 -10.07
C ASP A 114 -4.39 4.47 -9.65
N GLY A 115 -3.29 4.88 -10.24
CA GLY A 115 -2.70 6.18 -9.92
C GLY A 115 -1.22 6.22 -10.28
N ASP A 116 -0.46 7.02 -9.54
CA ASP A 116 0.97 7.14 -9.79
C ASP A 116 1.75 6.05 -9.07
N ILE A 117 2.51 5.26 -9.84
CA ILE A 117 3.32 4.17 -9.27
C ILE A 117 4.80 4.56 -9.32
N THR A 118 5.51 4.27 -8.23
CA THR A 118 6.93 4.59 -8.16
C THR A 118 7.65 3.58 -7.27
N HIS A 119 8.50 2.76 -7.88
CA HIS A 119 9.24 1.75 -7.14
C HIS A 119 10.46 1.29 -7.92
N GLU A 120 11.48 0.81 -7.20
CA GLU A 120 12.70 0.32 -7.83
C GLU A 120 12.59 -1.17 -8.11
N GLN A 121 11.79 -1.86 -7.30
CA GLN A 121 11.57 -3.29 -7.44
C GLN A 121 10.08 -3.60 -7.37
N LEU A 122 9.56 -4.27 -8.40
CA LEU A 122 8.13 -4.60 -8.44
C LEU A 122 7.92 -6.08 -8.72
N ALA A 123 6.83 -6.63 -8.20
CA ALA A 123 6.48 -8.02 -8.40
C ALA A 123 4.98 -8.17 -8.57
N MET A 124 4.56 -8.77 -9.67
CA MET A 124 3.14 -8.95 -9.96
C MET A 124 2.71 -10.39 -9.74
N GLU A 125 1.79 -10.60 -8.81
CA GLU A 125 1.27 -11.93 -8.49
C GLU A 125 -0.16 -12.07 -8.98
N THR A 126 -0.57 -13.30 -9.29
CA THR A 126 -1.93 -13.54 -9.77
C THR A 126 -2.94 -12.74 -8.95
N GLY A 127 -3.81 -12.01 -9.65
CA GLY A 127 -4.82 -11.19 -8.98
C GLY A 127 -4.45 -9.72 -9.00
N ALA A 128 -3.29 -9.40 -9.59
CA ALA A 128 -2.84 -8.02 -9.66
C ALA A 128 -3.32 -7.34 -10.95
N PHE A 129 -4.16 -6.31 -10.79
CA PHE A 129 -4.67 -5.54 -11.93
C PHE A 129 -4.46 -4.06 -11.66
N PHE A 130 -3.46 -3.46 -12.31
CA PHE A 130 -3.16 -2.05 -12.07
C PHE A 130 -3.03 -1.26 -13.37
N GLN A 131 -3.98 -0.34 -13.61
CA GLN A 131 -3.90 0.52 -14.77
C GLN A 131 -3.65 1.93 -14.27
N GLY A 132 -2.39 2.34 -14.37
CA GLY A 132 -1.98 3.65 -13.91
C GLY A 132 -0.73 4.08 -14.66
N ARG A 133 -0.25 5.29 -14.41
CA ARG A 133 0.97 5.72 -15.04
C ARG A 133 2.12 5.12 -14.25
N SER A 134 2.78 4.13 -14.84
CA SER A 134 3.88 3.44 -14.16
C SER A 134 5.20 4.14 -14.44
N LEU A 135 5.82 4.67 -13.38
CA LEU A 135 7.10 5.35 -13.49
C LEU A 135 8.24 4.41 -13.15
N LYS A 136 9.01 4.02 -14.16
CA LYS A 136 10.12 3.11 -13.95
C LYS A 136 11.37 3.88 -13.51
N PHE A 137 12.04 3.36 -12.49
CA PHE A 137 13.25 4.00 -11.97
C PHE A 137 14.27 4.19 -13.09
N GLN A 138 14.51 5.44 -13.47
CA GLN A 138 15.46 5.73 -14.53
C GLN A 138 15.83 7.21 -14.53
N ARG A 139 14.88 8.05 -14.13
CA ARG A 139 15.12 9.50 -14.08
C ARG A 139 14.03 10.19 -13.29
N LYS A 37 5.14 -4.40 19.42
CA LYS A 37 4.49 -5.40 18.59
C LYS A 37 4.64 -5.06 17.11
N VAL A 38 5.67 -5.61 16.48
CA VAL A 38 5.91 -5.35 15.07
C VAL A 38 4.62 -5.50 14.26
N ALA A 39 3.73 -6.37 14.74
CA ALA A 39 2.45 -6.59 14.06
C ALA A 39 1.35 -5.79 14.73
N SER A 40 0.57 -5.05 13.93
CA SER A 40 -0.52 -4.24 14.46
C SER A 40 -1.82 -4.52 13.70
N LEU A 41 -2.84 -4.94 14.43
CA LEU A 41 -4.14 -5.25 13.83
C LEU A 41 -5.12 -4.10 14.06
N LEU A 42 -5.44 -3.38 12.99
CA LEU A 42 -6.38 -2.26 13.07
C LEU A 42 -7.71 -2.62 12.43
N SER A 43 -8.76 -2.61 13.24
CA SER A 43 -10.10 -2.95 12.76
C SER A 43 -10.42 -2.16 11.49
N ALA A 44 -11.60 -2.42 10.93
CA ALA A 44 -12.02 -1.73 9.71
C ALA A 44 -12.76 -0.45 10.04
N ASP A 45 -13.36 -0.40 11.22
CA ASP A 45 -14.09 0.78 11.66
C ASP A 45 -13.12 1.90 12.01
N LEU A 46 -11.97 1.91 11.36
CA LEU A 46 -10.94 2.94 11.61
C LEU A 46 -10.62 3.71 10.33
N THR A 47 -10.47 5.02 10.46
CA THR A 47 -10.14 5.89 9.33
C THR A 47 -8.97 6.80 9.68
N ILE A 48 -7.90 6.72 8.89
CA ILE A 48 -6.72 7.54 9.13
C ILE A 48 -6.86 8.89 8.43
N GLU A 49 -6.48 9.97 9.14
CA GLU A 49 -6.55 11.32 8.58
C GLU A 49 -5.27 12.09 8.89
N GLY A 50 -4.79 12.85 7.93
CA GLY A 50 -3.57 13.64 8.11
C GLY A 50 -2.35 12.83 7.68
N GLY A 51 -1.65 12.27 8.67
CA GLY A 51 -0.46 11.47 8.38
C GLY A 51 -0.05 10.64 9.59
N VAL A 52 -0.11 9.31 9.42
CA VAL A 52 0.25 8.39 10.50
C VAL A 52 1.57 7.68 10.18
N THR A 53 2.35 7.36 11.23
CA THR A 53 3.63 6.69 11.05
C THR A 53 3.69 5.42 11.89
N GLY A 54 3.70 4.28 11.21
CA GLY A 54 3.76 2.99 11.90
C GLY A 54 5.19 2.49 12.01
N GLU A 55 5.37 1.19 12.17
CA GLU A 55 6.70 0.62 12.30
C GLU A 55 6.64 -0.91 12.21
N GLY A 56 7.20 -1.45 11.13
CA GLY A 56 7.22 -2.91 10.94
C GLY A 56 6.02 -3.38 10.12
N GLU A 57 5.46 -4.51 10.51
CA GLU A 57 4.31 -5.08 9.81
C GLU A 57 3.02 -4.42 10.27
N LEU A 58 2.37 -3.70 9.35
CA LEU A 58 1.11 -3.02 9.65
C LEU A 58 -0.06 -3.79 9.02
N GLN A 59 -0.83 -4.46 9.87
CA GLN A 59 -2.00 -5.21 9.41
C GLN A 59 -3.26 -4.39 9.62
N ILE A 60 -3.81 -3.87 8.53
CA ILE A 60 -5.02 -3.04 8.62
C ILE A 60 -6.08 -3.48 7.60
N ASP A 61 -7.33 -3.49 8.04
CA ASP A 61 -8.45 -3.86 7.18
C ASP A 61 -9.50 -2.76 7.22
N GLY A 62 -9.04 -1.52 7.00
CA GLY A 62 -9.92 -0.36 7.03
C GLY A 62 -9.58 0.61 5.90
N VAL A 63 -10.01 1.86 6.06
CA VAL A 63 -9.77 2.90 5.05
C VAL A 63 -8.69 3.87 5.54
N VAL A 64 -7.57 3.90 4.82
CA VAL A 64 -6.45 4.77 5.19
C VAL A 64 -6.35 5.97 4.26
N LYS A 65 -6.47 7.17 4.84
CA LYS A 65 -6.38 8.42 4.05
C LYS A 65 -5.29 9.32 4.60
N GLY A 66 -4.52 9.93 3.70
CA GLY A 66 -3.43 10.83 4.09
C GLY A 66 -2.08 10.22 3.80
N ASP A 67 -1.06 10.65 4.54
CA ASP A 67 0.30 10.14 4.36
C ASP A 67 0.52 8.92 5.25
N VAL A 68 1.00 7.83 4.65
CA VAL A 68 1.26 6.60 5.40
C VAL A 68 2.74 6.25 5.35
N ARG A 69 3.36 6.11 6.52
CA ARG A 69 4.79 5.79 6.61
C ARG A 69 5.01 4.58 7.52
N VAL A 70 5.64 3.55 6.98
CA VAL A 70 5.91 2.34 7.77
C VAL A 70 6.89 1.44 7.02
N GLY A 71 7.43 0.44 7.73
CA GLY A 71 8.38 -0.48 7.12
C GLY A 71 7.68 -1.41 6.15
N ARG A 72 6.86 -2.31 6.67
CA ARG A 72 6.11 -3.27 5.85
C ARG A 72 4.61 -2.97 5.93
N LEU A 73 4.01 -2.65 4.79
CA LEU A 73 2.58 -2.34 4.75
C LEU A 73 1.79 -3.54 4.25
N THR A 74 0.75 -3.90 4.99
CA THR A 74 -0.11 -5.03 4.64
C THR A 74 -1.57 -4.58 4.60
N VAL A 75 -2.12 -4.50 3.39
CA VAL A 75 -3.51 -4.08 3.22
C VAL A 75 -4.46 -5.25 3.42
N GLY A 76 -5.22 -5.18 4.50
CA GLY A 76 -6.17 -6.22 4.88
C GLY A 76 -7.08 -6.64 3.72
N GLU A 77 -8.20 -7.28 4.09
CA GLU A 77 -9.16 -7.76 3.10
C GLU A 77 -10.16 -6.69 2.69
N THR A 78 -10.39 -5.67 3.53
CA THR A 78 -11.36 -4.65 3.16
C THR A 78 -10.80 -3.87 1.98
N GLY A 79 -9.49 -3.86 1.88
CA GLY A 79 -8.80 -3.24 0.76
C GLY A 79 -9.13 -1.77 0.55
N HIS A 80 -9.27 -0.96 1.61
CA HIS A 80 -9.57 0.46 1.39
C HIS A 80 -8.33 1.30 1.66
N VAL A 81 -7.82 1.93 0.60
CA VAL A 81 -6.66 2.79 0.72
C VAL A 81 -6.73 3.92 -0.32
N GLU A 82 -6.94 5.15 0.16
CA GLU A 82 -7.02 6.31 -0.75
C GLU A 82 -6.17 7.45 -0.22
N GLY A 83 -5.04 7.69 -0.88
CA GLY A 83 -4.14 8.76 -0.47
C GLY A 83 -2.74 8.51 -1.00
N SER A 84 -1.75 9.09 -0.31
CA SER A 84 -0.34 8.92 -0.69
C SER A 84 0.38 8.11 0.38
N VAL A 85 1.22 7.18 -0.05
CA VAL A 85 1.96 6.34 0.90
C VAL A 85 3.43 6.26 0.54
N TYR A 86 4.27 6.18 1.58
CA TYR A 86 5.72 6.08 1.41
C TYR A 86 6.27 5.01 2.33
N ALA A 87 6.86 3.97 1.76
CA ALA A 87 7.41 2.87 2.56
C ALA A 87 8.56 2.18 1.83
N GLU A 88 9.17 1.21 2.52
CA GLU A 88 10.29 0.46 1.93
C GLU A 88 9.78 -0.80 1.26
N ALA A 89 8.85 -1.48 1.92
CA ALA A 89 8.26 -2.71 1.40
C ALA A 89 6.74 -2.61 1.45
N VAL A 90 6.08 -3.07 0.39
CA VAL A 90 4.62 -3.00 0.32
C VAL A 90 4.01 -4.32 -0.16
N GLU A 91 2.98 -4.78 0.56
CA GLU A 91 2.28 -6.01 0.22
C GLU A 91 0.78 -5.75 0.25
N VAL A 92 0.15 -5.81 -0.92
CA VAL A 92 -1.29 -5.54 -1.02
C VAL A 92 -2.12 -6.82 -1.13
N ARG A 93 -3.28 -6.81 -0.46
CA ARG A 93 -4.21 -7.92 -0.47
C ARG A 93 -5.62 -7.37 -0.67
N GLY A 94 -5.69 -6.15 -1.21
CA GLY A 94 -6.97 -5.48 -1.41
C GLY A 94 -6.86 -4.37 -2.47
N ARG A 95 -7.70 -3.33 -2.35
CA ARG A 95 -7.72 -2.25 -3.36
C ARG A 95 -7.12 -0.94 -2.83
N VAL A 96 -6.32 -0.32 -3.70
CA VAL A 96 -5.65 0.95 -3.41
C VAL A 96 -5.70 1.83 -4.66
N VAL A 97 -6.16 3.07 -4.50
CA VAL A 97 -6.26 4.01 -5.62
C VAL A 97 -5.79 5.40 -5.22
N GLY A 98 -4.63 5.79 -5.72
CA GLY A 98 -4.07 7.10 -5.42
C GLY A 98 -2.62 7.22 -5.92
N ALA A 99 -1.66 7.10 -5.00
CA ALA A 99 -0.25 7.20 -5.36
C ALA A 99 0.62 6.46 -4.34
N ILE A 100 1.70 5.85 -4.81
CA ILE A 100 2.60 5.10 -3.93
C ILE A 100 4.06 5.31 -4.31
N THR A 101 4.91 5.44 -3.30
CA THR A 101 6.35 5.63 -3.50
C THR A 101 7.14 4.70 -2.57
N SER A 102 7.76 3.68 -3.15
CA SER A 102 8.53 2.72 -2.34
C SER A 102 9.64 2.07 -3.17
N LYS A 103 10.57 1.43 -2.48
CA LYS A 103 11.69 0.76 -3.16
C LYS A 103 11.19 -0.51 -3.84
N GLN A 104 10.59 -1.41 -3.07
CA GLN A 104 10.08 -2.66 -3.62
C GLN A 104 8.60 -2.84 -3.27
N VAL A 105 7.81 -3.24 -4.26
CA VAL A 105 6.37 -3.45 -4.06
C VAL A 105 5.95 -4.79 -4.64
N ARG A 106 4.95 -5.41 -4.02
CA ARG A 106 4.44 -6.70 -4.47
C ARG A 106 2.93 -6.70 -4.43
N LEU A 107 2.30 -6.82 -5.60
CA LEU A 107 0.85 -6.83 -5.67
C LEU A 107 0.31 -8.23 -5.39
N TYR A 108 -0.05 -8.46 -4.14
CA TYR A 108 -0.59 -9.75 -3.71
C TYR A 108 -2.13 -9.71 -3.74
N GLY A 109 -2.75 -10.88 -3.76
CA GLY A 109 -4.20 -10.96 -3.75
C GLY A 109 -4.83 -10.17 -4.89
N THR A 110 -6.11 -9.82 -4.71
CA THR A 110 -6.86 -9.04 -5.69
C THR A 110 -6.30 -7.62 -5.78
N SER A 111 -5.00 -7.48 -5.57
CA SER A 111 -4.35 -6.19 -5.58
C SER A 111 -4.82 -5.34 -6.76
N TYR A 112 -5.22 -4.10 -6.45
CA TYR A 112 -5.69 -3.16 -7.47
C TYR A 112 -5.03 -1.80 -7.26
N VAL A 113 -4.15 -1.41 -8.19
CA VAL A 113 -3.47 -0.12 -8.08
C VAL A 113 -3.81 0.75 -9.28
N ASP A 114 -4.38 1.92 -9.01
CA ASP A 114 -4.77 2.86 -10.07
C ASP A 114 -4.31 4.27 -9.72
N GLY A 115 -3.27 4.75 -10.41
CA GLY A 115 -2.76 6.08 -10.16
C GLY A 115 -1.28 6.17 -10.50
N ASP A 116 -0.59 7.12 -9.87
CA ASP A 116 0.84 7.31 -10.13
C ASP A 116 1.67 6.39 -9.22
N ILE A 117 2.48 5.53 -9.85
CA ILE A 117 3.33 4.60 -9.09
C ILE A 117 4.79 4.93 -9.30
N THR A 118 5.58 4.79 -8.23
CA THR A 118 7.01 5.06 -8.28
C THR A 118 7.75 3.95 -7.54
N HIS A 119 8.46 3.11 -8.29
CA HIS A 119 9.19 2.00 -7.69
C HIS A 119 10.34 1.53 -8.57
N GLU A 120 11.35 0.94 -7.94
CA GLU A 120 12.51 0.43 -8.67
C GLU A 120 12.33 -1.07 -8.92
N GLN A 121 11.76 -1.76 -7.93
CA GLN A 121 11.52 -3.20 -8.03
C GLN A 121 10.03 -3.48 -7.83
N LEU A 122 9.45 -4.27 -8.74
CA LEU A 122 8.03 -4.59 -8.66
C LEU A 122 7.78 -6.05 -9.01
N ALA A 123 7.01 -6.73 -8.16
CA ALA A 123 6.66 -8.13 -8.37
C ALA A 123 5.15 -8.27 -8.49
N MET A 124 4.70 -8.89 -9.58
CA MET A 124 3.26 -9.07 -9.80
C MET A 124 2.84 -10.51 -9.52
N GLU A 125 2.03 -10.69 -8.48
CA GLU A 125 1.54 -12.01 -8.11
C GLU A 125 0.10 -12.19 -8.59
N THR A 126 -0.28 -13.45 -8.81
CA THR A 126 -1.64 -13.74 -9.28
C THR A 126 -2.67 -12.90 -8.52
N GLY A 127 -3.48 -12.15 -9.26
CA GLY A 127 -4.51 -11.30 -8.66
C GLY A 127 -4.13 -9.82 -8.73
N ALA A 128 -3.04 -9.53 -9.44
CA ALA A 128 -2.58 -8.15 -9.56
C ALA A 128 -3.17 -7.48 -10.81
N PHE A 129 -3.99 -6.45 -10.60
CA PHE A 129 -4.59 -5.69 -11.71
C PHE A 129 -4.38 -4.20 -11.46
N PHE A 130 -3.43 -3.59 -12.16
CA PHE A 130 -3.16 -2.16 -11.95
C PHE A 130 -3.06 -1.39 -13.25
N GLN A 131 -4.00 -0.47 -13.45
CA GLN A 131 -3.96 0.39 -14.65
C GLN A 131 -3.73 1.82 -14.17
N GLY A 132 -2.49 2.25 -14.28
CA GLY A 132 -2.10 3.59 -13.87
C GLY A 132 -0.84 4.00 -14.60
N ARG A 133 -0.41 5.23 -14.42
CA ARG A 133 0.84 5.65 -15.05
C ARG A 133 1.98 5.17 -14.18
N SER A 134 2.70 4.16 -14.66
CA SER A 134 3.81 3.57 -13.92
C SER A 134 5.13 4.24 -14.27
N LEU A 135 5.88 4.63 -13.25
CA LEU A 135 7.18 5.28 -13.45
C LEU A 135 8.31 4.28 -13.22
N LYS A 136 9.06 3.99 -14.28
CA LYS A 136 10.18 3.05 -14.19
C LYS A 136 11.49 3.80 -13.95
N PHE A 137 12.20 3.42 -12.90
CA PHE A 137 13.48 4.05 -12.57
C PHE A 137 14.54 3.69 -13.61
N GLN A 138 15.15 4.70 -14.20
CA GLN A 138 16.19 4.47 -15.21
C GLN A 138 15.60 3.73 -16.40
N ARG A 139 16.11 4.03 -17.59
CA ARG A 139 15.64 3.38 -18.81
C ARG A 139 15.74 1.87 -18.68
N LYS A 37 5.17 -6.94 18.79
CA LYS A 37 4.10 -5.97 18.54
C LYS A 37 4.20 -5.41 17.13
N VAL A 38 5.31 -5.68 16.47
CA VAL A 38 5.52 -5.19 15.11
C VAL A 38 4.26 -5.39 14.27
N ALA A 39 3.48 -6.41 14.61
CA ALA A 39 2.25 -6.70 13.88
C ALA A 39 1.05 -6.05 14.58
N SER A 40 0.51 -5.01 13.97
CA SER A 40 -0.64 -4.29 14.53
C SER A 40 -1.89 -4.50 13.67
N LEU A 41 -2.97 -4.94 14.31
CA LEU A 41 -4.23 -5.17 13.59
C LEU A 41 -5.19 -3.99 13.80
N LEU A 42 -5.64 -3.40 12.69
CA LEU A 42 -6.56 -2.27 12.74
C LEU A 42 -7.90 -2.62 12.08
N SER A 43 -8.97 -2.57 12.86
CA SER A 43 -10.30 -2.89 12.35
C SER A 43 -10.60 -2.07 11.10
N ALA A 44 -11.85 -2.16 10.64
CA ALA A 44 -12.27 -1.42 9.45
C ALA A 44 -12.79 -0.04 9.81
N ASP A 45 -13.35 0.09 11.00
CA ASP A 45 -13.88 1.37 11.44
C ASP A 45 -12.75 2.36 11.68
N LEU A 46 -11.55 1.99 11.24
CA LEU A 46 -10.38 2.86 11.41
C LEU A 46 -10.15 3.70 10.16
N THR A 47 -9.95 5.00 10.36
CA THR A 47 -9.71 5.94 9.28
C THR A 47 -8.54 6.85 9.61
N ILE A 48 -7.51 6.83 8.78
CA ILE A 48 -6.34 7.67 9.02
C ILE A 48 -6.54 9.06 8.41
N GLU A 49 -6.22 10.08 9.21
CA GLU A 49 -6.36 11.47 8.77
C GLU A 49 -5.05 12.23 8.99
N GLY A 50 -4.54 12.85 7.93
CA GLY A 50 -3.29 13.60 8.02
C GLY A 50 -2.10 12.74 7.63
N GLY A 51 -1.56 12.01 8.60
CA GLY A 51 -0.41 11.15 8.33
C GLY A 51 -0.15 10.21 9.50
N VAL A 52 -0.20 8.91 9.24
CA VAL A 52 0.04 7.91 10.27
C VAL A 52 1.48 7.43 10.24
N THR A 53 2.12 7.39 11.42
CA THR A 53 3.51 6.96 11.54
C THR A 53 3.59 5.53 12.08
N GLY A 54 4.55 4.77 11.58
CA GLY A 54 4.72 3.39 12.02
C GLY A 54 6.11 2.87 11.65
N GLU A 55 6.36 1.60 11.97
CA GLU A 55 7.65 1.00 11.66
C GLU A 55 7.62 -0.50 11.91
N GLY A 56 6.91 -1.23 11.04
CA GLY A 56 6.81 -2.68 11.18
C GLY A 56 5.67 -3.21 10.31
N GLU A 57 5.24 -4.44 10.58
CA GLU A 57 4.17 -5.05 9.81
C GLU A 57 2.83 -4.43 10.19
N LEU A 58 2.22 -3.73 9.23
CA LEU A 58 0.94 -3.06 9.47
C LEU A 58 -0.18 -3.76 8.71
N GLN A 59 -1.03 -4.47 9.45
CA GLN A 59 -2.17 -5.18 8.86
C GLN A 59 -3.43 -4.37 9.11
N ILE A 60 -3.91 -3.67 8.08
CA ILE A 60 -5.10 -2.84 8.21
C ILE A 60 -6.19 -3.23 7.21
N ASP A 61 -7.41 -3.40 7.71
CA ASP A 61 -8.55 -3.74 6.86
C ASP A 61 -9.56 -2.59 6.93
N GLY A 62 -9.05 -1.37 6.74
CA GLY A 62 -9.87 -0.17 6.80
C GLY A 62 -9.50 0.81 5.68
N VAL A 63 -9.87 2.08 5.88
CA VAL A 63 -9.61 3.12 4.88
C VAL A 63 -8.46 4.02 5.34
N VAL A 64 -7.43 4.14 4.50
CA VAL A 64 -6.28 4.97 4.81
C VAL A 64 -6.30 6.26 3.98
N LYS A 65 -6.42 7.39 4.67
CA LYS A 65 -6.45 8.69 4.00
C LYS A 65 -5.36 9.60 4.55
N GLY A 66 -4.50 10.09 3.67
CA GLY A 66 -3.39 10.97 4.05
C GLY A 66 -2.05 10.31 3.76
N ASP A 67 -1.04 10.64 4.56
CA ASP A 67 0.29 10.06 4.37
C ASP A 67 0.43 8.77 5.17
N VAL A 68 1.39 7.94 4.78
CA VAL A 68 1.62 6.67 5.46
C VAL A 68 3.12 6.36 5.51
N ARG A 69 3.64 6.15 6.72
CA ARG A 69 5.06 5.85 6.91
C ARG A 69 5.24 4.59 7.75
N VAL A 70 5.85 3.58 7.17
CA VAL A 70 6.08 2.32 7.88
C VAL A 70 7.06 1.44 7.12
N GLY A 71 7.55 0.38 7.77
CA GLY A 71 8.49 -0.53 7.14
C GLY A 71 7.78 -1.46 6.16
N ARG A 72 6.91 -2.32 6.69
CA ARG A 72 6.15 -3.25 5.86
C ARG A 72 4.65 -2.95 5.97
N LEU A 73 4.04 -2.63 4.83
CA LEU A 73 2.61 -2.30 4.79
C LEU A 73 1.80 -3.44 4.19
N THR A 74 0.90 -4.00 5.00
CA THR A 74 0.03 -5.09 4.54
C THR A 74 -1.41 -4.61 4.49
N VAL A 75 -1.98 -4.60 3.28
CA VAL A 75 -3.36 -4.14 3.10
C VAL A 75 -4.34 -5.25 3.42
N GLY A 76 -5.08 -5.07 4.51
CA GLY A 76 -6.07 -6.04 5.00
C GLY A 76 -7.03 -6.51 3.92
N GLU A 77 -8.15 -7.09 4.37
CA GLU A 77 -9.16 -7.64 3.47
C GLU A 77 -10.14 -6.57 2.98
N THR A 78 -10.34 -5.50 3.75
CA THR A 78 -11.29 -4.48 3.30
C THR A 78 -10.72 -3.79 2.07
N GLY A 79 -9.41 -3.83 1.96
CA GLY A 79 -8.73 -3.30 0.80
C GLY A 79 -9.04 -1.83 0.52
N HIS A 80 -9.16 -0.98 1.54
CA HIS A 80 -9.44 0.44 1.25
C HIS A 80 -8.20 1.28 1.55
N VAL A 81 -7.62 1.86 0.49
CA VAL A 81 -6.45 2.70 0.65
C VAL A 81 -6.45 3.82 -0.40
N GLU A 82 -6.60 5.06 0.06
CA GLU A 82 -6.62 6.21 -0.85
C GLU A 82 -5.80 7.36 -0.28
N GLY A 83 -4.65 7.63 -0.87
CA GLY A 83 -3.79 8.71 -0.41
C GLY A 83 -2.35 8.51 -0.89
N SER A 84 -1.41 9.12 -0.18
CA SER A 84 0.01 9.01 -0.53
C SER A 84 0.69 8.03 0.42
N VAL A 85 1.19 6.92 -0.13
CA VAL A 85 1.85 5.90 0.68
C VAL A 85 3.36 6.00 0.56
N TYR A 86 4.04 5.84 1.70
CA TYR A 86 5.50 5.90 1.75
C TYR A 86 6.03 4.78 2.63
N ALA A 87 6.81 3.87 2.05
CA ALA A 87 7.35 2.76 2.81
C ALA A 87 8.43 2.01 2.03
N GLU A 88 9.01 1.00 2.67
CA GLU A 88 10.06 0.21 2.03
C GLU A 88 9.45 -0.91 1.19
N ALA A 89 8.63 -1.74 1.83
CA ALA A 89 7.97 -2.86 1.15
C ALA A 89 6.48 -2.83 1.44
N VAL A 90 5.69 -3.31 0.49
CA VAL A 90 4.23 -3.32 0.66
C VAL A 90 3.60 -4.53 -0.02
N GLU A 91 2.86 -5.31 0.77
CA GLU A 91 2.17 -6.50 0.26
C GLU A 91 0.66 -6.24 0.26
N VAL A 92 0.11 -6.06 -0.93
CA VAL A 92 -1.33 -5.78 -1.06
C VAL A 92 -2.17 -7.04 -1.10
N ARG A 93 -3.31 -7.00 -0.40
CA ARG A 93 -4.25 -8.11 -0.35
C ARG A 93 -5.65 -7.54 -0.56
N GLY A 94 -5.69 -6.33 -1.14
CA GLY A 94 -6.95 -5.64 -1.39
C GLY A 94 -6.77 -4.57 -2.47
N ARG A 95 -7.61 -3.53 -2.47
CA ARG A 95 -7.51 -2.48 -3.52
C ARG A 95 -7.01 -1.13 -2.99
N VAL A 96 -6.07 -0.56 -3.73
CA VAL A 96 -5.49 0.74 -3.41
C VAL A 96 -5.61 1.66 -4.61
N VAL A 97 -6.16 2.86 -4.39
CA VAL A 97 -6.34 3.83 -5.46
C VAL A 97 -5.88 5.21 -5.03
N GLY A 98 -4.82 5.70 -5.68
CA GLY A 98 -4.28 7.02 -5.36
C GLY A 98 -2.84 7.15 -5.85
N ALA A 99 -1.89 6.89 -4.96
CA ALA A 99 -0.48 6.98 -5.31
C ALA A 99 0.38 6.30 -4.23
N ILE A 100 1.49 5.71 -4.66
CA ILE A 100 2.37 5.02 -3.70
C ILE A 100 3.84 5.18 -4.10
N THR A 101 4.69 5.32 -3.10
CA THR A 101 6.14 5.47 -3.31
C THR A 101 6.90 4.56 -2.37
N SER A 102 7.66 3.61 -2.95
CA SER A 102 8.41 2.67 -2.12
C SER A 102 9.58 2.07 -2.89
N LYS A 103 10.36 1.24 -2.19
CA LYS A 103 11.52 0.60 -2.79
C LYS A 103 11.10 -0.71 -3.46
N GLN A 104 10.03 -1.33 -2.96
CA GLN A 104 9.55 -2.59 -3.53
C GLN A 104 8.06 -2.76 -3.27
N VAL A 105 7.33 -3.20 -4.28
CA VAL A 105 5.89 -3.41 -4.15
C VAL A 105 5.48 -4.76 -4.74
N ARG A 106 4.91 -5.61 -3.88
CA ARG A 106 4.46 -6.94 -4.29
C ARG A 106 2.93 -6.98 -4.33
N LEU A 107 2.37 -7.08 -5.53
CA LEU A 107 0.92 -7.11 -5.66
C LEU A 107 0.37 -8.51 -5.39
N TYR A 108 -0.03 -8.73 -4.14
CA TYR A 108 -0.61 -10.01 -3.73
C TYR A 108 -2.14 -9.94 -3.77
N GLY A 109 -2.79 -11.09 -3.79
CA GLY A 109 -4.24 -11.13 -3.79
C GLY A 109 -4.85 -10.30 -4.92
N THR A 110 -6.12 -9.95 -4.74
CA THR A 110 -6.87 -9.15 -5.71
C THR A 110 -6.30 -7.74 -5.81
N SER A 111 -4.98 -7.62 -5.64
CA SER A 111 -4.35 -6.32 -5.67
C SER A 111 -4.85 -5.47 -6.84
N TYR A 112 -5.28 -4.25 -6.52
CA TYR A 112 -5.80 -3.32 -7.52
C TYR A 112 -5.14 -1.96 -7.32
N VAL A 113 -4.28 -1.58 -8.26
CA VAL A 113 -3.58 -0.30 -8.18
C VAL A 113 -4.00 0.63 -9.31
N ASP A 114 -4.57 1.77 -8.96
CA ASP A 114 -5.02 2.75 -9.96
C ASP A 114 -4.57 4.15 -9.57
N GLY A 115 -3.52 4.63 -10.23
CA GLY A 115 -3.00 5.96 -9.94
C GLY A 115 -1.53 6.08 -10.34
N ASP A 116 -0.81 7.00 -9.69
CA ASP A 116 0.60 7.22 -9.99
C ASP A 116 1.49 6.34 -9.11
N ILE A 117 2.42 5.61 -9.74
CA ILE A 117 3.34 4.73 -9.01
C ILE A 117 4.79 5.16 -9.22
N THR A 118 5.58 5.03 -8.16
CA THR A 118 6.99 5.38 -8.22
C THR A 118 7.80 4.43 -7.33
N HIS A 119 8.48 3.48 -7.97
CA HIS A 119 9.29 2.51 -7.25
C HIS A 119 10.48 2.06 -8.10
N GLU A 120 11.42 1.36 -7.47
CA GLU A 120 12.61 0.87 -8.17
C GLU A 120 12.48 -0.62 -8.46
N GLN A 121 11.72 -1.32 -7.62
CA GLN A 121 11.50 -2.75 -7.78
C GLN A 121 10.01 -3.08 -7.67
N LEU A 122 9.56 -4.03 -8.47
CA LEU A 122 8.14 -4.41 -8.45
C LEU A 122 7.96 -5.89 -8.83
N ALA A 123 6.94 -6.50 -8.26
CA ALA A 123 6.63 -7.90 -8.54
C ALA A 123 5.13 -8.11 -8.53
N MET A 124 4.61 -8.82 -9.53
CA MET A 124 3.17 -9.07 -9.63
C MET A 124 2.86 -10.56 -9.50
N GLU A 125 1.82 -10.87 -8.73
CA GLU A 125 1.39 -12.26 -8.52
C GLU A 125 -0.08 -12.42 -8.89
N THR A 126 -0.55 -13.66 -8.92
CA THR A 126 -1.95 -13.92 -9.27
C THR A 126 -2.86 -12.95 -8.54
N GLY A 127 -3.87 -12.45 -9.25
CA GLY A 127 -4.81 -11.51 -8.67
C GLY A 127 -4.25 -10.09 -8.73
N ALA A 128 -3.14 -9.94 -9.45
CA ALA A 128 -2.50 -8.63 -9.59
C ALA A 128 -3.07 -7.86 -10.77
N PHE A 129 -3.71 -6.73 -10.49
CA PHE A 129 -4.28 -5.87 -11.52
C PHE A 129 -3.79 -4.44 -11.31
N PHE A 130 -2.94 -3.95 -12.21
CA PHE A 130 -2.41 -2.59 -12.07
C PHE A 130 -2.55 -1.78 -13.36
N GLN A 131 -3.46 -0.80 -13.34
CA GLN A 131 -3.62 0.08 -14.49
C GLN A 131 -3.62 1.52 -13.98
N GLY A 132 -2.47 2.14 -14.12
CA GLY A 132 -2.26 3.51 -13.71
C GLY A 132 -1.06 4.06 -14.47
N ARG A 133 -0.74 5.32 -14.26
CA ARG A 133 0.44 5.86 -14.93
C ARG A 133 1.65 5.43 -14.12
N SER A 134 2.41 4.49 -14.70
CA SER A 134 3.59 3.95 -14.02
C SER A 134 4.80 4.83 -14.31
N LEU A 135 5.73 4.87 -13.36
CA LEU A 135 6.95 5.67 -13.50
C LEU A 135 8.18 4.75 -13.48
N LYS A 136 8.88 4.70 -14.60
CA LYS A 136 10.07 3.85 -14.70
C LYS A 136 11.27 4.55 -14.08
N PHE A 137 11.90 3.86 -13.13
CA PHE A 137 13.07 4.41 -12.46
C PHE A 137 14.21 4.64 -13.44
N GLN A 138 14.68 5.89 -13.53
CA GLN A 138 15.77 6.21 -14.44
C GLN A 138 17.00 5.39 -14.11
N ARG A 139 18.12 6.05 -13.83
CA ARG A 139 19.36 5.36 -13.50
C ARG A 139 19.40 5.01 -12.02
N LYS A 37 9.52 -7.19 17.77
CA LYS A 37 8.98 -6.64 16.53
C LYS A 37 7.61 -6.02 16.76
N VAL A 38 7.44 -4.77 16.34
CA VAL A 38 6.16 -4.09 16.51
C VAL A 38 5.15 -4.54 15.45
N ALA A 39 3.97 -4.93 15.90
CA ALA A 39 2.91 -5.40 14.99
C ALA A 39 1.56 -4.87 15.43
N SER A 40 0.87 -4.17 14.52
CA SER A 40 -0.45 -3.61 14.83
C SER A 40 -1.51 -4.22 13.92
N LEU A 41 -2.77 -4.20 14.37
CA LEU A 41 -3.88 -4.74 13.60
C LEU A 41 -5.10 -3.84 13.70
N LEU A 42 -5.43 -3.16 12.60
CA LEU A 42 -6.58 -2.26 12.58
C LEU A 42 -7.79 -2.97 11.97
N SER A 43 -8.94 -2.89 12.66
CA SER A 43 -10.16 -3.53 12.18
C SER A 43 -10.72 -2.79 10.98
N ALA A 44 -11.98 -3.06 10.64
CA ALA A 44 -12.63 -2.42 9.51
C ALA A 44 -13.11 -1.03 9.87
N ASP A 45 -13.54 -0.85 11.11
CA ASP A 45 -14.04 0.44 11.56
C ASP A 45 -12.88 1.38 11.86
N LEU A 46 -11.77 1.19 11.16
CA LEU A 46 -10.58 2.03 11.36
C LEU A 46 -10.36 2.92 10.13
N THR A 47 -10.43 4.23 10.34
CA THR A 47 -10.24 5.20 9.27
C THR A 47 -9.14 6.18 9.63
N ILE A 48 -8.10 6.24 8.79
CA ILE A 48 -6.98 7.14 9.05
C ILE A 48 -7.25 8.53 8.49
N GLU A 49 -6.77 9.54 9.20
CA GLU A 49 -6.96 10.94 8.78
C GLU A 49 -5.66 11.72 8.94
N GLY A 50 -5.38 12.59 7.97
CA GLY A 50 -4.17 13.40 8.02
C GLY A 50 -2.94 12.58 7.63
N GLY A 51 -2.21 12.09 8.62
CA GLY A 51 -1.02 11.29 8.35
C GLY A 51 -0.49 10.66 9.63
N VAL A 52 -0.21 9.35 9.57
CA VAL A 52 0.31 8.62 10.73
C VAL A 52 1.62 7.92 10.37
N THR A 53 2.62 8.05 11.25
CA THR A 53 3.92 7.43 11.03
C THR A 53 4.09 6.22 11.94
N GLY A 54 5.15 5.44 11.69
CA GLY A 54 5.42 4.25 12.48
C GLY A 54 6.84 3.75 12.21
N GLU A 55 7.11 2.51 12.60
CA GLU A 55 8.43 1.92 12.39
C GLU A 55 8.41 0.43 12.70
N GLY A 56 7.77 -0.34 11.84
CA GLY A 56 7.69 -1.78 12.05
C GLY A 56 6.67 -2.40 11.10
N GLU A 57 6.00 -3.46 11.57
CA GLU A 57 5.00 -4.15 10.77
C GLU A 57 3.61 -3.57 11.03
N LEU A 58 2.97 -3.05 9.98
CA LEU A 58 1.64 -2.46 10.10
C LEU A 58 0.64 -3.21 9.21
N GLN A 59 -0.23 -3.99 9.85
CA GLN A 59 -1.24 -4.75 9.12
C GLN A 59 -2.60 -4.06 9.30
N ILE A 60 -3.03 -3.34 8.28
CA ILE A 60 -4.30 -2.61 8.34
C ILE A 60 -5.35 -3.21 7.40
N ASP A 61 -6.57 -3.31 7.92
CA ASP A 61 -7.69 -3.83 7.15
C ASP A 61 -8.85 -2.83 7.22
N GLY A 62 -8.60 -1.65 6.67
CA GLY A 62 -9.59 -0.58 6.70
C GLY A 62 -9.39 0.42 5.56
N VAL A 63 -9.93 1.62 5.75
CA VAL A 63 -9.83 2.68 4.74
C VAL A 63 -8.86 3.76 5.21
N VAL A 64 -7.81 3.97 4.42
CA VAL A 64 -6.78 4.97 4.76
C VAL A 64 -7.00 6.26 3.96
N LYS A 65 -7.11 7.39 4.68
CA LYS A 65 -7.31 8.69 4.05
C LYS A 65 -6.22 9.66 4.48
N GLY A 66 -5.14 9.72 3.72
CA GLY A 66 -4.02 10.61 4.05
C GLY A 66 -2.69 9.97 3.67
N ASP A 67 -1.65 10.30 4.43
CA ASP A 67 -0.31 9.75 4.18
C ASP A 67 0.07 8.73 5.25
N VAL A 68 0.97 7.82 4.90
CA VAL A 68 1.41 6.78 5.83
C VAL A 68 2.91 6.53 5.69
N ARG A 69 3.60 6.45 6.82
CA ARG A 69 5.05 6.21 6.84
C ARG A 69 5.39 5.05 7.76
N VAL A 70 5.98 4.00 7.20
CA VAL A 70 6.35 2.82 7.98
C VAL A 70 7.27 1.90 7.17
N GLY A 71 7.83 0.89 7.84
CA GLY A 71 8.71 -0.05 7.16
C GLY A 71 7.92 -0.99 6.26
N ARG A 72 7.05 -1.80 6.86
CA ARG A 72 6.22 -2.74 6.10
C ARG A 72 4.75 -2.36 6.22
N LEU A 73 4.04 -2.41 5.09
CA LEU A 73 2.62 -2.06 5.06
C LEU A 73 1.84 -3.07 4.22
N THR A 74 0.86 -3.73 4.82
CA THR A 74 0.04 -4.72 4.12
C THR A 74 -1.44 -4.40 4.26
N VAL A 75 -2.13 -4.25 3.13
CA VAL A 75 -3.57 -3.93 3.15
C VAL A 75 -4.39 -5.23 3.26
N GLY A 76 -5.10 -5.33 4.38
CA GLY A 76 -5.94 -6.49 4.67
C GLY A 76 -6.94 -6.79 3.57
N GLU A 77 -8.00 -7.49 3.93
CA GLU A 77 -9.03 -7.88 2.98
C GLU A 77 -10.03 -6.76 2.70
N THR A 78 -10.06 -5.72 3.53
CA THR A 78 -11.01 -4.63 3.28
C THR A 78 -10.60 -3.91 2.00
N GLY A 79 -9.31 -3.96 1.71
CA GLY A 79 -8.78 -3.40 0.48
C GLY A 79 -9.12 -1.94 0.26
N HIS A 80 -9.13 -1.10 1.30
CA HIS A 80 -9.43 0.31 1.09
C HIS A 80 -8.22 1.17 1.44
N VAL A 81 -7.67 1.82 0.41
CA VAL A 81 -6.51 2.70 0.59
C VAL A 81 -6.56 3.86 -0.38
N GLU A 82 -6.70 5.08 0.14
CA GLU A 82 -6.75 6.27 -0.70
C GLU A 82 -5.89 7.38 -0.12
N GLY A 83 -4.75 7.64 -0.76
CA GLY A 83 -3.84 8.68 -0.30
C GLY A 83 -2.43 8.45 -0.84
N SER A 84 -1.44 8.98 -0.13
CA SER A 84 -0.04 8.82 -0.52
C SER A 84 0.63 7.78 0.39
N VAL A 85 1.05 6.66 -0.19
CA VAL A 85 1.68 5.61 0.60
C VAL A 85 3.20 5.68 0.51
N TYR A 86 3.84 5.84 1.66
CA TYR A 86 5.30 5.91 1.74
C TYR A 86 5.82 4.79 2.63
N ALA A 87 6.61 3.89 2.05
CA ALA A 87 7.16 2.77 2.81
C ALA A 87 8.32 2.13 2.06
N GLU A 88 8.93 1.12 2.67
CA GLU A 88 10.06 0.44 2.05
C GLU A 88 9.57 -0.80 1.28
N ALA A 89 8.61 -1.51 1.87
CA ALA A 89 8.06 -2.71 1.24
C ALA A 89 6.58 -2.85 1.60
N VAL A 90 5.76 -3.23 0.63
CA VAL A 90 4.32 -3.38 0.89
C VAL A 90 3.72 -4.57 0.13
N GLU A 91 2.78 -5.24 0.78
CA GLU A 91 2.08 -6.39 0.20
C GLU A 91 0.60 -6.06 0.05
N VAL A 92 0.11 -6.06 -1.19
CA VAL A 92 -1.29 -5.73 -1.45
C VAL A 92 -2.16 -6.98 -1.59
N ARG A 93 -3.28 -6.98 -0.86
CA ARG A 93 -4.24 -8.09 -0.90
C ARG A 93 -5.64 -7.54 -1.10
N GLY A 94 -5.71 -6.31 -1.62
CA GLY A 94 -7.00 -5.65 -1.82
C GLY A 94 -6.90 -4.51 -2.84
N ARG A 95 -7.74 -3.48 -2.68
CA ARG A 95 -7.78 -2.37 -3.64
C ARG A 95 -7.16 -1.08 -3.08
N VAL A 96 -6.24 -0.52 -3.87
CA VAL A 96 -5.55 0.72 -3.51
C VAL A 96 -5.49 1.67 -4.71
N VAL A 97 -5.87 2.92 -4.50
CA VAL A 97 -5.85 3.93 -5.56
C VAL A 97 -5.35 5.26 -5.03
N GLY A 98 -4.38 5.85 -5.74
CA GLY A 98 -3.82 7.13 -5.33
C GLY A 98 -2.36 7.24 -5.76
N ALA A 99 -1.46 6.89 -4.85
CA ALA A 99 -0.03 6.96 -5.14
C ALA A 99 0.75 6.07 -4.19
N ILE A 100 1.89 5.54 -4.66
CA ILE A 100 2.71 4.67 -3.83
C ILE A 100 4.19 4.85 -4.17
N THR A 101 5.01 5.00 -3.13
CA THR A 101 6.45 5.16 -3.32
C THR A 101 7.21 4.25 -2.35
N SER A 102 7.90 3.26 -2.90
CA SER A 102 8.65 2.33 -2.06
C SER A 102 9.74 1.62 -2.87
N LYS A 103 10.48 0.75 -2.19
CA LYS A 103 11.55 0.01 -2.84
C LYS A 103 11.00 -1.20 -3.59
N GLN A 104 10.27 -2.06 -2.88
CA GLN A 104 9.68 -3.25 -3.48
C GLN A 104 8.20 -3.36 -3.16
N VAL A 105 7.41 -3.84 -4.11
CA VAL A 105 5.97 -3.97 -3.89
C VAL A 105 5.42 -5.16 -4.70
N ARG A 106 4.76 -6.08 -4.00
CA ARG A 106 4.18 -7.27 -4.64
C ARG A 106 2.65 -7.16 -4.65
N LEU A 107 2.04 -7.46 -5.79
CA LEU A 107 0.57 -7.38 -5.90
C LEU A 107 -0.09 -8.74 -5.67
N TYR A 108 -0.49 -8.98 -4.41
CA TYR A 108 -1.18 -10.22 -4.05
C TYR A 108 -2.69 -10.02 -4.05
N GLY A 109 -3.43 -11.12 -4.12
CA GLY A 109 -4.88 -11.06 -4.09
C GLY A 109 -5.45 -10.12 -5.15
N THR A 110 -6.64 -9.59 -4.85
CA THR A 110 -7.34 -8.66 -5.74
C THR A 110 -6.57 -7.34 -5.86
N SER A 111 -5.24 -7.43 -5.79
CA SER A 111 -4.41 -6.24 -5.88
C SER A 111 -4.87 -5.34 -7.01
N TYR A 112 -5.01 -4.05 -6.70
CA TYR A 112 -5.46 -3.07 -7.68
C TYR A 112 -4.79 -1.72 -7.43
N VAL A 113 -3.91 -1.30 -8.34
CA VAL A 113 -3.21 -0.02 -8.18
C VAL A 113 -3.60 0.94 -9.30
N ASP A 114 -4.12 2.12 -8.91
CA ASP A 114 -4.53 3.13 -9.88
C ASP A 114 -4.01 4.51 -9.48
N GLY A 115 -3.07 5.04 -10.25
CA GLY A 115 -2.50 6.36 -9.95
C GLY A 115 -1.00 6.40 -10.29
N ASP A 116 -0.27 7.26 -9.59
CA ASP A 116 1.17 7.38 -9.82
C ASP A 116 1.92 6.36 -8.99
N ILE A 117 2.70 5.51 -9.66
CA ILE A 117 3.47 4.46 -8.98
C ILE A 117 4.97 4.70 -9.15
N THR A 118 5.72 4.42 -8.08
CA THR A 118 7.17 4.58 -8.09
C THR A 118 7.83 3.46 -7.31
N HIS A 119 8.24 2.41 -8.01
CA HIS A 119 8.88 1.25 -7.38
C HIS A 119 10.09 0.79 -8.18
N GLU A 120 11.13 0.37 -7.46
CA GLU A 120 12.35 -0.10 -8.11
C GLU A 120 12.14 -1.53 -8.63
N GLN A 121 11.66 -2.40 -7.75
CA GLN A 121 11.39 -3.80 -8.11
C GLN A 121 9.92 -4.12 -7.84
N LEU A 122 9.24 -4.68 -8.84
CA LEU A 122 7.83 -5.01 -8.71
C LEU A 122 7.58 -6.48 -9.02
N ALA A 123 6.57 -7.05 -8.36
CA ALA A 123 6.20 -8.45 -8.56
C ALA A 123 4.69 -8.56 -8.69
N MET A 124 4.23 -9.11 -9.82
CA MET A 124 2.79 -9.26 -10.06
C MET A 124 2.36 -10.71 -9.89
N GLU A 125 1.31 -10.91 -9.09
CA GLU A 125 0.76 -12.25 -8.85
C GLU A 125 -0.70 -12.29 -9.25
N THR A 126 -1.19 -13.49 -9.55
CA THR A 126 -2.59 -13.66 -9.95
C THR A 126 -3.51 -12.77 -9.11
N GLY A 127 -4.24 -11.89 -9.78
CA GLY A 127 -5.16 -10.98 -9.08
C GLY A 127 -4.66 -9.54 -9.11
N ALA A 128 -3.56 -9.31 -9.82
CA ALA A 128 -2.99 -7.97 -9.92
C ALA A 128 -3.54 -7.22 -11.13
N PHE A 129 -4.27 -6.13 -10.88
CA PHE A 129 -4.82 -5.30 -11.97
C PHE A 129 -4.50 -3.84 -11.69
N PHE A 130 -3.52 -3.28 -12.39
CA PHE A 130 -3.15 -1.88 -12.16
C PHE A 130 -3.04 -1.09 -13.45
N GLN A 131 -3.91 -0.08 -13.58
CA GLN A 131 -3.87 0.81 -14.75
C GLN A 131 -3.70 2.22 -14.23
N GLY A 132 -2.47 2.69 -14.28
CA GLY A 132 -2.11 4.02 -13.81
C GLY A 132 -0.84 4.46 -14.51
N ARG A 133 -0.40 5.69 -14.27
CA ARG A 133 0.84 6.12 -14.86
C ARG A 133 1.97 5.61 -13.97
N SER A 134 2.68 4.61 -14.48
CA SER A 134 3.77 4.00 -13.73
C SER A 134 5.10 4.65 -14.07
N LEU A 135 5.85 5.04 -13.04
CA LEU A 135 7.15 5.68 -13.24
C LEU A 135 8.27 4.66 -13.16
N LYS A 136 9.12 4.63 -14.19
CA LYS A 136 10.23 3.68 -14.23
C LYS A 136 11.43 4.25 -13.47
N PHE A 137 12.11 3.38 -12.73
CA PHE A 137 13.28 3.80 -11.97
C PHE A 137 14.43 4.18 -12.91
N GLN A 138 15.16 5.23 -12.56
CA GLN A 138 16.29 5.68 -13.37
C GLN A 138 15.81 6.03 -14.78
N ARG A 139 15.61 7.31 -15.03
CA ARG A 139 15.15 7.77 -16.34
C ARG A 139 14.02 6.89 -16.85
N LYS A 37 6.50 -1.86 19.61
CA LYS A 37 5.58 -2.78 18.95
C LYS A 37 6.16 -3.27 17.63
N VAL A 38 6.48 -4.56 17.56
CA VAL A 38 7.04 -5.14 16.34
C VAL A 38 5.98 -5.17 15.25
N ALA A 39 4.72 -5.32 15.64
CA ALA A 39 3.62 -5.37 14.69
C ALA A 39 2.32 -4.96 15.37
N SER A 40 1.30 -4.62 14.57
CA SER A 40 0.01 -4.21 15.12
C SER A 40 -1.11 -4.39 14.09
N LEU A 41 -2.29 -4.77 14.57
CA LEU A 41 -3.45 -4.98 13.70
C LEU A 41 -4.42 -3.80 13.81
N LEU A 42 -4.67 -3.13 12.68
CA LEU A 42 -5.58 -1.98 12.66
C LEU A 42 -6.96 -2.42 12.18
N SER A 43 -7.93 -2.41 13.10
CA SER A 43 -9.29 -2.80 12.77
C SER A 43 -9.77 -2.11 11.51
N ALA A 44 -11.01 -2.41 11.11
CA ALA A 44 -11.60 -1.82 9.91
C ALA A 44 -12.29 -0.50 10.24
N ASP A 45 -12.84 -0.40 11.45
CA ASP A 45 -13.53 0.81 11.87
C ASP A 45 -12.54 1.94 12.10
N LEU A 46 -11.42 1.92 11.36
CA LEU A 46 -10.39 2.96 11.50
C LEU A 46 -10.17 3.68 10.17
N THR A 47 -10.00 5.00 10.28
CA THR A 47 -9.76 5.85 9.12
C THR A 47 -8.58 6.78 9.38
N ILE A 48 -7.57 6.71 8.53
CA ILE A 48 -6.39 7.56 8.71
C ILE A 48 -6.58 8.91 8.04
N GLU A 49 -6.15 9.97 8.74
CA GLU A 49 -6.28 11.33 8.23
C GLU A 49 -4.98 12.11 8.46
N GLY A 50 -4.59 12.92 7.48
CA GLY A 50 -3.37 13.69 7.58
C GLY A 50 -2.15 12.82 7.29
N GLY A 51 -1.70 12.08 8.30
CA GLY A 51 -0.56 11.20 8.13
C GLY A 51 -0.07 10.67 9.48
N VAL A 52 0.28 9.39 9.50
CA VAL A 52 0.77 8.76 10.73
C VAL A 52 1.84 7.72 10.42
N THR A 53 2.78 7.55 11.35
CA THR A 53 3.87 6.59 11.17
C THR A 53 3.68 5.41 12.13
N GLY A 54 4.50 4.37 11.95
CA GLY A 54 4.40 3.19 12.81
C GLY A 54 5.72 2.42 12.83
N GLU A 55 6.30 2.21 11.64
CA GLU A 55 7.55 1.48 11.55
C GLU A 55 7.40 0.06 12.09
N GLY A 56 6.99 -0.86 11.22
CA GLY A 56 6.80 -2.25 11.64
C GLY A 56 5.81 -2.95 10.71
N GLU A 57 5.55 -4.23 11.00
CA GLU A 57 4.62 -5.02 10.19
C GLU A 57 3.22 -4.96 10.78
N LEU A 58 2.30 -4.35 10.04
CA LEU A 58 0.91 -4.24 10.52
C LEU A 58 -0.09 -4.57 9.41
N GLN A 59 -1.23 -5.13 9.81
CA GLN A 59 -2.29 -5.50 8.88
C GLN A 59 -3.51 -4.62 9.12
N ILE A 60 -3.86 -3.82 8.11
CA ILE A 60 -5.00 -2.91 8.22
C ILE A 60 -6.11 -3.29 7.24
N ASP A 61 -7.33 -3.42 7.75
CA ASP A 61 -8.49 -3.75 6.92
C ASP A 61 -9.48 -2.60 6.97
N GLY A 62 -8.98 -1.39 6.75
CA GLY A 62 -9.81 -0.19 6.77
C GLY A 62 -9.45 0.76 5.64
N VAL A 63 -9.82 2.04 5.82
CA VAL A 63 -9.56 3.06 4.79
C VAL A 63 -8.42 3.98 5.25
N VAL A 64 -7.32 3.96 4.49
CA VAL A 64 -6.15 4.79 4.82
C VAL A 64 -6.06 6.01 3.91
N LYS A 65 -6.20 7.19 4.50
CA LYS A 65 -6.12 8.45 3.75
C LYS A 65 -5.06 9.37 4.35
N GLY A 66 -4.18 9.90 3.50
CA GLY A 66 -3.13 10.80 3.95
C GLY A 66 -1.74 10.20 3.72
N ASP A 67 -0.72 10.84 4.30
CA ASP A 67 0.66 10.37 4.16
C ASP A 67 1.02 9.43 5.31
N VAL A 68 1.14 8.14 4.99
CA VAL A 68 1.48 7.13 6.01
C VAL A 68 2.87 6.56 5.74
N ARG A 69 3.61 6.30 6.82
CA ARG A 69 4.96 5.73 6.70
C ARG A 69 5.09 4.49 7.57
N VAL A 70 5.68 3.44 7.00
CA VAL A 70 5.86 2.19 7.73
C VAL A 70 6.81 1.26 7.00
N GLY A 71 7.24 0.21 7.69
CA GLY A 71 8.15 -0.76 7.09
C GLY A 71 7.40 -1.75 6.20
N ARG A 72 6.59 -2.59 6.81
CA ARG A 72 5.79 -3.58 6.07
C ARG A 72 4.30 -3.25 6.17
N LEU A 73 3.69 -2.99 5.01
CA LEU A 73 2.27 -2.64 4.96
C LEU A 73 1.47 -3.74 4.26
N THR A 74 0.42 -4.23 4.94
CA THR A 74 -0.43 -5.27 4.37
C THR A 74 -1.87 -4.79 4.33
N VAL A 75 -2.43 -4.68 3.13
CA VAL A 75 -3.80 -4.21 2.97
C VAL A 75 -4.79 -5.35 3.17
N GLY A 76 -5.53 -5.28 4.27
CA GLY A 76 -6.50 -6.30 4.65
C GLY A 76 -7.47 -6.65 3.52
N GLU A 77 -8.60 -7.24 3.91
CA GLU A 77 -9.62 -7.67 2.95
C GLU A 77 -10.58 -6.54 2.55
N THR A 78 -10.72 -5.51 3.39
CA THR A 78 -11.63 -4.43 3.03
C THR A 78 -11.07 -3.70 1.82
N GLY A 79 -9.75 -3.79 1.67
CA GLY A 79 -9.07 -3.23 0.52
C GLY A 79 -9.32 -1.74 0.31
N HIS A 80 -9.37 -0.93 1.37
CA HIS A 80 -9.60 0.50 1.16
C HIS A 80 -8.33 1.28 1.43
N VAL A 81 -7.79 1.87 0.37
CA VAL A 81 -6.57 2.69 0.49
C VAL A 81 -6.59 3.79 -0.55
N GLU A 82 -6.76 5.04 -0.11
CA GLU A 82 -6.78 6.17 -1.03
C GLU A 82 -6.02 7.35 -0.45
N GLY A 83 -4.84 7.61 -1.00
CA GLY A 83 -4.01 8.71 -0.54
C GLY A 83 -2.55 8.48 -0.92
N SER A 84 -1.65 9.09 -0.17
CA SER A 84 -0.21 8.92 -0.41
C SER A 84 0.35 7.93 0.60
N VAL A 85 0.99 6.86 0.10
CA VAL A 85 1.56 5.83 0.97
C VAL A 85 3.03 5.61 0.67
N TYR A 86 3.87 5.81 1.69
CA TYR A 86 5.31 5.63 1.55
C TYR A 86 5.76 4.45 2.42
N ALA A 87 6.41 3.47 1.80
CA ALA A 87 6.87 2.30 2.56
C ALA A 87 8.02 1.60 1.84
N GLU A 88 8.76 0.79 2.59
CA GLU A 88 9.89 0.06 2.03
C GLU A 88 9.41 -1.22 1.37
N ALA A 89 8.50 -1.93 2.05
CA ALA A 89 7.93 -3.17 1.54
C ALA A 89 6.43 -3.17 1.75
N VAL A 90 5.68 -3.63 0.74
CA VAL A 90 4.23 -3.67 0.85
C VAL A 90 3.64 -4.87 0.12
N GLU A 91 2.56 -5.41 0.68
CA GLU A 91 1.87 -6.56 0.11
C GLU A 91 0.36 -6.28 0.10
N VAL A 92 -0.20 -6.08 -1.09
CA VAL A 92 -1.62 -5.77 -1.21
C VAL A 92 -2.48 -7.02 -1.33
N ARG A 93 -3.65 -6.98 -0.71
CA ARG A 93 -4.60 -8.06 -0.74
C ARG A 93 -6.00 -7.49 -0.95
N GLY A 94 -6.04 -6.25 -1.48
CA GLY A 94 -7.29 -5.54 -1.70
C GLY A 94 -7.14 -4.44 -2.74
N ARG A 95 -7.94 -3.38 -2.63
CA ARG A 95 -7.90 -2.28 -3.62
C ARG A 95 -7.26 -1.00 -3.07
N VAL A 96 -6.41 -0.41 -3.91
CA VAL A 96 -5.71 0.83 -3.57
C VAL A 96 -5.63 1.73 -4.80
N VAL A 97 -6.10 2.97 -4.66
CA VAL A 97 -6.07 3.92 -5.77
C VAL A 97 -5.67 5.31 -5.27
N GLY A 98 -4.70 5.92 -5.95
CA GLY A 98 -4.23 7.25 -5.57
C GLY A 98 -2.77 7.43 -5.97
N ALA A 99 -1.87 7.20 -5.02
CA ALA A 99 -0.44 7.35 -5.28
C ALA A 99 0.37 6.56 -4.25
N ILE A 100 1.42 5.88 -4.72
CA ILE A 100 2.27 5.09 -3.83
C ILE A 100 3.75 5.22 -4.23
N THR A 101 4.60 5.33 -3.22
CA THR A 101 6.05 5.44 -3.44
C THR A 101 6.79 4.49 -2.50
N SER A 102 7.36 3.43 -3.05
CA SER A 102 8.09 2.46 -2.23
C SER A 102 9.27 1.87 -2.99
N LYS A 103 10.17 1.23 -2.25
CA LYS A 103 11.35 0.62 -2.84
C LYS A 103 11.04 -0.80 -3.30
N GLN A 104 10.18 -1.49 -2.55
CA GLN A 104 9.79 -2.86 -2.90
C GLN A 104 8.27 -3.02 -2.81
N VAL A 105 7.66 -3.42 -3.92
CA VAL A 105 6.21 -3.60 -3.98
C VAL A 105 5.85 -4.99 -4.48
N ARG A 106 4.77 -5.53 -3.92
CA ARG A 106 4.29 -6.87 -4.30
C ARG A 106 2.77 -6.87 -4.33
N LEU A 107 2.20 -6.92 -5.53
CA LEU A 107 0.74 -6.92 -5.67
C LEU A 107 0.17 -8.31 -5.44
N TYR A 108 -0.27 -8.56 -4.20
CA TYR A 108 -0.86 -9.85 -3.84
C TYR A 108 -2.39 -9.79 -3.95
N GLY A 109 -3.02 -10.95 -3.99
CA GLY A 109 -4.48 -11.02 -4.06
C GLY A 109 -5.03 -10.18 -5.22
N THR A 110 -6.32 -9.87 -5.12
CA THR A 110 -7.03 -9.06 -6.11
C THR A 110 -6.48 -7.64 -6.16
N SER A 111 -5.19 -7.50 -5.90
CA SER A 111 -4.57 -6.17 -5.87
C SER A 111 -5.00 -5.32 -7.06
N TYR A 112 -5.42 -4.10 -6.75
CA TYR A 112 -5.87 -3.15 -7.78
C TYR A 112 -5.18 -1.80 -7.56
N VAL A 113 -4.27 -1.45 -8.46
CA VAL A 113 -3.54 -0.18 -8.36
C VAL A 113 -3.98 0.78 -9.45
N ASP A 114 -4.57 1.91 -9.05
CA ASP A 114 -5.04 2.92 -10.01
C ASP A 114 -4.60 4.31 -9.57
N GLY A 115 -3.56 4.83 -10.22
CA GLY A 115 -3.06 6.17 -9.89
C GLY A 115 -1.60 6.33 -10.31
N ASP A 116 -0.86 7.14 -9.57
CA ASP A 116 0.54 7.37 -9.87
C ASP A 116 1.42 6.38 -9.13
N ILE A 117 2.11 5.52 -9.89
CA ILE A 117 2.99 4.51 -9.31
C ILE A 117 4.45 5.00 -9.33
N THR A 118 5.18 4.67 -8.28
CA THR A 118 6.58 5.08 -8.17
C THR A 118 7.36 4.05 -7.36
N HIS A 119 8.36 3.43 -7.99
CA HIS A 119 9.16 2.42 -7.30
C HIS A 119 10.28 1.90 -8.22
N GLU A 120 11.32 1.36 -7.60
CA GLU A 120 12.44 0.82 -8.34
C GLU A 120 12.27 -0.69 -8.55
N GLN A 121 11.68 -1.35 -7.55
CA GLN A 121 11.45 -2.79 -7.62
C GLN A 121 9.95 -3.09 -7.48
N LEU A 122 9.42 -3.84 -8.45
CA LEU A 122 8.00 -4.19 -8.43
C LEU A 122 7.80 -5.66 -8.75
N ALA A 123 6.83 -6.28 -8.09
CA ALA A 123 6.53 -7.70 -8.29
C ALA A 123 5.03 -7.92 -8.40
N MET A 124 4.61 -8.68 -9.41
CA MET A 124 3.19 -8.95 -9.64
C MET A 124 2.86 -10.42 -9.40
N GLU A 125 2.01 -10.68 -8.41
CA GLU A 125 1.60 -12.03 -8.07
C GLU A 125 0.17 -12.29 -8.57
N THR A 126 -0.20 -13.56 -8.69
CA THR A 126 -1.54 -13.90 -9.15
C THR A 126 -2.59 -12.98 -8.52
N GLY A 127 -3.53 -12.51 -9.34
CA GLY A 127 -4.56 -11.61 -8.85
C GLY A 127 -4.09 -10.16 -8.88
N ALA A 128 -2.94 -9.93 -9.51
CA ALA A 128 -2.37 -8.59 -9.62
C ALA A 128 -2.92 -7.85 -10.84
N PHE A 129 -3.60 -6.75 -10.58
CA PHE A 129 -4.15 -5.90 -11.64
C PHE A 129 -3.68 -4.47 -11.43
N PHE A 130 -2.84 -3.96 -12.33
CA PHE A 130 -2.31 -2.60 -12.19
C PHE A 130 -2.43 -1.81 -13.48
N GLN A 131 -3.34 -0.82 -13.50
CA GLN A 131 -3.48 0.04 -14.66
C GLN A 131 -3.45 1.49 -14.18
N GLY A 132 -2.27 2.09 -14.31
CA GLY A 132 -2.04 3.47 -13.91
C GLY A 132 -0.83 3.98 -14.65
N ARG A 133 -0.49 5.25 -14.46
CA ARG A 133 0.71 5.75 -15.12
C ARG A 133 1.90 5.35 -14.25
N SER A 134 2.68 4.40 -14.76
CA SER A 134 3.83 3.89 -14.03
C SER A 134 5.08 4.70 -14.32
N LEU A 135 5.74 5.18 -13.27
CA LEU A 135 6.96 5.98 -13.41
C LEU A 135 8.20 5.09 -13.28
N LYS A 136 9.06 5.12 -14.28
CA LYS A 136 10.27 4.31 -14.26
C LYS A 136 11.37 5.00 -13.45
N PHE A 137 12.15 4.21 -12.73
CA PHE A 137 13.25 4.75 -11.92
C PHE A 137 14.57 4.64 -12.68
N GLN A 138 15.52 5.51 -12.34
CA GLN A 138 16.82 5.51 -13.00
C GLN A 138 17.86 6.18 -12.12
N ARG A 139 19.07 5.62 -12.10
CA ARG A 139 20.14 6.18 -11.29
C ARG A 139 20.92 7.23 -12.07
N LYS A 37 8.70 -6.47 12.74
CA LYS A 37 8.56 -7.22 13.98
C LYS A 37 7.17 -7.03 14.57
N VAL A 38 6.86 -5.80 14.97
CA VAL A 38 5.55 -5.50 15.54
C VAL A 38 4.46 -5.62 14.48
N ALA A 39 3.56 -6.59 14.69
CA ALA A 39 2.46 -6.82 13.76
C ALA A 39 1.15 -6.26 14.31
N SER A 40 0.90 -4.98 14.02
CA SER A 40 -0.32 -4.34 14.49
C SER A 40 -1.51 -4.75 13.63
N LEU A 41 -2.69 -4.81 14.26
CA LEU A 41 -3.92 -5.20 13.54
C LEU A 41 -5.00 -4.15 13.75
N LEU A 42 -5.30 -3.39 12.69
CA LEU A 42 -6.32 -2.35 12.75
C LEU A 42 -7.60 -2.81 12.06
N SER A 43 -8.71 -2.78 12.79
CA SER A 43 -10.00 -3.21 12.25
C SER A 43 -10.36 -2.34 11.04
N ALA A 44 -11.53 -2.60 10.46
CA ALA A 44 -11.99 -1.84 9.29
C ALA A 44 -12.77 -0.61 9.73
N ASP A 45 -13.27 -0.64 10.97
CA ASP A 45 -14.03 0.50 11.49
C ASP A 45 -13.09 1.64 11.85
N LEU A 46 -11.96 1.72 11.13
CA LEU A 46 -10.97 2.77 11.39
C LEU A 46 -10.65 3.57 10.12
N THR A 47 -10.44 4.87 10.31
CA THR A 47 -10.12 5.76 9.20
C THR A 47 -8.94 6.65 9.60
N ILE A 48 -7.88 6.63 8.79
CA ILE A 48 -6.69 7.45 9.08
C ILE A 48 -6.84 8.85 8.50
N GLU A 49 -6.32 9.83 9.24
CA GLU A 49 -6.37 11.23 8.81
C GLU A 49 -5.02 11.90 9.00
N GLY A 50 -4.64 12.74 8.04
CA GLY A 50 -3.37 13.45 8.11
C GLY A 50 -2.21 12.51 7.76
N GLY A 51 -1.96 11.55 8.64
CA GLY A 51 -0.87 10.60 8.42
C GLY A 51 -0.32 10.08 9.74
N VAL A 52 0.03 8.79 9.77
CA VAL A 52 0.57 8.18 10.98
C VAL A 52 1.81 7.34 10.64
N THR A 53 2.72 7.24 11.61
CA THR A 53 3.95 6.47 11.41
C THR A 53 3.98 5.26 12.34
N GLY A 54 4.65 4.20 11.91
CA GLY A 54 4.74 2.98 12.71
C GLY A 54 5.79 2.02 12.13
N GLU A 55 7.05 2.29 12.41
CA GLU A 55 8.14 1.45 11.92
C GLU A 55 7.90 0.00 12.28
N GLY A 56 7.61 -0.83 11.28
CA GLY A 56 7.37 -2.25 11.50
C GLY A 56 6.29 -2.77 10.56
N GLU A 57 5.71 -3.92 10.89
CA GLU A 57 4.66 -4.51 10.07
C GLU A 57 3.29 -3.97 10.49
N LEU A 58 2.61 -3.30 9.56
CA LEU A 58 1.29 -2.73 9.84
C LEU A 58 0.23 -3.42 8.99
N GLN A 59 -0.59 -4.24 9.63
CA GLN A 59 -1.67 -4.95 8.94
C GLN A 59 -3.00 -4.26 9.24
N ILE A 60 -3.62 -3.70 8.20
CA ILE A 60 -4.89 -2.99 8.38
C ILE A 60 -5.90 -3.38 7.30
N ASP A 61 -7.17 -3.44 7.69
CA ASP A 61 -8.25 -3.79 6.76
C ASP A 61 -9.30 -2.69 6.80
N GLY A 62 -8.86 -1.45 6.57
CA GLY A 62 -9.77 -0.29 6.60
C GLY A 62 -9.43 0.72 5.52
N VAL A 63 -9.89 1.96 5.71
CA VAL A 63 -9.65 3.04 4.74
C VAL A 63 -8.67 4.06 5.32
N VAL A 64 -7.47 4.12 4.74
CA VAL A 64 -6.45 5.07 5.22
C VAL A 64 -6.29 6.24 4.24
N LYS A 65 -6.49 7.46 4.74
CA LYS A 65 -6.36 8.66 3.91
C LYS A 65 -5.37 9.63 4.54
N GLY A 66 -4.28 9.92 3.81
CA GLY A 66 -3.25 10.83 4.29
C GLY A 66 -1.86 10.31 3.95
N ASP A 67 -0.90 10.60 4.82
CA ASP A 67 0.48 10.17 4.62
C ASP A 67 0.81 9.01 5.56
N VAL A 68 1.17 7.87 4.99
CA VAL A 68 1.51 6.69 5.78
C VAL A 68 3.01 6.39 5.68
N ARG A 69 3.66 6.21 6.84
CA ARG A 69 5.09 5.92 6.87
C ARG A 69 5.36 4.68 7.71
N VAL A 70 5.78 3.60 7.04
CA VAL A 70 6.06 2.35 7.73
C VAL A 70 7.01 1.49 6.90
N GLY A 71 7.60 0.48 7.54
CA GLY A 71 8.52 -0.41 6.85
C GLY A 71 7.77 -1.31 5.89
N ARG A 72 6.89 -2.16 6.44
CA ARG A 72 6.09 -3.08 5.63
C ARG A 72 4.61 -2.77 5.78
N LEU A 73 3.93 -2.54 4.65
CA LEU A 73 2.50 -2.22 4.67
C LEU A 73 1.69 -3.36 4.05
N THR A 74 0.84 -3.98 4.88
CA THR A 74 -0.01 -5.09 4.41
C THR A 74 -1.48 -4.65 4.41
N VAL A 75 -2.05 -4.48 3.21
CA VAL A 75 -3.44 -4.05 3.12
C VAL A 75 -4.37 -5.25 3.24
N GLY A 76 -5.29 -5.15 4.21
CA GLY A 76 -6.25 -6.21 4.51
C GLY A 76 -7.21 -6.48 3.36
N GLU A 77 -8.35 -7.08 3.72
CA GLU A 77 -9.38 -7.44 2.74
C GLU A 77 -10.31 -6.27 2.39
N THR A 78 -10.38 -5.25 3.24
CA THR A 78 -11.27 -4.13 2.93
C THR A 78 -10.72 -3.41 1.71
N GLY A 79 -9.41 -3.51 1.53
CA GLY A 79 -8.74 -2.96 0.37
C GLY A 79 -8.99 -1.47 0.15
N HIS A 80 -9.05 -0.65 1.21
CA HIS A 80 -9.28 0.78 0.98
C HIS A 80 -8.03 1.59 1.33
N VAL A 81 -7.44 2.19 0.30
CA VAL A 81 -6.24 3.02 0.49
C VAL A 81 -6.21 4.14 -0.54
N GLU A 82 -6.40 5.38 -0.09
CA GLU A 82 -6.38 6.52 -0.99
C GLU A 82 -5.60 7.68 -0.37
N GLY A 83 -4.42 7.95 -0.92
CA GLY A 83 -3.58 9.03 -0.43
C GLY A 83 -2.13 8.80 -0.86
N SER A 84 -1.19 9.37 -0.11
CA SER A 84 0.23 9.22 -0.40
C SER A 84 0.83 8.18 0.54
N VAL A 85 1.30 7.07 -0.02
CA VAL A 85 1.88 5.99 0.78
C VAL A 85 3.40 5.94 0.62
N TYR A 86 4.10 6.16 1.74
CA TYR A 86 5.57 6.12 1.73
C TYR A 86 6.05 4.96 2.58
N ALA A 87 6.86 4.09 2.00
CA ALA A 87 7.36 2.93 2.73
C ALA A 87 8.48 2.22 1.97
N GLU A 88 9.06 1.20 2.58
CA GLU A 88 10.13 0.43 1.95
C GLU A 88 9.54 -0.68 1.09
N ALA A 89 8.58 -1.39 1.65
CA ALA A 89 7.91 -2.48 0.93
C ALA A 89 6.44 -2.51 1.28
N VAL A 90 5.60 -2.91 0.33
CA VAL A 90 4.15 -2.96 0.57
C VAL A 90 3.50 -4.12 -0.17
N GLU A 91 2.88 -5.02 0.60
CA GLU A 91 2.19 -6.17 0.03
C GLU A 91 0.69 -5.95 0.13
N VAL A 92 0.05 -5.66 -1.00
CA VAL A 92 -1.39 -5.40 -1.00
C VAL A 92 -2.19 -6.66 -1.31
N ARG A 93 -3.37 -6.73 -0.69
CA ARG A 93 -4.29 -7.84 -0.86
C ARG A 93 -5.69 -7.26 -1.12
N GLY A 94 -5.70 -6.01 -1.58
CA GLY A 94 -6.95 -5.30 -1.82
C GLY A 94 -6.77 -4.16 -2.85
N ARG A 95 -7.59 -3.11 -2.74
CA ARG A 95 -7.53 -2.02 -3.71
C ARG A 95 -6.87 -0.74 -3.17
N VAL A 96 -5.97 -0.20 -3.98
CA VAL A 96 -5.25 1.03 -3.68
C VAL A 96 -5.48 2.04 -4.80
N VAL A 97 -6.25 3.08 -4.52
CA VAL A 97 -6.56 4.10 -5.52
C VAL A 97 -6.02 5.46 -5.08
N GLY A 98 -4.96 5.92 -5.74
CA GLY A 98 -4.35 7.19 -5.40
C GLY A 98 -2.91 7.26 -5.89
N ALA A 99 -1.96 7.16 -4.96
CA ALA A 99 -0.55 7.20 -5.31
C ALA A 99 0.29 6.57 -4.21
N ILE A 100 1.39 5.91 -4.60
CA ILE A 100 2.27 5.28 -3.63
C ILE A 100 3.72 5.40 -4.06
N THR A 101 4.62 5.57 -3.08
CA THR A 101 6.05 5.69 -3.35
C THR A 101 6.84 4.81 -2.39
N SER A 102 7.50 3.79 -2.93
CA SER A 102 8.28 2.88 -2.09
C SER A 102 9.39 2.20 -2.89
N LYS A 103 10.29 1.53 -2.18
CA LYS A 103 11.40 0.84 -2.82
C LYS A 103 10.96 -0.48 -3.41
N GLN A 104 10.03 -1.16 -2.74
CA GLN A 104 9.54 -2.45 -3.22
C GLN A 104 8.01 -2.49 -3.22
N VAL A 105 7.44 -3.16 -4.21
CA VAL A 105 5.99 -3.27 -4.32
C VAL A 105 5.60 -4.64 -4.88
N ARG A 106 4.71 -5.32 -4.17
CA ARG A 106 4.25 -6.65 -4.59
C ARG A 106 2.73 -6.70 -4.50
N LEU A 107 2.08 -7.01 -5.63
CA LEU A 107 0.62 -7.07 -5.65
C LEU A 107 0.11 -8.48 -5.39
N TYR A 108 -0.23 -8.73 -4.13
CA TYR A 108 -0.78 -10.02 -3.71
C TYR A 108 -2.31 -9.97 -3.73
N GLY A 109 -2.94 -11.14 -3.75
CA GLY A 109 -4.40 -11.19 -3.74
C GLY A 109 -5.00 -10.59 -5.02
N THR A 110 -6.31 -10.64 -5.11
CA THR A 110 -7.02 -10.07 -6.26
C THR A 110 -6.97 -8.55 -6.20
N SER A 111 -5.92 -8.05 -5.55
CA SER A 111 -5.73 -6.62 -5.36
C SER A 111 -5.79 -5.84 -6.67
N TYR A 112 -5.87 -4.52 -6.55
CA TYR A 112 -5.93 -3.64 -7.71
C TYR A 112 -5.31 -2.29 -7.39
N VAL A 113 -4.57 -1.73 -8.35
CA VAL A 113 -3.93 -0.41 -8.14
C VAL A 113 -4.14 0.47 -9.37
N ASP A 114 -4.75 1.63 -9.15
CA ASP A 114 -5.01 2.58 -10.24
C ASP A 114 -4.63 3.99 -9.81
N GLY A 115 -3.49 4.46 -10.31
CA GLY A 115 -3.02 5.81 -9.99
C GLY A 115 -1.55 5.97 -10.35
N ASP A 116 -0.89 6.94 -9.72
CA ASP A 116 0.52 7.19 -9.99
C ASP A 116 1.40 6.40 -9.04
N ILE A 117 2.26 5.54 -9.60
CA ILE A 117 3.16 4.72 -8.79
C ILE A 117 4.61 5.08 -9.07
N THR A 118 5.42 5.07 -8.02
CA THR A 118 6.84 5.39 -8.14
C THR A 118 7.66 4.41 -7.31
N HIS A 119 8.29 3.45 -7.98
CA HIS A 119 9.09 2.45 -7.28
C HIS A 119 10.29 2.03 -8.12
N GLU A 120 11.24 1.36 -7.47
CA GLU A 120 12.44 0.87 -8.15
C GLU A 120 12.30 -0.61 -8.45
N GLN A 121 11.75 -1.35 -7.48
CA GLN A 121 11.52 -2.79 -7.63
C GLN A 121 10.03 -3.07 -7.53
N LEU A 122 9.53 -3.95 -8.39
CA LEU A 122 8.10 -4.29 -8.39
C LEU A 122 7.89 -5.76 -8.72
N ALA A 123 6.82 -6.33 -8.16
CA ALA A 123 6.49 -7.74 -8.39
C ALA A 123 4.99 -7.89 -8.54
N MET A 124 4.56 -8.85 -9.36
CA MET A 124 3.14 -9.09 -9.60
C MET A 124 2.80 -10.56 -9.40
N GLU A 125 1.91 -10.84 -8.43
CA GLU A 125 1.50 -12.20 -8.15
C GLU A 125 0.05 -12.43 -8.60
N THR A 126 -0.31 -13.68 -8.84
CA THR A 126 -1.67 -14.00 -9.27
C THR A 126 -2.69 -13.20 -8.46
N GLY A 127 -3.44 -12.35 -9.14
CA GLY A 127 -4.46 -11.52 -8.48
C GLY A 127 -4.12 -10.04 -8.58
N ALA A 128 -3.02 -9.73 -9.25
CA ALA A 128 -2.60 -8.34 -9.41
C ALA A 128 -3.18 -7.73 -10.69
N PHE A 129 -4.06 -6.74 -10.54
CA PHE A 129 -4.64 -6.05 -11.70
C PHE A 129 -4.52 -4.55 -11.50
N PHE A 130 -3.55 -3.92 -12.15
CA PHE A 130 -3.34 -2.48 -11.98
C PHE A 130 -3.18 -1.74 -13.29
N GLN A 131 -4.05 -0.77 -13.54
CA GLN A 131 -3.95 0.07 -14.73
C GLN A 131 -3.75 1.50 -14.26
N GLY A 132 -2.50 1.92 -14.29
CA GLY A 132 -2.12 3.26 -13.87
C GLY A 132 -0.83 3.65 -14.53
N ARG A 133 -0.38 4.87 -14.31
CA ARG A 133 0.89 5.28 -14.88
C ARG A 133 1.99 4.77 -13.96
N SER A 134 2.72 3.75 -14.43
CA SER A 134 3.78 3.15 -13.63
C SER A 134 5.13 3.73 -14.00
N LEU A 135 5.79 4.36 -13.03
CA LEU A 135 7.09 4.98 -13.25
C LEU A 135 8.22 4.04 -12.80
N LYS A 136 8.98 3.54 -13.76
CA LYS A 136 10.09 2.63 -13.46
C LYS A 136 11.42 3.40 -13.44
N PHE A 137 12.17 3.24 -12.36
CA PHE A 137 13.45 3.92 -12.22
C PHE A 137 14.51 3.25 -13.09
N GLN A 138 15.64 3.93 -13.26
CA GLN A 138 16.73 3.39 -14.08
C GLN A 138 17.40 2.21 -13.36
N ARG A 139 17.30 1.04 -13.97
CA ARG A 139 17.89 -0.16 -13.39
C ARG A 139 19.42 -0.08 -13.44
N LYS A 37 5.99 -10.12 14.47
CA LYS A 37 6.07 -9.14 15.55
C LYS A 37 5.63 -7.77 15.06
N VAL A 38 5.09 -6.96 15.98
CA VAL A 38 4.63 -5.62 15.64
C VAL A 38 3.62 -5.69 14.49
N ALA A 39 2.68 -6.62 14.59
CA ALA A 39 1.64 -6.78 13.57
C ALA A 39 0.34 -6.13 14.03
N SER A 40 0.26 -4.81 13.92
CA SER A 40 -0.93 -4.10 14.35
C SER A 40 -2.11 -4.49 13.47
N LEU A 41 -3.32 -4.38 14.02
CA LEU A 41 -4.54 -4.74 13.28
C LEU A 41 -5.59 -3.64 13.44
N LEU A 42 -5.84 -2.90 12.36
CA LEU A 42 -6.85 -1.84 12.41
C LEU A 42 -8.17 -2.32 11.81
N SER A 43 -9.21 -2.32 12.64
CA SER A 43 -10.53 -2.76 12.20
C SER A 43 -10.98 -1.99 10.96
N ALA A 44 -12.16 -2.33 10.46
CA ALA A 44 -12.70 -1.66 9.27
C ALA A 44 -13.41 -0.37 9.67
N ASP A 45 -13.99 -0.37 10.86
CA ASP A 45 -14.69 0.81 11.35
C ASP A 45 -13.70 1.89 11.76
N LEU A 46 -12.53 1.90 11.11
CA LEU A 46 -11.49 2.88 11.42
C LEU A 46 -10.96 3.56 10.17
N THR A 47 -10.68 4.85 10.30
CA THR A 47 -10.15 5.66 9.19
C THR A 47 -9.07 6.58 9.72
N ILE A 48 -7.88 6.52 9.12
CA ILE A 48 -6.78 7.36 9.57
C ILE A 48 -6.83 8.72 8.87
N GLU A 49 -6.38 9.76 9.59
CA GLU A 49 -6.38 11.13 9.04
C GLU A 49 -5.04 11.81 9.33
N GLY A 50 -4.56 12.57 8.35
CA GLY A 50 -3.29 13.28 8.49
C GLY A 50 -2.13 12.42 7.99
N GLY A 51 -1.34 11.89 8.93
CA GLY A 51 -0.21 11.06 8.57
C GLY A 51 0.22 10.18 9.75
N VAL A 52 0.04 8.87 9.61
CA VAL A 52 0.41 7.93 10.66
C VAL A 52 1.82 7.40 10.45
N THR A 53 2.60 7.33 11.52
CA THR A 53 3.98 6.84 11.45
C THR A 53 4.07 5.42 11.98
N GLY A 54 5.19 4.76 11.70
CA GLY A 54 5.39 3.38 12.15
C GLY A 54 6.80 2.90 11.84
N GLU A 55 7.07 1.64 12.12
CA GLU A 55 8.39 1.06 11.86
C GLU A 55 8.36 -0.45 12.09
N GLY A 56 7.48 -1.14 11.38
CA GLY A 56 7.38 -2.59 11.50
C GLY A 56 6.31 -3.14 10.57
N GLU A 57 5.54 -4.12 11.05
CA GLU A 57 4.50 -4.74 10.24
C GLU A 57 3.15 -4.07 10.51
N LEU A 58 2.62 -3.38 9.51
CA LEU A 58 1.34 -2.68 9.66
C LEU A 58 0.25 -3.40 8.86
N GLN A 59 -0.66 -4.07 9.57
CA GLN A 59 -1.76 -4.78 8.92
C GLN A 59 -3.05 -3.98 9.10
N ILE A 60 -3.45 -3.26 8.05
CA ILE A 60 -4.65 -2.43 8.10
C ILE A 60 -5.75 -2.97 7.19
N ASP A 61 -6.96 -3.04 7.74
CA ASP A 61 -8.13 -3.50 7.01
C ASP A 61 -9.22 -2.44 7.09
N GLY A 62 -8.84 -1.21 6.75
CA GLY A 62 -9.75 -0.07 6.82
C GLY A 62 -9.49 0.89 5.66
N VAL A 63 -9.95 2.14 5.84
CA VAL A 63 -9.78 3.17 4.82
C VAL A 63 -8.70 4.17 5.26
N VAL A 64 -7.67 4.31 4.41
CA VAL A 64 -6.57 5.23 4.72
C VAL A 64 -6.76 6.57 4.03
N LYS A 65 -6.77 7.65 4.81
CA LYS A 65 -6.93 9.00 4.28
C LYS A 65 -5.78 9.89 4.74
N GLY A 66 -4.72 9.95 3.94
CA GLY A 66 -3.57 10.78 4.27
C GLY A 66 -2.28 10.13 3.79
N ASP A 67 -1.22 10.24 4.61
CA ASP A 67 0.09 9.65 4.27
C ASP A 67 0.43 8.51 5.21
N VAL A 68 1.19 7.55 4.72
CA VAL A 68 1.58 6.39 5.53
C VAL A 68 3.11 6.19 5.48
N ARG A 69 3.72 6.10 6.67
CA ARG A 69 5.17 5.91 6.77
C ARG A 69 5.48 4.73 7.70
N VAL A 70 6.06 3.68 7.14
CA VAL A 70 6.40 2.50 7.93
C VAL A 70 7.33 1.57 7.14
N GLY A 71 7.80 0.51 7.79
CA GLY A 71 8.68 -0.44 7.13
C GLY A 71 7.91 -1.30 6.14
N ARG A 72 7.05 -2.18 6.65
CA ARG A 72 6.25 -3.05 5.80
C ARG A 72 4.77 -2.67 5.91
N LEU A 73 4.08 -2.67 4.77
CA LEU A 73 2.66 -2.32 4.73
C LEU A 73 1.84 -3.43 4.11
N THR A 74 0.91 -3.97 4.89
CA THR A 74 0.04 -5.06 4.43
C THR A 74 -1.39 -4.54 4.31
N VAL A 75 -1.93 -4.55 3.10
CA VAL A 75 -3.29 -4.08 2.87
C VAL A 75 -4.30 -5.18 3.18
N GLY A 76 -5.01 -5.00 4.28
CA GLY A 76 -6.00 -5.97 4.76
C GLY A 76 -6.98 -6.41 3.67
N GLU A 77 -8.08 -7.02 4.12
CA GLU A 77 -9.11 -7.53 3.21
C GLU A 77 -10.11 -6.46 2.80
N THR A 78 -10.28 -5.40 3.60
CA THR A 78 -11.24 -4.37 3.23
C THR A 78 -10.73 -3.67 1.97
N GLY A 79 -9.42 -3.71 1.80
CA GLY A 79 -8.78 -3.16 0.62
C GLY A 79 -9.12 -1.70 0.36
N HIS A 80 -9.21 -0.86 1.41
CA HIS A 80 -9.51 0.55 1.17
C HIS A 80 -8.31 1.42 1.49
N VAL A 81 -7.74 2.03 0.45
CA VAL A 81 -6.59 2.90 0.63
C VAL A 81 -6.60 4.03 -0.40
N GLU A 82 -6.73 5.27 0.09
CA GLU A 82 -6.74 6.43 -0.80
C GLU A 82 -5.90 7.56 -0.20
N GLY A 83 -4.74 7.79 -0.80
CA GLY A 83 -3.84 8.84 -0.32
C GLY A 83 -2.42 8.58 -0.79
N SER A 84 -1.45 9.13 -0.05
CA SER A 84 -0.04 8.94 -0.37
C SER A 84 0.53 7.81 0.48
N VAL A 85 1.46 7.05 -0.08
CA VAL A 85 2.06 5.94 0.66
C VAL A 85 3.56 5.87 0.45
N TYR A 86 4.30 6.09 1.55
CA TYR A 86 5.76 6.04 1.52
C TYR A 86 6.27 4.92 2.42
N ALA A 87 6.99 3.98 1.84
CA ALA A 87 7.51 2.86 2.62
C ALA A 87 8.64 2.15 1.89
N GLU A 88 9.29 1.22 2.58
CA GLU A 88 10.40 0.47 1.99
C GLU A 88 9.86 -0.74 1.22
N ALA A 89 8.81 -1.36 1.77
CA ALA A 89 8.19 -2.52 1.15
C ALA A 89 6.70 -2.52 1.43
N VAL A 90 5.90 -3.06 0.51
CA VAL A 90 4.46 -3.09 0.71
C VAL A 90 3.82 -4.31 0.04
N GLU A 91 2.94 -4.98 0.78
CA GLU A 91 2.23 -6.15 0.29
C GLU A 91 0.75 -5.82 0.18
N VAL A 92 0.15 -6.07 -0.98
CA VAL A 92 -1.26 -5.76 -1.19
C VAL A 92 -2.13 -7.01 -1.26
N ARG A 93 -3.29 -6.94 -0.63
CA ARG A 93 -4.26 -8.02 -0.61
C ARG A 93 -5.65 -7.43 -0.80
N GLY A 94 -5.69 -6.20 -1.34
CA GLY A 94 -6.95 -5.49 -1.53
C GLY A 94 -6.83 -4.38 -2.58
N ARG A 95 -7.65 -3.33 -2.45
CA ARG A 95 -7.65 -2.24 -3.45
C ARG A 95 -7.05 -0.94 -2.91
N VAL A 96 -6.22 -0.32 -3.75
CA VAL A 96 -5.57 0.94 -3.42
C VAL A 96 -5.63 1.88 -4.63
N VAL A 97 -6.23 3.06 -4.42
CA VAL A 97 -6.38 4.05 -5.49
C VAL A 97 -5.83 5.40 -5.02
N GLY A 98 -4.76 5.86 -5.65
CA GLY A 98 -4.16 7.13 -5.29
C GLY A 98 -2.73 7.22 -5.81
N ALA A 99 -1.77 7.00 -4.92
CA ALA A 99 -0.35 7.06 -5.30
C ALA A 99 0.51 6.42 -4.21
N ILE A 100 1.55 5.70 -4.63
CA ILE A 100 2.44 5.04 -3.68
C ILE A 100 3.89 5.09 -4.16
N THR A 101 4.82 5.19 -3.20
CA THR A 101 6.25 5.24 -3.51
C THR A 101 7.01 4.28 -2.60
N SER A 102 7.70 3.31 -3.20
CA SER A 102 8.46 2.33 -2.43
C SER A 102 9.58 1.72 -3.25
N LYS A 103 10.53 1.08 -2.57
CA LYS A 103 11.67 0.46 -3.25
C LYS A 103 11.31 -0.96 -3.69
N GLN A 104 10.34 -1.57 -3.01
CA GLN A 104 9.91 -2.93 -3.33
C GLN A 104 8.39 -3.04 -3.23
N VAL A 105 7.75 -3.44 -4.34
CA VAL A 105 6.29 -3.60 -4.38
C VAL A 105 5.91 -5.03 -4.76
N ARG A 106 5.00 -5.61 -3.99
CA ARG A 106 4.54 -6.98 -4.24
C ARG A 106 3.01 -7.02 -4.17
N LEU A 107 2.37 -7.16 -5.34
CA LEU A 107 0.92 -7.20 -5.40
C LEU A 107 0.38 -8.62 -5.22
N TYR A 108 0.00 -8.93 -3.98
CA TYR A 108 -0.56 -10.23 -3.65
C TYR A 108 -2.09 -10.18 -3.70
N GLY A 109 -2.71 -11.35 -3.76
CA GLY A 109 -4.17 -11.40 -3.78
C GLY A 109 -4.77 -10.65 -4.97
N THR A 110 -6.07 -10.39 -4.87
CA THR A 110 -6.80 -9.65 -5.90
C THR A 110 -6.35 -8.19 -5.92
N SER A 111 -5.08 -7.98 -5.58
CA SER A 111 -4.54 -6.63 -5.49
C SER A 111 -4.93 -5.79 -6.70
N TYR A 112 -5.28 -4.54 -6.42
CA TYR A 112 -5.68 -3.61 -7.47
C TYR A 112 -5.03 -2.25 -7.22
N VAL A 113 -4.38 -1.70 -8.24
CA VAL A 113 -3.71 -0.39 -8.09
C VAL A 113 -3.96 0.47 -9.32
N ASP A 114 -4.61 1.62 -9.10
CA ASP A 114 -4.91 2.55 -10.18
C ASP A 114 -4.56 3.98 -9.77
N GLY A 115 -3.46 4.50 -10.33
CA GLY A 115 -3.03 5.85 -10.02
C GLY A 115 -1.57 6.06 -10.40
N ASP A 116 -0.85 6.84 -9.59
CA ASP A 116 0.57 7.11 -9.86
C ASP A 116 1.45 6.27 -8.95
N ILE A 117 2.02 5.21 -9.50
CA ILE A 117 2.90 4.32 -8.72
C ILE A 117 4.35 4.51 -9.14
N THR A 118 5.24 4.62 -8.16
CA THR A 118 6.67 4.81 -8.43
C THR A 118 7.50 3.87 -7.57
N HIS A 119 8.49 3.24 -8.18
CA HIS A 119 9.35 2.31 -7.45
C HIS A 119 10.54 1.87 -8.31
N GLU A 120 11.53 1.24 -7.66
CA GLU A 120 12.71 0.77 -8.37
C GLU A 120 12.58 -0.71 -8.69
N GLN A 121 11.92 -1.45 -7.79
CA GLN A 121 11.71 -2.88 -7.98
C GLN A 121 10.24 -3.22 -7.80
N LEU A 122 9.64 -3.85 -8.81
CA LEU A 122 8.24 -4.23 -8.76
C LEU A 122 8.07 -5.73 -9.01
N ALA A 123 7.04 -6.30 -8.39
CA ALA A 123 6.75 -7.72 -8.54
C ALA A 123 5.25 -7.96 -8.49
N MET A 124 4.71 -8.49 -9.57
CA MET A 124 3.27 -8.76 -9.65
C MET A 124 2.99 -10.25 -9.52
N GLU A 125 1.96 -10.58 -8.74
CA GLU A 125 1.59 -11.98 -8.52
C GLU A 125 0.13 -12.20 -8.90
N THR A 126 -0.23 -13.45 -9.18
CA THR A 126 -1.60 -13.78 -9.55
C THR A 126 -2.60 -13.00 -8.71
N GLY A 127 -3.51 -12.29 -9.37
CA GLY A 127 -4.53 -11.49 -8.68
C GLY A 127 -4.20 -10.00 -8.76
N ALA A 128 -3.14 -9.67 -9.50
CA ALA A 128 -2.73 -8.27 -9.64
C ALA A 128 -3.38 -7.62 -10.87
N PHE A 129 -4.21 -6.61 -10.63
CA PHE A 129 -4.86 -5.87 -11.72
C PHE A 129 -4.64 -4.38 -11.48
N PHE A 130 -3.71 -3.77 -12.22
CA PHE A 130 -3.41 -2.35 -12.02
C PHE A 130 -3.35 -1.57 -13.33
N GLN A 131 -4.23 -0.58 -13.45
CA GLN A 131 -4.20 0.31 -14.62
C GLN A 131 -3.99 1.72 -14.10
N GLY A 132 -2.75 2.16 -14.20
CA GLY A 132 -2.36 3.48 -13.74
C GLY A 132 -1.10 3.92 -14.47
N ARG A 133 -0.65 5.14 -14.20
CA ARG A 133 0.57 5.61 -14.82
C ARG A 133 1.73 5.06 -14.00
N SER A 134 2.45 4.09 -14.57
CA SER A 134 3.56 3.45 -13.88
C SER A 134 4.86 4.21 -14.13
N LEU A 135 5.45 4.72 -13.04
CA LEU A 135 6.70 5.47 -13.14
C LEU A 135 7.88 4.59 -12.74
N LYS A 136 8.69 4.20 -13.72
CA LYS A 136 9.85 3.35 -13.46
C LYS A 136 11.12 4.19 -13.29
N PHE A 137 11.96 3.80 -12.33
CA PHE A 137 13.20 4.51 -12.07
C PHE A 137 14.35 3.88 -12.85
N GLN A 138 15.01 4.67 -13.68
CA GLN A 138 16.12 4.16 -14.49
C GLN A 138 16.82 5.30 -15.20
N ARG A 139 18.13 5.14 -15.44
CA ARG A 139 18.90 6.18 -16.12
C ARG A 139 18.47 6.30 -17.58
N LYS A 37 10.11 -3.74 14.26
CA LYS A 37 10.35 -4.60 15.40
C LYS A 37 9.08 -4.79 16.22
N VAL A 38 7.93 -4.75 15.54
CA VAL A 38 6.65 -4.92 16.22
C VAL A 38 5.55 -5.22 15.21
N ALA A 39 4.45 -5.79 15.70
CA ALA A 39 3.31 -6.13 14.85
C ALA A 39 2.02 -5.54 15.42
N SER A 40 1.19 -4.99 14.54
CA SER A 40 -0.07 -4.38 14.97
C SER A 40 -1.16 -4.63 13.94
N LEU A 41 -2.40 -4.70 14.40
CA LEU A 41 -3.55 -4.93 13.52
C LEU A 41 -4.63 -3.89 13.74
N LEU A 42 -5.04 -3.23 12.66
CA LEU A 42 -6.08 -2.20 12.72
C LEU A 42 -7.38 -2.72 12.14
N SER A 43 -8.45 -2.66 12.93
CA SER A 43 -9.76 -3.13 12.47
C SER A 43 -10.22 -2.32 11.26
N ALA A 44 -11.50 -2.49 10.90
CA ALA A 44 -12.06 -1.77 9.75
C ALA A 44 -12.62 -0.41 10.17
N ASP A 45 -13.02 -0.30 11.42
CA ASP A 45 -13.57 0.95 11.92
C ASP A 45 -12.44 1.96 12.15
N LEU A 46 -11.35 1.80 11.39
CA LEU A 46 -10.20 2.71 11.50
C LEU A 46 -10.05 3.54 10.24
N THR A 47 -9.86 4.85 10.42
CA THR A 47 -9.68 5.77 9.30
C THR A 47 -8.52 6.72 9.58
N ILE A 48 -7.52 6.71 8.71
CA ILE A 48 -6.36 7.58 8.89
C ILE A 48 -6.61 8.95 8.27
N GLU A 49 -6.26 10.00 9.00
CA GLU A 49 -6.44 11.37 8.54
C GLU A 49 -5.19 12.20 8.81
N GLY A 50 -4.71 12.89 7.80
CA GLY A 50 -3.50 13.72 7.95
C GLY A 50 -2.26 12.91 7.61
N GLY A 51 -1.92 11.95 8.47
CA GLY A 51 -0.75 11.11 8.25
C GLY A 51 -0.16 10.63 9.57
N VAL A 52 0.18 9.35 9.62
CA VAL A 52 0.77 8.75 10.83
C VAL A 52 1.92 7.83 10.46
N THR A 53 2.95 7.82 11.31
CA THR A 53 4.13 6.98 11.06
C THR A 53 4.11 5.72 11.93
N GLY A 54 3.86 4.59 11.30
CA GLY A 54 3.82 3.32 12.02
C GLY A 54 5.22 2.71 12.13
N GLU A 55 5.30 1.39 12.21
CA GLU A 55 6.59 0.72 12.31
C GLU A 55 6.43 -0.79 12.21
N GLY A 56 7.39 -1.45 11.58
CA GLY A 56 7.35 -2.89 11.42
C GLY A 56 6.17 -3.32 10.54
N GLU A 57 5.61 -4.48 10.85
CA GLU A 57 4.48 -5.00 10.09
C GLU A 57 3.17 -4.38 10.58
N LEU A 58 2.46 -3.72 9.67
CA LEU A 58 1.19 -3.08 10.01
C LEU A 58 0.06 -3.65 9.16
N GLN A 59 -0.80 -4.45 9.79
CA GLN A 59 -1.94 -5.05 9.10
C GLN A 59 -3.17 -4.17 9.29
N ILE A 60 -3.76 -3.71 8.18
CA ILE A 60 -4.93 -2.85 8.25
C ILE A 60 -6.01 -3.27 7.25
N ASP A 61 -7.23 -3.39 7.74
CA ASP A 61 -8.38 -3.77 6.91
C ASP A 61 -9.42 -2.66 6.96
N GLY A 62 -8.96 -1.42 6.74
CA GLY A 62 -9.83 -0.24 6.79
C GLY A 62 -9.52 0.72 5.66
N VAL A 63 -9.91 1.99 5.87
CA VAL A 63 -9.70 3.04 4.88
C VAL A 63 -8.55 3.96 5.30
N VAL A 64 -7.55 4.10 4.43
CA VAL A 64 -6.39 4.93 4.74
C VAL A 64 -6.33 6.18 3.86
N LYS A 65 -6.57 7.34 4.47
CA LYS A 65 -6.54 8.62 3.74
C LYS A 65 -5.57 9.59 4.41
N GLY A 66 -4.42 9.79 3.77
CA GLY A 66 -3.42 10.71 4.31
C GLY A 66 -2.01 10.22 3.98
N ASP A 67 -1.02 10.77 4.68
CA ASP A 67 0.38 10.39 4.46
C ASP A 67 0.83 9.42 5.56
N VAL A 68 0.97 8.14 5.21
CA VAL A 68 1.40 7.13 6.19
C VAL A 68 2.80 6.61 5.87
N ARG A 69 3.58 6.36 6.92
CA ARG A 69 4.94 5.85 6.78
C ARG A 69 5.14 4.61 7.64
N VAL A 70 5.78 3.59 7.08
CA VAL A 70 6.02 2.35 7.82
C VAL A 70 7.01 1.46 7.07
N GLY A 71 7.45 0.39 7.73
CA GLY A 71 8.40 -0.54 7.11
C GLY A 71 7.69 -1.47 6.14
N ARG A 72 6.88 -2.38 6.68
CA ARG A 72 6.14 -3.34 5.87
C ARG A 72 4.64 -3.08 5.99
N LEU A 73 4.00 -2.75 4.86
CA LEU A 73 2.56 -2.46 4.85
C LEU A 73 1.78 -3.64 4.27
N THR A 74 0.72 -4.03 4.97
CA THR A 74 -0.13 -5.13 4.53
C THR A 74 -1.58 -4.66 4.44
N VAL A 75 -2.11 -4.62 3.23
CA VAL A 75 -3.48 -4.17 3.02
C VAL A 75 -4.46 -5.31 3.26
N GLY A 76 -5.17 -5.21 4.38
CA GLY A 76 -6.13 -6.22 4.80
C GLY A 76 -7.13 -6.58 3.70
N GLU A 77 -8.25 -7.17 4.12
CA GLU A 77 -9.28 -7.62 3.18
C GLU A 77 -10.25 -6.49 2.79
N THR A 78 -10.36 -5.45 3.60
CA THR A 78 -11.30 -4.37 3.26
C THR A 78 -10.82 -3.69 2.00
N GLY A 79 -9.51 -3.75 1.78
CA GLY A 79 -8.91 -3.21 0.58
C GLY A 79 -9.23 -1.75 0.33
N HIS A 80 -9.29 -0.90 1.37
CA HIS A 80 -9.57 0.51 1.12
C HIS A 80 -8.36 1.36 1.43
N VAL A 81 -7.78 1.95 0.39
CA VAL A 81 -6.62 2.81 0.55
C VAL A 81 -6.62 3.90 -0.53
N GLU A 82 -6.85 5.14 -0.10
CA GLU A 82 -6.86 6.27 -1.05
C GLU A 82 -6.10 7.45 -0.46
N GLY A 83 -4.92 7.69 -0.99
CA GLY A 83 -4.09 8.79 -0.51
C GLY A 83 -2.63 8.57 -0.89
N SER A 84 -1.72 9.15 -0.11
CA SER A 84 -0.29 9.00 -0.37
C SER A 84 0.33 8.05 0.66
N VAL A 85 0.95 6.96 0.17
CA VAL A 85 1.58 5.98 1.05
C VAL A 85 3.05 5.82 0.71
N TYR A 86 3.90 5.90 1.74
CA TYR A 86 5.35 5.75 1.57
C TYR A 86 5.86 4.60 2.42
N ALA A 87 6.68 3.74 1.83
CA ALA A 87 7.22 2.61 2.56
C ALA A 87 8.34 1.91 1.78
N GLU A 88 9.07 1.04 2.45
CA GLU A 88 10.16 0.30 1.84
C GLU A 88 9.64 -0.96 1.16
N ALA A 89 8.71 -1.64 1.85
CA ALA A 89 8.11 -2.86 1.32
C ALA A 89 6.61 -2.86 1.61
N VAL A 90 5.81 -3.37 0.69
CA VAL A 90 4.36 -3.40 0.88
C VAL A 90 3.71 -4.59 0.16
N GLU A 91 2.75 -5.22 0.84
CA GLU A 91 2.02 -6.34 0.28
C GLU A 91 0.54 -5.98 0.19
N VAL A 92 -0.05 -6.19 -0.99
CA VAL A 92 -1.47 -5.84 -1.20
C VAL A 92 -2.35 -7.08 -1.27
N ARG A 93 -3.51 -7.00 -0.62
CA ARG A 93 -4.49 -8.08 -0.60
C ARG A 93 -5.87 -7.49 -0.82
N GLY A 94 -5.90 -6.27 -1.36
CA GLY A 94 -7.15 -5.56 -1.58
C GLY A 94 -6.98 -4.45 -2.62
N ARG A 95 -7.81 -3.40 -2.52
CA ARG A 95 -7.77 -2.30 -3.50
C ARG A 95 -7.15 -1.01 -2.95
N VAL A 96 -6.29 -0.43 -3.79
CA VAL A 96 -5.61 0.82 -3.45
C VAL A 96 -5.59 1.72 -4.69
N VAL A 97 -6.08 2.95 -4.54
CA VAL A 97 -6.11 3.88 -5.67
C VAL A 97 -5.74 5.30 -5.23
N GLY A 98 -4.73 5.87 -5.90
CA GLY A 98 -4.27 7.21 -5.57
C GLY A 98 -2.82 7.40 -5.99
N ALA A 99 -1.91 7.15 -5.05
CA ALA A 99 -0.48 7.30 -5.34
C ALA A 99 0.36 6.58 -4.30
N ILE A 100 1.24 5.69 -4.76
CA ILE A 100 2.10 4.92 -3.86
C ILE A 100 3.56 5.06 -4.25
N THR A 101 4.43 5.15 -3.24
CA THR A 101 5.87 5.30 -3.48
C THR A 101 6.65 4.33 -2.58
N SER A 102 7.38 3.42 -3.21
CA SER A 102 8.16 2.44 -2.45
C SER A 102 9.20 1.76 -3.33
N LYS A 103 10.33 1.41 -2.73
CA LYS A 103 11.41 0.75 -3.47
C LYS A 103 11.06 -0.72 -3.76
N GLN A 104 10.09 -1.25 -3.02
CA GLN A 104 9.67 -2.65 -3.21
C GLN A 104 8.17 -2.80 -2.99
N VAL A 105 7.48 -3.34 -3.99
CA VAL A 105 6.02 -3.55 -3.88
C VAL A 105 5.62 -4.88 -4.52
N ARG A 106 4.72 -5.59 -3.84
CA ARG A 106 4.22 -6.89 -4.34
C ARG A 106 2.70 -6.89 -4.36
N LEU A 107 2.11 -7.04 -5.54
CA LEU A 107 0.65 -7.06 -5.65
C LEU A 107 0.09 -8.46 -5.44
N TYR A 108 -0.31 -8.74 -4.20
CA TYR A 108 -0.90 -10.03 -3.86
C TYR A 108 -2.42 -9.95 -3.92
N GLY A 109 -3.08 -11.09 -3.99
CA GLY A 109 -4.54 -11.12 -4.02
C GLY A 109 -5.09 -10.49 -5.29
N THR A 110 -6.42 -10.57 -5.45
CA THR A 110 -7.10 -9.99 -6.60
C THR A 110 -7.08 -8.46 -6.50
N SER A 111 -6.04 -7.96 -5.84
CA SER A 111 -5.89 -6.53 -5.62
C SER A 111 -5.82 -5.73 -6.92
N TYR A 112 -5.88 -4.40 -6.78
CA TYR A 112 -5.83 -3.50 -7.93
C TYR A 112 -5.12 -2.20 -7.55
N VAL A 113 -4.34 -1.64 -8.48
CA VAL A 113 -3.63 -0.38 -8.22
C VAL A 113 -3.85 0.61 -9.37
N ASP A 114 -4.40 1.77 -9.03
CA ASP A 114 -4.67 2.80 -10.05
C ASP A 114 -4.21 4.18 -9.56
N GLY A 115 -3.31 4.80 -10.33
CA GLY A 115 -2.79 6.12 -9.97
C GLY A 115 -1.33 6.26 -10.38
N ASP A 116 -0.62 7.17 -9.72
CA ASP A 116 0.79 7.38 -10.01
C ASP A 116 1.65 6.49 -9.14
N ILE A 117 2.50 5.67 -9.76
CA ILE A 117 3.37 4.74 -9.03
C ILE A 117 4.84 5.05 -9.28
N THR A 118 5.58 5.23 -8.19
CA THR A 118 7.02 5.51 -8.26
C THR A 118 7.78 4.45 -7.46
N HIS A 119 8.32 3.47 -8.16
CA HIS A 119 9.05 2.38 -7.51
C HIS A 119 10.29 1.99 -8.31
N GLU A 120 11.28 1.44 -7.61
CA GLU A 120 12.52 1.01 -8.24
C GLU A 120 12.45 -0.48 -8.56
N GLN A 121 11.84 -1.23 -7.64
CA GLN A 121 11.67 -2.68 -7.80
C GLN A 121 10.23 -3.08 -7.52
N LEU A 122 9.64 -3.86 -8.41
CA LEU A 122 8.26 -4.29 -8.24
C LEU A 122 8.07 -5.75 -8.63
N ALA A 123 7.12 -6.41 -7.97
CA ALA A 123 6.82 -7.81 -8.24
C ALA A 123 5.30 -7.97 -8.41
N MET A 124 4.90 -8.68 -9.46
CA MET A 124 3.48 -8.89 -9.73
C MET A 124 3.07 -10.34 -9.46
N GLU A 125 2.10 -10.51 -8.57
CA GLU A 125 1.61 -11.85 -8.21
C GLU A 125 0.17 -12.02 -8.68
N THR A 126 -0.21 -13.24 -9.00
CA THR A 126 -1.57 -13.52 -9.47
C THR A 126 -2.59 -12.70 -8.68
N GLY A 127 -3.54 -12.11 -9.40
CA GLY A 127 -4.57 -11.30 -8.76
C GLY A 127 -4.22 -9.80 -8.84
N ALA A 128 -3.09 -9.50 -9.47
CA ALA A 128 -2.66 -8.12 -9.61
C ALA A 128 -3.18 -7.50 -10.91
N PHE A 129 -4.04 -6.49 -10.78
CA PHE A 129 -4.59 -5.79 -11.94
C PHE A 129 -4.42 -4.29 -11.74
N PHE A 130 -3.44 -3.69 -12.40
CA PHE A 130 -3.19 -2.25 -12.22
C PHE A 130 -3.03 -1.51 -13.54
N GLN A 131 -3.83 -0.46 -13.70
CA GLN A 131 -3.73 0.38 -14.89
C GLN A 131 -3.56 1.82 -14.41
N GLY A 132 -2.32 2.27 -14.44
CA GLY A 132 -1.97 3.59 -14.01
C GLY A 132 -0.68 4.01 -14.69
N ARG A 133 -0.24 5.24 -14.46
CA ARG A 133 1.02 5.65 -15.04
C ARG A 133 2.13 5.14 -14.13
N SER A 134 2.85 4.13 -14.62
CA SER A 134 3.92 3.51 -13.83
C SER A 134 5.27 4.12 -14.20
N LEU A 135 5.98 4.61 -13.19
CA LEU A 135 7.30 5.22 -13.40
C LEU A 135 8.40 4.27 -12.97
N LYS A 136 9.14 3.74 -13.95
CA LYS A 136 10.23 2.81 -13.68
C LYS A 136 11.57 3.55 -13.59
N PHE A 137 12.10 3.65 -12.37
CA PHE A 137 13.38 4.33 -12.17
C PHE A 137 14.41 3.85 -13.18
N GLN A 138 14.90 4.78 -14.00
CA GLN A 138 15.90 4.43 -15.00
C GLN A 138 15.52 3.12 -15.70
N ARG A 139 16.40 2.12 -15.61
CA ARG A 139 16.14 0.82 -16.25
C ARG A 139 16.40 -0.31 -15.26
N LYS A 37 5.61 -5.09 20.49
CA LYS A 37 5.04 -4.38 19.36
C LYS A 37 5.88 -4.58 18.10
N VAL A 38 5.30 -5.19 17.08
CA VAL A 38 6.01 -5.43 15.84
C VAL A 38 5.02 -5.63 14.69
N ALA A 39 3.77 -5.92 15.03
CA ALA A 39 2.74 -6.13 14.02
C ALA A 39 1.37 -5.78 14.58
N SER A 40 0.75 -4.75 14.00
CA SER A 40 -0.58 -4.31 14.46
C SER A 40 -1.63 -4.59 13.39
N LEU A 41 -2.89 -4.68 13.82
CA LEU A 41 -4.01 -4.95 12.90
C LEU A 41 -5.21 -4.08 13.26
N LEU A 42 -5.83 -3.49 12.23
CA LEU A 42 -6.99 -2.62 12.44
C LEU A 42 -8.25 -3.24 11.82
N SER A 43 -9.34 -3.19 12.58
CA SER A 43 -10.61 -3.76 12.11
C SER A 43 -11.13 -3.00 10.89
N ALA A 44 -12.42 -3.20 10.59
CA ALA A 44 -13.03 -2.54 9.44
C ALA A 44 -13.57 -1.16 9.80
N ASP A 45 -14.18 -1.06 10.97
CA ASP A 45 -14.73 0.21 11.42
C ASP A 45 -13.62 1.18 11.80
N LEU A 46 -12.45 1.04 11.15
CA LEU A 46 -11.31 1.90 11.43
C LEU A 46 -10.99 2.79 10.23
N THR A 47 -10.87 4.09 10.51
CA THR A 47 -10.55 5.07 9.48
C THR A 47 -9.37 5.92 9.95
N ILE A 48 -8.21 5.71 9.34
CA ILE A 48 -7.01 6.44 9.72
C ILE A 48 -6.78 7.64 8.82
N GLU A 49 -6.22 8.70 9.38
CA GLU A 49 -5.95 9.92 8.63
C GLU A 49 -4.46 9.98 8.31
N GLY A 50 -4.11 9.50 7.12
CA GLY A 50 -2.71 9.49 6.68
C GLY A 50 -1.96 10.70 7.20
N GLY A 51 -1.09 10.46 8.16
CA GLY A 51 -0.29 11.51 8.77
C GLY A 51 0.50 10.95 9.93
N VAL A 52 0.54 9.61 10.00
CA VAL A 52 1.25 8.91 11.07
C VAL A 52 2.57 8.34 10.57
N THR A 53 3.55 8.22 11.47
CA THR A 53 4.86 7.69 11.13
C THR A 53 5.33 6.69 12.18
N GLY A 54 5.89 5.58 11.72
CA GLY A 54 6.38 4.54 12.63
C GLY A 54 6.63 3.23 11.88
N GLU A 55 7.91 2.93 11.66
CA GLU A 55 8.28 1.71 10.95
C GLU A 55 7.60 0.48 11.57
N GLY A 56 8.02 -0.71 11.13
CA GLY A 56 7.44 -1.95 11.63
C GLY A 56 6.30 -2.42 10.73
N GLU A 57 5.77 -3.61 11.04
CA GLU A 57 4.67 -4.17 10.24
C GLU A 57 3.34 -3.58 10.68
N LEU A 58 2.57 -3.08 9.72
CA LEU A 58 1.26 -2.49 10.01
C LEU A 58 0.20 -2.99 9.04
N GLN A 59 -0.70 -3.83 9.53
CA GLN A 59 -1.78 -4.36 8.70
C GLN A 59 -3.05 -3.54 8.94
N ILE A 60 -3.73 -3.17 7.86
CA ILE A 60 -4.95 -2.39 7.96
C ILE A 60 -6.04 -2.93 7.06
N ASP A 61 -7.20 -3.20 7.64
CA ASP A 61 -8.36 -3.70 6.88
C ASP A 61 -9.45 -2.64 6.89
N GLY A 62 -9.05 -1.40 6.62
CA GLY A 62 -9.98 -0.27 6.61
C GLY A 62 -9.59 0.76 5.56
N VAL A 63 -10.10 1.98 5.74
CA VAL A 63 -9.82 3.07 4.81
C VAL A 63 -8.87 4.10 5.43
N VAL A 64 -7.78 4.39 4.72
CA VAL A 64 -6.78 5.35 5.21
C VAL A 64 -6.34 6.32 4.11
N LYS A 65 -6.52 7.62 4.35
CA LYS A 65 -6.13 8.64 3.38
C LYS A 65 -5.23 9.70 4.01
N GLY A 66 -4.27 10.19 3.23
CA GLY A 66 -3.33 11.22 3.71
C GLY A 66 -1.88 10.79 3.51
N ASP A 67 -1.05 11.01 4.54
CA ASP A 67 0.37 10.65 4.48
C ASP A 67 0.69 9.53 5.47
N VAL A 68 1.04 8.36 4.93
CA VAL A 68 1.36 7.20 5.77
C VAL A 68 2.81 6.77 5.55
N ARG A 69 3.56 6.64 6.64
CA ARG A 69 4.97 6.24 6.58
C ARG A 69 5.21 5.04 7.51
N VAL A 70 5.76 3.98 6.96
CA VAL A 70 6.02 2.78 7.75
C VAL A 70 7.03 1.86 7.06
N GLY A 71 7.49 0.85 7.79
CA GLY A 71 8.45 -0.11 7.24
C GLY A 71 7.78 -1.04 6.24
N ARG A 72 6.96 -1.95 6.76
CA ARG A 72 6.23 -2.90 5.90
C ARG A 72 4.74 -2.65 5.99
N LEU A 73 4.12 -2.36 4.83
CA LEU A 73 2.69 -2.09 4.77
C LEU A 73 1.93 -3.28 4.19
N THR A 74 0.89 -3.71 4.89
CA THR A 74 0.08 -4.84 4.45
C THR A 74 -1.38 -4.40 4.33
N VAL A 75 -1.89 -4.35 3.12
CA VAL A 75 -3.28 -3.93 2.90
C VAL A 75 -4.23 -5.10 3.14
N GLY A 76 -4.95 -5.02 4.26
CA GLY A 76 -5.89 -6.06 4.66
C GLY A 76 -6.87 -6.45 3.56
N GLU A 77 -7.98 -7.05 3.98
CA GLU A 77 -9.00 -7.53 3.04
C GLU A 77 -9.98 -6.43 2.64
N THR A 78 -10.16 -5.40 3.47
CA THR A 78 -11.11 -4.34 3.12
C THR A 78 -10.61 -3.60 1.90
N GLY A 79 -9.30 -3.61 1.73
CA GLY A 79 -8.66 -3.02 0.57
C GLY A 79 -8.99 -1.56 0.33
N HIS A 80 -9.09 -0.72 1.37
CA HIS A 80 -9.39 0.70 1.14
C HIS A 80 -8.18 1.55 1.47
N VAL A 81 -7.61 2.17 0.44
CA VAL A 81 -6.46 3.04 0.60
C VAL A 81 -6.49 4.13 -0.46
N GLU A 82 -6.74 5.37 -0.04
CA GLU A 82 -6.78 6.49 -0.98
C GLU A 82 -6.07 7.71 -0.41
N GLY A 83 -4.89 7.99 -0.95
CA GLY A 83 -4.10 9.14 -0.50
C GLY A 83 -2.64 8.93 -0.88
N SER A 84 -1.73 9.57 -0.14
CA SER A 84 -0.30 9.44 -0.39
C SER A 84 0.32 8.54 0.66
N VAL A 85 1.10 7.55 0.22
CA VAL A 85 1.74 6.62 1.16
C VAL A 85 3.17 6.32 0.74
N TYR A 86 4.02 6.11 1.74
CA TYR A 86 5.44 5.79 1.51
C TYR A 86 5.87 4.67 2.43
N ALA A 87 6.50 3.64 1.86
CA ALA A 87 6.96 2.50 2.66
C ALA A 87 8.04 1.73 1.93
N GLU A 88 9.05 1.30 2.68
CA GLU A 88 10.16 0.54 2.09
C GLU A 88 9.63 -0.67 1.33
N ALA A 89 8.77 -1.44 2.00
CA ALA A 89 8.18 -2.63 1.39
C ALA A 89 6.68 -2.65 1.62
N VAL A 90 5.93 -3.19 0.67
CA VAL A 90 4.47 -3.23 0.80
C VAL A 90 3.88 -4.40 0.01
N GLU A 91 2.94 -5.11 0.64
CA GLU A 91 2.25 -6.24 0.02
C GLU A 91 0.75 -5.95 -0.02
N VAL A 92 0.22 -5.82 -1.23
CA VAL A 92 -1.20 -5.51 -1.40
C VAL A 92 -2.06 -6.77 -1.46
N ARG A 93 -3.20 -6.72 -0.76
CA ARG A 93 -4.15 -7.82 -0.73
C ARG A 93 -5.55 -7.23 -0.91
N GLY A 94 -5.59 -6.01 -1.43
CA GLY A 94 -6.84 -5.30 -1.63
C GLY A 94 -6.70 -4.19 -2.66
N ARG A 95 -7.53 -3.14 -2.54
CA ARG A 95 -7.51 -2.04 -3.51
C ARG A 95 -6.91 -0.74 -2.95
N VAL A 96 -6.04 -0.15 -3.76
CA VAL A 96 -5.36 1.10 -3.41
C VAL A 96 -5.29 2.00 -4.64
N VAL A 97 -5.91 3.18 -4.55
CA VAL A 97 -5.92 4.11 -5.69
C VAL A 97 -5.60 5.53 -5.22
N GLY A 98 -4.61 6.15 -5.86
CA GLY A 98 -4.21 7.51 -5.51
C GLY A 98 -2.73 7.73 -5.84
N ALA A 99 -1.87 7.39 -4.89
CA ALA A 99 -0.43 7.55 -5.10
C ALA A 99 0.35 6.79 -4.03
N ILE A 100 1.33 6.00 -4.46
CA ILE A 100 2.14 5.21 -3.52
C ILE A 100 3.58 5.08 -4.04
N THR A 101 4.53 5.12 -3.11
CA THR A 101 5.94 4.99 -3.44
C THR A 101 6.62 3.99 -2.51
N SER A 102 7.34 3.04 -3.09
CA SER A 102 8.04 2.02 -2.30
C SER A 102 9.24 1.48 -3.06
N LYS A 103 10.18 0.90 -2.32
CA LYS A 103 11.37 0.33 -2.94
C LYS A 103 11.07 -1.04 -3.53
N GLN A 104 10.19 -1.77 -2.85
CA GLN A 104 9.81 -3.12 -3.29
C GLN A 104 8.32 -3.35 -3.00
N VAL A 105 7.59 -3.87 -3.98
CA VAL A 105 6.17 -4.12 -3.81
C VAL A 105 5.73 -5.37 -4.57
N ARG A 106 4.72 -6.05 -4.03
CA ARG A 106 4.17 -7.25 -4.65
C ARG A 106 2.65 -7.26 -4.53
N LEU A 107 1.95 -7.20 -5.65
CA LEU A 107 0.49 -7.17 -5.63
C LEU A 107 -0.09 -8.55 -5.37
N TYR A 108 -0.42 -8.82 -4.11
CA TYR A 108 -1.02 -10.09 -3.73
C TYR A 108 -2.54 -9.95 -3.74
N GLY A 109 -3.25 -11.07 -3.79
CA GLY A 109 -4.71 -11.04 -3.79
C GLY A 109 -5.25 -10.43 -5.08
N THR A 110 -6.58 -10.42 -5.21
CA THR A 110 -7.24 -9.85 -6.38
C THR A 110 -7.17 -8.33 -6.31
N SER A 111 -6.12 -7.84 -5.66
CA SER A 111 -5.91 -6.41 -5.47
C SER A 111 -5.92 -5.62 -6.77
N TYR A 112 -6.09 -4.30 -6.63
CA TYR A 112 -6.11 -3.39 -7.76
C TYR A 112 -5.26 -2.17 -7.43
N VAL A 113 -4.67 -1.54 -8.45
CA VAL A 113 -3.83 -0.37 -8.23
C VAL A 113 -4.06 0.67 -9.33
N ASP A 114 -4.59 1.83 -8.94
CA ASP A 114 -4.87 2.90 -9.90
C ASP A 114 -4.38 4.24 -9.38
N GLY A 115 -3.29 4.74 -9.97
CA GLY A 115 -2.74 6.02 -9.55
C GLY A 115 -1.27 6.14 -9.95
N ASP A 116 -0.60 7.16 -9.43
CA ASP A 116 0.82 7.37 -9.74
C ASP A 116 1.67 6.54 -8.80
N ILE A 117 2.40 5.58 -9.37
CA ILE A 117 3.26 4.70 -8.57
C ILE A 117 4.72 4.86 -8.97
N THR A 118 5.60 4.85 -7.98
CA THR A 118 7.04 4.99 -8.20
C THR A 118 7.80 3.98 -7.34
N HIS A 119 8.58 3.13 -7.98
CA HIS A 119 9.33 2.12 -7.25
C HIS A 119 10.52 1.62 -8.08
N GLU A 120 11.41 0.89 -7.41
CA GLU A 120 12.59 0.33 -8.07
C GLU A 120 12.31 -1.10 -8.53
N GLN A 121 11.69 -1.89 -7.65
CA GLN A 121 11.36 -3.28 -7.97
C GLN A 121 9.88 -3.54 -7.73
N LEU A 122 9.21 -4.10 -8.75
CA LEU A 122 7.78 -4.40 -8.66
C LEU A 122 7.52 -5.86 -9.04
N ALA A 123 6.52 -6.46 -8.41
CA ALA A 123 6.16 -7.85 -8.70
C ALA A 123 4.64 -8.00 -8.77
N MET A 124 4.18 -9.00 -9.52
CA MET A 124 2.75 -9.24 -9.67
C MET A 124 2.43 -10.71 -9.43
N GLU A 125 1.40 -10.96 -8.61
CA GLU A 125 0.98 -12.33 -8.30
C GLU A 125 -0.48 -12.55 -8.70
N THR A 126 -0.88 -13.81 -8.80
CA THR A 126 -2.25 -14.13 -9.17
C THR A 126 -3.23 -13.23 -8.42
N GLY A 127 -3.91 -12.36 -9.16
CA GLY A 127 -4.87 -11.44 -8.56
C GLY A 127 -4.32 -10.02 -8.61
N ALA A 128 -3.19 -9.85 -9.29
CA ALA A 128 -2.57 -8.55 -9.41
C ALA A 128 -3.09 -7.81 -10.64
N PHE A 129 -3.75 -6.68 -10.40
CA PHE A 129 -4.28 -5.85 -11.47
C PHE A 129 -3.78 -4.42 -11.28
N PHE A 130 -2.96 -3.93 -12.20
CA PHE A 130 -2.39 -2.59 -12.06
C PHE A 130 -2.52 -1.76 -13.34
N GLN A 131 -3.41 -0.77 -13.31
CA GLN A 131 -3.55 0.14 -14.43
C GLN A 131 -3.45 1.55 -13.87
N GLY A 132 -2.27 2.12 -13.99
CA GLY A 132 -1.98 3.45 -13.50
C GLY A 132 -0.78 3.99 -14.24
N ARG A 133 -0.40 5.22 -13.94
CA ARG A 133 0.79 5.77 -14.58
C ARG A 133 2.00 5.23 -13.82
N SER A 134 2.73 4.33 -14.46
CA SER A 134 3.89 3.71 -13.84
C SER A 134 5.13 4.54 -14.07
N LEU A 135 5.92 4.71 -13.02
CA LEU A 135 7.17 5.49 -13.11
C LEU A 135 8.37 4.59 -12.87
N LYS A 136 9.12 4.33 -13.94
CA LYS A 136 10.30 3.48 -13.84
C LYS A 136 11.51 4.28 -13.37
N PHE A 137 12.17 3.78 -12.33
CA PHE A 137 13.34 4.45 -11.79
C PHE A 137 14.47 4.49 -12.81
N GLN A 138 15.48 5.31 -12.54
CA GLN A 138 16.63 5.42 -13.44
C GLN A 138 17.45 4.15 -13.42
N ARG A 139 18.74 4.29 -13.10
CA ARG A 139 19.63 3.13 -13.05
C ARG A 139 19.13 2.12 -12.02
N LYS A 37 3.67 -1.79 15.99
CA LYS A 37 4.99 -2.33 16.27
C LYS A 37 5.40 -3.35 15.22
N VAL A 38 6.02 -4.43 15.65
CA VAL A 38 6.45 -5.49 14.73
C VAL A 38 5.27 -6.00 13.92
N ALA A 39 4.10 -6.04 14.55
CA ALA A 39 2.90 -6.51 13.89
C ALA A 39 1.66 -5.90 14.54
N SER A 40 0.66 -5.56 13.74
CA SER A 40 -0.57 -4.97 14.26
C SER A 40 -1.76 -5.33 13.36
N LEU A 41 -2.96 -5.23 13.93
CA LEU A 41 -4.18 -5.53 13.18
C LEU A 41 -5.27 -4.50 13.49
N LEU A 42 -5.56 -3.65 12.51
CA LEU A 42 -6.59 -2.62 12.68
C LEU A 42 -7.89 -3.07 12.03
N SER A 43 -8.98 -2.99 12.77
CA SER A 43 -10.29 -3.39 12.26
C SER A 43 -10.73 -2.46 11.14
N ALA A 44 -12.00 -2.57 10.75
CA ALA A 44 -12.53 -1.73 9.68
C ALA A 44 -12.94 -0.36 10.21
N ASP A 45 -13.31 -0.32 11.48
CA ASP A 45 -13.72 0.95 12.10
C ASP A 45 -12.52 1.87 12.26
N LEU A 46 -11.41 1.50 11.64
CA LEU A 46 -10.18 2.31 11.72
C LEU A 46 -9.97 3.10 10.43
N THR A 47 -9.72 4.40 10.59
CA THR A 47 -9.48 5.29 9.46
C THR A 47 -8.35 6.25 9.78
N ILE A 48 -7.28 6.19 8.99
CA ILE A 48 -6.13 7.07 9.20
C ILE A 48 -6.35 8.39 8.46
N GLU A 49 -6.08 9.50 9.15
CA GLU A 49 -6.25 10.82 8.56
C GLU A 49 -5.06 11.71 8.88
N GLY A 50 -4.60 12.47 7.88
CA GLY A 50 -3.46 13.36 8.07
C GLY A 50 -2.15 12.66 7.73
N GLY A 51 -1.59 11.96 8.71
CA GLY A 51 -0.33 11.25 8.50
C GLY A 51 -0.03 10.33 9.68
N VAL A 52 0.10 9.03 9.41
CA VAL A 52 0.40 8.06 10.46
C VAL A 52 1.87 7.68 10.43
N THR A 53 2.50 7.69 11.61
CA THR A 53 3.92 7.35 11.72
C THR A 53 4.09 6.04 12.49
N GLY A 54 5.01 5.20 12.02
CA GLY A 54 5.26 3.92 12.68
C GLY A 54 6.38 3.16 11.96
N GLU A 55 6.48 1.87 12.25
CA GLU A 55 7.51 1.04 11.63
C GLU A 55 7.26 -0.44 11.93
N GLY A 56 7.15 -1.24 10.87
CA GLY A 56 6.90 -2.67 11.03
C GLY A 56 5.77 -3.13 10.13
N GLU A 57 5.35 -4.38 10.30
CA GLU A 57 4.25 -4.91 9.49
C GLU A 57 2.91 -4.39 10.01
N LEU A 58 2.25 -3.58 9.18
CA LEU A 58 0.96 -3.01 9.57
C LEU A 58 -0.17 -3.63 8.75
N GLN A 59 -0.96 -4.47 9.41
CA GLN A 59 -2.10 -5.12 8.76
C GLN A 59 -3.35 -4.30 9.03
N ILE A 60 -3.88 -3.65 7.99
CA ILE A 60 -5.07 -2.81 8.15
C ILE A 60 -6.15 -3.17 7.14
N ASP A 61 -7.35 -3.45 7.67
CA ASP A 61 -8.51 -3.77 6.85
C ASP A 61 -9.49 -2.61 6.95
N GLY A 62 -8.98 -1.40 6.68
CA GLY A 62 -9.77 -0.19 6.77
C GLY A 62 -9.43 0.79 5.65
N VAL A 63 -9.78 2.06 5.88
CA VAL A 63 -9.53 3.12 4.90
C VAL A 63 -8.36 3.99 5.35
N VAL A 64 -7.35 4.15 4.49
CA VAL A 64 -6.17 4.96 4.82
C VAL A 64 -6.13 6.24 3.99
N LYS A 65 -6.12 7.37 4.68
CA LYS A 65 -6.07 8.69 4.03
C LYS A 65 -4.88 9.51 4.52
N GLY A 66 -4.28 10.27 3.62
CA GLY A 66 -3.13 11.10 3.98
C GLY A 66 -1.82 10.36 3.72
N ASP A 67 -0.76 10.83 4.36
CA ASP A 67 0.56 10.20 4.21
C ASP A 67 0.66 8.95 5.08
N VAL A 68 1.46 7.99 4.64
CA VAL A 68 1.64 6.74 5.39
C VAL A 68 3.12 6.38 5.51
N ARG A 69 3.67 6.51 6.72
CA ARG A 69 5.07 6.20 6.97
C ARG A 69 5.19 4.91 7.76
N VAL A 70 5.70 3.86 7.12
CA VAL A 70 5.85 2.57 7.77
C VAL A 70 6.90 1.73 7.05
N GLY A 71 7.39 0.67 7.71
CA GLY A 71 8.38 -0.20 7.09
C GLY A 71 7.70 -1.11 6.07
N ARG A 72 6.86 -2.02 6.55
CA ARG A 72 6.13 -2.94 5.68
C ARG A 72 4.64 -2.69 5.81
N LEU A 73 4.00 -2.31 4.70
CA LEU A 73 2.56 -2.02 4.71
C LEU A 73 1.78 -3.17 4.09
N THR A 74 0.85 -3.72 4.87
CA THR A 74 0.02 -4.83 4.40
C THR A 74 -1.43 -4.37 4.33
N VAL A 75 -2.00 -4.35 3.12
CA VAL A 75 -3.37 -3.91 2.93
C VAL A 75 -4.34 -5.06 3.23
N GLY A 76 -5.04 -4.92 4.35
CA GLY A 76 -6.00 -5.93 4.82
C GLY A 76 -6.98 -6.38 3.75
N GLU A 77 -8.08 -6.97 4.22
CA GLU A 77 -9.12 -7.49 3.32
C GLU A 77 -10.12 -6.42 2.88
N THR A 78 -10.27 -5.35 3.65
CA THR A 78 -11.23 -4.31 3.27
C THR A 78 -10.73 -3.63 2.00
N GLY A 79 -9.43 -3.68 1.79
CA GLY A 79 -8.82 -3.15 0.59
C GLY A 79 -9.12 -1.68 0.33
N HIS A 80 -9.17 -0.83 1.36
CA HIS A 80 -9.43 0.59 1.12
C HIS A 80 -8.19 1.42 1.45
N VAL A 81 -7.61 2.01 0.41
CA VAL A 81 -6.43 2.85 0.59
C VAL A 81 -6.42 3.98 -0.44
N GLU A 82 -6.57 5.22 0.03
CA GLU A 82 -6.58 6.37 -0.87
C GLU A 82 -5.76 7.51 -0.29
N GLY A 83 -4.60 7.76 -0.89
CA GLY A 83 -3.72 8.83 -0.43
C GLY A 83 -2.29 8.61 -0.92
N SER A 84 -1.33 9.18 -0.20
CA SER A 84 0.08 9.03 -0.55
C SER A 84 0.73 8.01 0.36
N VAL A 85 1.20 6.90 -0.21
CA VAL A 85 1.83 5.85 0.58
C VAL A 85 3.35 5.84 0.40
N TYR A 86 4.06 6.21 1.47
CA TYR A 86 5.52 6.23 1.45
C TYR A 86 6.06 5.17 2.40
N ALA A 87 6.80 4.19 1.86
CA ALA A 87 7.34 3.13 2.70
C ALA A 87 8.41 2.35 1.96
N GLU A 88 9.01 1.37 2.64
CA GLU A 88 10.05 0.55 2.02
C GLU A 88 9.43 -0.54 1.15
N ALA A 89 8.56 -1.34 1.74
CA ALA A 89 7.89 -2.42 1.02
C ALA A 89 6.40 -2.41 1.34
N VAL A 90 5.57 -2.75 0.36
CA VAL A 90 4.12 -2.77 0.57
C VAL A 90 3.47 -3.99 -0.08
N GLU A 91 2.76 -4.78 0.73
CA GLU A 91 2.08 -5.97 0.23
C GLU A 91 0.58 -5.69 0.15
N VAL A 92 0.03 -5.78 -1.06
CA VAL A 92 -1.39 -5.50 -1.26
C VAL A 92 -2.21 -6.78 -1.32
N ARG A 93 -3.38 -6.75 -0.67
CA ARG A 93 -4.30 -7.87 -0.65
C ARG A 93 -5.71 -7.33 -0.86
N GLY A 94 -5.78 -6.12 -1.41
CA GLY A 94 -7.06 -5.45 -1.62
C GLY A 94 -6.94 -4.34 -2.67
N ARG A 95 -7.78 -3.30 -2.58
CA ARG A 95 -7.76 -2.22 -3.57
C ARG A 95 -7.13 -0.91 -3.06
N VAL A 96 -6.27 -0.36 -3.91
CA VAL A 96 -5.58 0.90 -3.64
C VAL A 96 -5.87 1.89 -4.76
N VAL A 97 -6.43 3.04 -4.40
CA VAL A 97 -6.78 4.06 -5.42
C VAL A 97 -6.21 5.41 -5.02
N GLY A 98 -5.18 5.85 -5.73
CA GLY A 98 -4.55 7.14 -5.45
C GLY A 98 -3.10 7.16 -5.94
N ALA A 99 -2.17 7.03 -5.01
CA ALA A 99 -0.75 7.03 -5.36
C ALA A 99 0.07 6.33 -4.27
N ILE A 100 1.12 5.63 -4.69
CA ILE A 100 1.97 4.92 -3.75
C ILE A 100 3.42 4.88 -4.25
N THR A 101 4.35 5.15 -3.33
CA THR A 101 5.78 5.15 -3.66
C THR A 101 6.56 4.36 -2.61
N SER A 102 7.42 3.46 -3.07
CA SER A 102 8.23 2.65 -2.16
C SER A 102 9.38 1.99 -2.90
N LYS A 103 10.41 1.61 -2.15
CA LYS A 103 11.58 0.96 -2.74
C LYS A 103 11.23 -0.45 -3.20
N GLN A 104 10.13 -1.00 -2.69
CA GLN A 104 9.71 -2.35 -3.08
C GLN A 104 8.19 -2.47 -3.09
N VAL A 105 7.67 -3.26 -4.02
CA VAL A 105 6.22 -3.45 -4.14
C VAL A 105 5.89 -4.88 -4.56
N ARG A 106 4.86 -5.45 -3.92
CA ARG A 106 4.41 -6.81 -4.22
C ARG A 106 2.89 -6.86 -4.16
N LEU A 107 2.24 -6.95 -5.31
CA LEU A 107 0.78 -6.99 -5.36
C LEU A 107 0.26 -8.42 -5.19
N TYR A 108 -0.11 -8.75 -3.96
CA TYR A 108 -0.66 -10.07 -3.64
C TYR A 108 -2.19 -10.03 -3.67
N GLY A 109 -2.81 -11.20 -3.75
CA GLY A 109 -4.27 -11.27 -3.76
C GLY A 109 -4.87 -10.58 -4.98
N THR A 110 -6.18 -10.37 -4.92
CA THR A 110 -6.91 -9.70 -5.99
C THR A 110 -6.51 -8.23 -6.05
N SER A 111 -5.26 -7.95 -5.71
CA SER A 111 -4.75 -6.59 -5.66
C SER A 111 -5.17 -5.78 -6.89
N TYR A 112 -5.45 -4.50 -6.64
CA TYR A 112 -5.85 -3.59 -7.69
C TYR A 112 -5.29 -2.19 -7.41
N VAL A 113 -4.60 -1.61 -8.39
CA VAL A 113 -4.01 -0.28 -8.21
C VAL A 113 -4.29 0.61 -9.41
N ASP A 114 -4.87 1.78 -9.16
CA ASP A 114 -5.19 2.72 -10.24
C ASP A 114 -4.74 4.13 -9.87
N GLY A 115 -3.65 4.58 -10.46
CA GLY A 115 -3.13 5.92 -10.19
C GLY A 115 -1.65 6.04 -10.53
N ASP A 116 -0.93 6.82 -9.72
CA ASP A 116 0.50 7.02 -9.94
C ASP A 116 1.31 6.01 -9.13
N ILE A 117 2.17 5.26 -9.82
CA ILE A 117 3.01 4.25 -9.18
C ILE A 117 4.49 4.62 -9.34
N THR A 118 5.26 4.42 -8.29
CA THR A 118 6.69 4.72 -8.31
C THR A 118 7.43 3.77 -7.40
N HIS A 119 8.57 3.26 -7.88
CA HIS A 119 9.36 2.32 -7.09
C HIS A 119 10.59 1.88 -7.86
N GLU A 120 11.56 1.31 -7.14
CA GLU A 120 12.79 0.83 -7.76
C GLU A 120 12.65 -0.65 -8.09
N GLN A 121 11.96 -1.38 -7.21
CA GLN A 121 11.72 -2.81 -7.40
C GLN A 121 10.24 -3.11 -7.25
N LEU A 122 9.72 -3.99 -8.11
CA LEU A 122 8.31 -4.33 -8.08
C LEU A 122 8.06 -5.73 -8.61
N ALA A 123 7.03 -6.38 -8.08
CA ALA A 123 6.67 -7.73 -8.48
C ALA A 123 5.15 -7.88 -8.49
N MET A 124 4.60 -8.37 -9.60
CA MET A 124 3.15 -8.54 -9.71
C MET A 124 2.76 -10.01 -9.60
N GLU A 125 1.96 -10.33 -8.58
CA GLU A 125 1.51 -11.70 -8.36
C GLU A 125 0.06 -11.87 -8.81
N THR A 126 -0.33 -13.10 -9.10
CA THR A 126 -1.70 -13.37 -9.53
C THR A 126 -2.70 -12.55 -8.73
N GLY A 127 -3.77 -12.10 -9.39
CA GLY A 127 -4.80 -11.31 -8.72
C GLY A 127 -4.47 -9.82 -8.78
N ALA A 128 -3.35 -9.49 -9.43
CA ALA A 128 -2.95 -8.09 -9.55
C ALA A 128 -3.48 -7.48 -10.84
N PHE A 129 -4.36 -6.48 -10.70
CA PHE A 129 -4.92 -5.76 -11.85
C PHE A 129 -4.75 -4.27 -11.64
N PHE A 130 -3.76 -3.66 -12.29
CA PHE A 130 -3.51 -2.23 -12.12
C PHE A 130 -3.32 -1.50 -13.43
N GLN A 131 -4.16 -0.49 -13.67
CA GLN A 131 -4.00 0.33 -14.87
C GLN A 131 -3.71 1.76 -14.41
N GLY A 132 -2.43 2.10 -14.46
CA GLY A 132 -1.95 3.41 -14.06
C GLY A 132 -0.63 3.68 -14.73
N ARG A 133 -0.08 4.88 -14.55
CA ARG A 133 1.22 5.17 -15.13
C ARG A 133 2.27 4.65 -14.17
N SER A 134 2.94 3.56 -14.59
CA SER A 134 3.95 2.94 -13.74
C SER A 134 5.34 3.52 -14.02
N LEU A 135 5.88 4.23 -13.03
CA LEU A 135 7.21 4.83 -13.16
C LEU A 135 8.26 3.96 -12.50
N LYS A 136 9.13 3.36 -13.32
CA LYS A 136 10.20 2.50 -12.82
C LYS A 136 11.55 3.16 -13.04
N PHE A 137 12.11 3.71 -11.96
CA PHE A 137 13.41 4.38 -12.04
C PHE A 137 14.54 3.40 -11.69
N GLN A 138 15.60 3.43 -12.49
CA GLN A 138 16.74 2.54 -12.26
C GLN A 138 18.03 3.19 -12.77
N ARG A 139 18.41 4.31 -12.17
CA ARG A 139 19.61 5.01 -12.57
C ARG A 139 20.15 5.85 -11.41
N LYS A 37 5.89 -2.53 20.28
CA LYS A 37 5.07 -3.29 19.34
C LYS A 37 5.77 -3.43 18.01
N VAL A 38 6.27 -4.63 17.73
CA VAL A 38 6.97 -4.89 16.47
C VAL A 38 5.98 -5.13 15.34
N ALA A 39 4.76 -5.52 15.71
CA ALA A 39 3.72 -5.78 14.72
C ALA A 39 2.34 -5.46 15.30
N SER A 40 1.39 -5.14 14.43
CA SER A 40 0.04 -4.83 14.88
C SER A 40 -0.94 -4.89 13.71
N LEU A 41 -2.23 -4.97 14.04
CA LEU A 41 -3.28 -5.04 13.02
C LEU A 41 -4.49 -4.20 13.47
N LEU A 42 -4.94 -3.31 12.59
CA LEU A 42 -6.09 -2.44 12.90
C LEU A 42 -7.36 -2.97 12.26
N SER A 43 -8.46 -2.95 13.01
CA SER A 43 -9.74 -3.42 12.51
C SER A 43 -10.23 -2.57 11.34
N ALA A 44 -11.48 -2.79 10.94
CA ALA A 44 -12.06 -2.04 9.83
C ALA A 44 -12.71 -0.75 10.32
N ASP A 45 -13.12 -0.75 11.59
CA ASP A 45 -13.76 0.44 12.16
C ASP A 45 -12.73 1.55 12.36
N LEU A 46 -11.58 1.43 11.69
CA LEU A 46 -10.53 2.43 11.81
C LEU A 46 -10.39 3.24 10.51
N THR A 47 -10.38 4.56 10.66
CA THR A 47 -10.25 5.47 9.53
C THR A 47 -9.18 6.51 9.81
N ILE A 48 -8.09 6.47 9.04
CA ILE A 48 -6.99 7.41 9.23
C ILE A 48 -7.23 8.70 8.44
N GLU A 49 -6.78 9.82 9.00
CA GLU A 49 -6.95 11.12 8.36
C GLU A 49 -5.65 11.92 8.43
N GLY A 50 -5.31 12.59 7.33
CA GLY A 50 -4.09 13.39 7.28
C GLY A 50 -2.87 12.52 6.99
N GLY A 51 -2.53 11.66 7.96
CA GLY A 51 -1.39 10.77 7.80
C GLY A 51 -0.74 10.47 9.15
N VAL A 52 -0.39 9.20 9.37
CA VAL A 52 0.24 8.78 10.62
C VAL A 52 1.51 7.98 10.35
N THR A 53 2.46 8.03 11.28
CA THR A 53 3.72 7.31 11.14
C THR A 53 3.78 6.12 12.08
N GLY A 54 3.71 4.92 11.51
CA GLY A 54 3.75 3.69 12.31
C GLY A 54 5.18 3.15 12.39
N GLU A 55 5.32 1.83 12.43
CA GLU A 55 6.62 1.20 12.52
C GLU A 55 6.51 -0.31 12.37
N GLY A 56 7.60 -0.95 11.95
CA GLY A 56 7.60 -2.40 11.79
C GLY A 56 6.48 -2.83 10.85
N GLU A 57 5.93 -4.02 11.10
CA GLU A 57 4.86 -4.55 10.27
C GLU A 57 3.51 -4.02 10.74
N LEU A 58 2.67 -3.60 9.79
CA LEU A 58 1.35 -3.06 10.12
C LEU A 58 0.32 -3.50 9.08
N GLN A 59 -0.56 -4.41 9.48
CA GLN A 59 -1.61 -4.91 8.60
C GLN A 59 -2.91 -4.15 8.87
N ILE A 60 -3.23 -3.20 8.01
CA ILE A 60 -4.43 -2.39 8.18
C ILE A 60 -5.57 -2.91 7.30
N ASP A 61 -6.65 -3.36 7.94
CA ASP A 61 -7.82 -3.86 7.22
C ASP A 61 -8.94 -2.84 7.31
N GLY A 62 -8.62 -1.59 6.95
CA GLY A 62 -9.58 -0.50 7.01
C GLY A 62 -9.34 0.51 5.90
N VAL A 63 -9.86 1.73 6.09
CA VAL A 63 -9.72 2.81 5.10
C VAL A 63 -8.76 3.87 5.62
N VAL A 64 -7.59 3.97 4.97
CA VAL A 64 -6.58 4.95 5.36
C VAL A 64 -6.43 6.03 4.29
N LYS A 65 -6.58 7.29 4.70
CA LYS A 65 -6.46 8.43 3.78
C LYS A 65 -5.41 9.41 4.29
N GLY A 66 -4.48 9.77 3.41
CA GLY A 66 -3.42 10.71 3.76
C GLY A 66 -2.04 10.08 3.55
N ASP A 67 -1.03 10.64 4.21
CA ASP A 67 0.34 10.12 4.10
C ASP A 67 0.59 9.06 5.15
N VAL A 68 1.09 7.91 4.71
CA VAL A 68 1.38 6.79 5.62
C VAL A 68 2.88 6.48 5.62
N ARG A 69 3.48 6.45 6.80
CA ARG A 69 4.91 6.16 6.94
C ARG A 69 5.14 4.97 7.87
N VAL A 70 5.73 3.91 7.35
CA VAL A 70 6.00 2.72 8.14
C VAL A 70 6.95 1.78 7.41
N GLY A 71 7.45 0.77 8.12
CA GLY A 71 8.37 -0.19 7.52
C GLY A 71 7.67 -0.98 6.41
N ARG A 72 6.86 -1.95 6.82
CA ARG A 72 6.11 -2.78 5.87
C ARG A 72 4.61 -2.54 6.03
N LEU A 73 3.98 -2.06 4.96
CA LEU A 73 2.55 -1.77 4.98
C LEU A 73 1.78 -2.77 4.13
N THR A 74 0.77 -3.41 4.72
CA THR A 74 -0.03 -4.39 4.00
C THR A 74 -1.52 -4.08 4.14
N VAL A 75 -2.21 -3.93 3.01
CA VAL A 75 -3.64 -3.63 3.03
C VAL A 75 -4.44 -4.92 3.22
N GLY A 76 -5.12 -4.99 4.36
CA GLY A 76 -5.91 -6.16 4.73
C GLY A 76 -6.98 -6.51 3.70
N GLU A 77 -8.00 -7.23 4.16
CA GLU A 77 -9.09 -7.67 3.30
C GLU A 77 -10.08 -6.54 2.99
N THR A 78 -10.13 -5.51 3.82
CA THR A 78 -11.07 -4.42 3.57
C THR A 78 -10.65 -3.70 2.29
N GLY A 79 -9.35 -3.76 2.01
CA GLY A 79 -8.80 -3.20 0.79
C GLY A 79 -9.13 -1.74 0.55
N HIS A 80 -9.17 -0.89 1.59
CA HIS A 80 -9.46 0.53 1.36
C HIS A 80 -8.22 1.38 1.61
N VAL A 81 -7.70 1.96 0.53
CA VAL A 81 -6.51 2.82 0.63
C VAL A 81 -6.54 3.90 -0.44
N GLU A 82 -6.64 5.16 -0.02
CA GLU A 82 -6.65 6.27 -0.97
C GLU A 82 -5.80 7.42 -0.45
N GLY A 83 -4.63 7.61 -1.05
CA GLY A 83 -3.74 8.68 -0.63
C GLY A 83 -2.31 8.40 -1.08
N SER A 84 -1.35 8.98 -0.37
CA SER A 84 0.07 8.78 -0.67
C SER A 84 0.67 7.77 0.31
N VAL A 85 1.16 6.65 -0.22
CA VAL A 85 1.75 5.62 0.63
C VAL A 85 3.27 5.64 0.56
N TYR A 86 3.91 5.77 1.73
CA TYR A 86 5.37 5.80 1.81
C TYR A 86 5.85 4.68 2.72
N ALA A 87 6.63 3.75 2.17
CA ALA A 87 7.13 2.65 2.96
C ALA A 87 8.27 1.94 2.22
N GLU A 88 8.98 1.07 2.94
CA GLU A 88 10.09 0.33 2.35
C GLU A 88 9.57 -0.85 1.56
N ALA A 89 8.48 -1.47 2.06
CA ALA A 89 7.87 -2.61 1.38
C ALA A 89 6.36 -2.52 1.47
N VAL A 90 5.66 -3.13 0.50
CA VAL A 90 4.20 -3.09 0.50
C VAL A 90 3.60 -4.34 -0.13
N GLU A 91 2.71 -4.99 0.63
CA GLU A 91 2.02 -6.21 0.16
C GLU A 91 0.54 -5.91 0.03
N VAL A 92 0.02 -5.99 -1.19
CA VAL A 92 -1.39 -5.69 -1.44
C VAL A 92 -2.26 -6.96 -1.46
N ARG A 93 -3.39 -6.89 -0.77
CA ARG A 93 -4.36 -7.98 -0.71
C ARG A 93 -5.76 -7.39 -0.86
N GLY A 94 -5.83 -6.17 -1.39
CA GLY A 94 -7.10 -5.48 -1.55
C GLY A 94 -7.01 -4.36 -2.59
N ARG A 95 -7.84 -3.32 -2.43
CA ARG A 95 -7.87 -2.22 -3.42
C ARG A 95 -7.24 -0.93 -2.90
N VAL A 96 -6.41 -0.34 -3.75
CA VAL A 96 -5.73 0.91 -3.44
C VAL A 96 -5.76 1.82 -4.68
N VAL A 97 -6.17 3.07 -4.49
CA VAL A 97 -6.25 4.02 -5.61
C VAL A 97 -5.73 5.39 -5.19
N GLY A 98 -4.63 5.81 -5.82
CA GLY A 98 -4.03 7.10 -5.52
C GLY A 98 -2.58 7.16 -6.00
N ALA A 99 -1.67 6.71 -5.13
CA ALA A 99 -0.25 6.72 -5.47
C ALA A 99 0.56 6.09 -4.34
N ILE A 100 1.63 5.37 -4.69
CA ILE A 100 2.46 4.72 -3.68
C ILE A 100 3.95 4.78 -4.07
N THR A 101 4.81 4.87 -3.05
CA THR A 101 6.25 4.93 -3.25
C THR A 101 6.95 3.95 -2.31
N SER A 102 7.69 3.01 -2.88
CA SER A 102 8.42 2.03 -2.07
C SER A 102 9.50 1.35 -2.89
N LYS A 103 10.53 0.84 -2.21
CA LYS A 103 11.62 0.16 -2.88
C LYS A 103 11.19 -1.22 -3.35
N GLN A 104 10.29 -1.85 -2.60
CA GLN A 104 9.79 -3.18 -2.96
C GLN A 104 8.26 -3.18 -3.02
N VAL A 105 7.72 -3.76 -4.09
CA VAL A 105 6.27 -3.81 -4.27
C VAL A 105 5.84 -5.22 -4.71
N ARG A 106 4.77 -5.71 -4.08
CA ARG A 106 4.24 -7.04 -4.39
C ARG A 106 2.71 -6.99 -4.43
N LEU A 107 2.13 -7.14 -5.62
CA LEU A 107 0.68 -7.09 -5.75
C LEU A 107 0.06 -8.48 -5.62
N TYR A 108 -0.35 -8.79 -4.39
CA TYR A 108 -0.99 -10.07 -4.08
C TYR A 108 -2.51 -9.92 -4.09
N GLY A 109 -3.22 -11.03 -4.22
CA GLY A 109 -4.68 -10.99 -4.20
C GLY A 109 -5.25 -10.14 -5.33
N THR A 110 -6.52 -9.77 -5.16
CA THR A 110 -7.23 -8.93 -6.14
C THR A 110 -6.64 -7.52 -6.16
N SER A 111 -5.33 -7.44 -5.91
CA SER A 111 -4.66 -6.15 -5.86
C SER A 111 -5.07 -5.25 -7.02
N TYR A 112 -5.46 -4.02 -6.68
CA TYR A 112 -5.88 -3.04 -7.67
C TYR A 112 -5.22 -1.70 -7.42
N VAL A 113 -4.32 -1.29 -8.33
CA VAL A 113 -3.62 -0.01 -8.18
C VAL A 113 -3.96 0.91 -9.34
N ASP A 114 -4.49 2.09 -9.02
CA ASP A 114 -4.86 3.07 -10.04
C ASP A 114 -4.33 4.46 -9.67
N GLY A 115 -3.30 4.91 -10.39
CA GLY A 115 -2.71 6.21 -10.12
C GLY A 115 -1.24 6.23 -10.50
N ASP A 116 -0.43 6.94 -9.71
CA ASP A 116 1.01 7.03 -9.97
C ASP A 116 1.77 5.95 -9.19
N ILE A 117 2.65 5.24 -9.90
CA ILE A 117 3.45 4.18 -9.27
C ILE A 117 4.94 4.54 -9.35
N THR A 118 5.64 4.37 -8.23
CA THR A 118 7.07 4.67 -8.17
C THR A 118 7.77 3.66 -7.27
N HIS A 119 8.70 2.90 -7.85
CA HIS A 119 9.42 1.90 -7.08
C HIS A 119 10.64 1.40 -7.87
N GLU A 120 11.64 0.91 -7.13
CA GLU A 120 12.84 0.38 -7.75
C GLU A 120 12.64 -1.09 -8.11
N GLN A 121 12.05 -1.83 -7.18
CA GLN A 121 11.77 -3.26 -7.39
C GLN A 121 10.27 -3.49 -7.35
N LEU A 122 9.77 -4.30 -8.28
CA LEU A 122 8.33 -4.60 -8.34
C LEU A 122 8.10 -6.06 -8.70
N ALA A 123 7.00 -6.60 -8.20
CA ALA A 123 6.63 -7.98 -8.46
C ALA A 123 5.11 -8.10 -8.57
N MET A 124 4.64 -8.58 -9.73
CA MET A 124 3.20 -8.73 -9.94
C MET A 124 2.78 -10.19 -9.86
N GLU A 125 1.68 -10.44 -9.15
CA GLU A 125 1.18 -11.80 -8.98
C GLU A 125 -0.28 -11.88 -9.42
N THR A 126 -0.77 -13.10 -9.62
CA THR A 126 -2.15 -13.31 -10.04
C THR A 126 -3.09 -12.49 -9.16
N GLY A 127 -4.12 -11.90 -9.79
CA GLY A 127 -5.09 -11.09 -9.06
C GLY A 127 -4.67 -9.62 -9.07
N ALA A 128 -3.55 -9.33 -9.72
CA ALA A 128 -3.06 -7.96 -9.80
C ALA A 128 -3.58 -7.25 -11.05
N PHE A 129 -4.39 -6.22 -10.85
CA PHE A 129 -4.94 -5.43 -11.96
C PHE A 129 -4.67 -3.95 -11.68
N PHE A 130 -3.69 -3.37 -12.36
CA PHE A 130 -3.34 -1.97 -12.14
C PHE A 130 -3.23 -1.18 -13.43
N GLN A 131 -4.14 -0.22 -13.60
CA GLN A 131 -4.08 0.65 -14.78
C GLN A 131 -3.78 2.06 -14.29
N GLY A 132 -2.52 2.42 -14.41
CA GLY A 132 -2.05 3.73 -13.98
C GLY A 132 -0.79 4.09 -14.73
N ARG A 133 -0.28 5.29 -14.51
CA ARG A 133 0.96 5.67 -15.17
C ARG A 133 2.10 5.09 -14.33
N SER A 134 2.76 4.07 -14.89
CA SER A 134 3.84 3.41 -14.18
C SER A 134 5.17 4.11 -14.44
N LEU A 135 5.77 4.63 -13.37
CA LEU A 135 7.05 5.32 -13.48
C LEU A 135 8.21 4.37 -13.19
N LYS A 136 8.97 4.04 -14.23
CA LYS A 136 10.10 3.14 -14.07
C LYS A 136 11.33 3.91 -13.60
N PHE A 137 12.14 3.26 -12.77
CA PHE A 137 13.35 3.88 -12.25
C PHE A 137 14.42 3.99 -13.33
N GLN A 138 14.97 5.19 -13.51
CA GLN A 138 16.00 5.41 -14.52
C GLN A 138 16.73 6.71 -14.24
N ARG A 139 15.99 7.76 -13.90
CA ARG A 139 16.57 9.06 -13.61
C ARG A 139 17.72 8.91 -12.62
N LYS A 37 3.33 -7.37 19.02
CA LYS A 37 3.04 -5.95 18.87
C LYS A 37 3.45 -5.46 17.48
N VAL A 38 4.54 -6.05 16.95
CA VAL A 38 5.02 -5.66 15.64
C VAL A 38 3.93 -5.84 14.59
N ALA A 39 3.02 -6.78 14.84
CA ALA A 39 1.92 -7.05 13.92
C ALA A 39 0.66 -6.30 14.35
N SER A 40 0.62 -5.01 14.05
CA SER A 40 -0.52 -4.19 14.41
C SER A 40 -1.75 -4.61 13.61
N LEU A 41 -2.94 -4.36 14.16
CA LEU A 41 -4.19 -4.72 13.48
C LEU A 41 -5.24 -3.64 13.69
N LEU A 42 -5.59 -2.95 12.60
CA LEU A 42 -6.59 -1.88 12.66
C LEU A 42 -7.93 -2.39 12.12
N SER A 43 -8.95 -2.33 12.98
CA SER A 43 -10.28 -2.78 12.59
C SER A 43 -10.73 -2.11 11.29
N ALA A 44 -11.93 -2.45 10.84
CA ALA A 44 -12.47 -1.88 9.60
C ALA A 44 -13.22 -0.58 9.90
N ASP A 45 -13.88 -0.54 11.04
CA ASP A 45 -14.63 0.65 11.43
C ASP A 45 -13.69 1.79 11.82
N LEU A 46 -12.51 1.81 11.21
CA LEU A 46 -11.50 2.84 11.50
C LEU A 46 -11.00 3.50 10.22
N THR A 47 -10.76 4.81 10.31
CA THR A 47 -10.27 5.58 9.18
C THR A 47 -9.11 6.48 9.61
N ILE A 48 -8.05 6.52 8.80
CA ILE A 48 -6.87 7.33 9.13
C ILE A 48 -7.04 8.76 8.65
N GLU A 49 -6.50 9.70 9.42
CA GLU A 49 -6.58 11.12 9.08
C GLU A 49 -5.22 11.79 9.30
N GLY A 50 -4.84 12.63 8.36
CA GLY A 50 -3.55 13.33 8.45
C GLY A 50 -2.41 12.45 7.96
N GLY A 51 -1.57 11.99 8.90
CA GLY A 51 -0.45 11.13 8.54
C GLY A 51 0.00 10.29 9.74
N VAL A 52 0.01 8.98 9.57
CA VAL A 52 0.43 8.07 10.63
C VAL A 52 1.81 7.50 10.34
N THR A 53 2.56 7.19 11.40
CA THR A 53 3.90 6.64 11.26
C THR A 53 4.18 5.60 12.34
N GLY A 54 4.94 4.57 11.99
CA GLY A 54 5.27 3.51 12.94
C GLY A 54 6.02 2.38 12.25
N GLU A 55 7.34 2.39 12.37
CA GLU A 55 8.15 1.35 11.74
C GLU A 55 7.72 -0.04 12.23
N GLY A 56 7.70 -1.00 11.31
CA GLY A 56 7.30 -2.37 11.65
C GLY A 56 6.26 -2.90 10.67
N GLU A 57 5.58 -3.97 11.07
CA GLU A 57 4.55 -4.58 10.22
C GLU A 57 3.18 -4.01 10.58
N LEU A 58 2.56 -3.33 9.63
CA LEU A 58 1.24 -2.73 9.85
C LEU A 58 0.17 -3.43 9.00
N GLN A 59 -0.69 -4.19 9.66
CA GLN A 59 -1.77 -4.90 8.98
C GLN A 59 -3.07 -4.12 9.16
N ILE A 60 -3.48 -3.39 8.13
CA ILE A 60 -4.71 -2.59 8.19
C ILE A 60 -5.81 -3.17 7.31
N ASP A 61 -7.02 -3.23 7.87
CA ASP A 61 -8.18 -3.74 7.14
C ASP A 61 -9.27 -2.69 7.17
N GLY A 62 -8.89 -1.46 6.87
CA GLY A 62 -9.81 -0.32 6.90
C GLY A 62 -9.51 0.65 5.75
N VAL A 63 -9.97 1.89 5.93
CA VAL A 63 -9.77 2.94 4.93
C VAL A 63 -8.71 3.93 5.38
N VAL A 64 -7.84 4.34 4.47
CA VAL A 64 -6.76 5.29 4.81
C VAL A 64 -6.89 6.59 4.01
N LYS A 65 -6.94 7.71 4.73
CA LYS A 65 -7.05 9.03 4.10
C LYS A 65 -5.90 9.93 4.55
N GLY A 66 -4.80 9.91 3.81
CA GLY A 66 -3.64 10.74 4.13
C GLY A 66 -2.35 10.04 3.75
N ASP A 67 -1.25 10.40 4.42
CA ASP A 67 0.05 9.80 4.14
C ASP A 67 0.37 8.71 5.18
N VAL A 68 1.23 7.77 4.79
CA VAL A 68 1.61 6.68 5.69
C VAL A 68 3.11 6.40 5.59
N ARG A 69 3.74 6.20 6.75
CA ARG A 69 5.18 5.93 6.82
C ARG A 69 5.43 4.67 7.64
N VAL A 70 6.03 3.65 7.03
CA VAL A 70 6.31 2.41 7.74
C VAL A 70 7.25 1.52 6.93
N GLY A 71 7.71 0.44 7.56
CA GLY A 71 8.61 -0.50 6.89
C GLY A 71 7.82 -1.38 5.92
N ARG A 72 6.95 -2.22 6.47
CA ARG A 72 6.12 -3.12 5.65
C ARG A 72 4.65 -2.74 5.79
N LEU A 73 4.00 -2.45 4.66
CA LEU A 73 2.58 -2.06 4.66
C LEU A 73 1.74 -3.16 4.01
N THR A 74 0.94 -3.84 4.82
CA THR A 74 0.07 -4.91 4.33
C THR A 74 -1.37 -4.42 4.26
N VAL A 75 -1.94 -4.43 3.06
CA VAL A 75 -3.31 -3.99 2.87
C VAL A 75 -4.28 -5.13 3.17
N GLY A 76 -4.95 -5.02 4.32
CA GLY A 76 -5.90 -6.04 4.77
C GLY A 76 -6.92 -6.42 3.71
N GLU A 77 -8.00 -7.07 4.16
CA GLU A 77 -9.05 -7.53 3.25
C GLU A 77 -10.05 -6.43 2.91
N THR A 78 -10.14 -5.37 3.72
CA THR A 78 -11.10 -4.31 3.41
C THR A 78 -10.67 -3.61 2.13
N GLY A 79 -9.37 -3.66 1.88
CA GLY A 79 -8.80 -3.11 0.66
C GLY A 79 -9.14 -1.65 0.41
N HIS A 80 -9.19 -0.82 1.46
CA HIS A 80 -9.50 0.59 1.24
C HIS A 80 -8.27 1.44 1.56
N VAL A 81 -7.70 2.06 0.52
CA VAL A 81 -6.54 2.92 0.70
C VAL A 81 -6.56 4.07 -0.29
N GLU A 82 -6.62 5.30 0.22
CA GLU A 82 -6.64 6.48 -0.64
C GLU A 82 -5.73 7.57 -0.05
N GLY A 83 -4.60 7.79 -0.71
CA GLY A 83 -3.65 8.80 -0.25
C GLY A 83 -2.26 8.53 -0.82
N SER A 84 -1.24 9.02 -0.13
CA SER A 84 0.14 8.81 -0.57
C SER A 84 0.80 7.77 0.32
N VAL A 85 1.22 6.64 -0.27
CA VAL A 85 1.85 5.57 0.49
C VAL A 85 3.37 5.66 0.40
N TYR A 86 4.02 5.67 1.57
CA TYR A 86 5.47 5.75 1.64
C TYR A 86 6.00 4.63 2.52
N ALA A 87 6.79 3.73 1.95
CA ALA A 87 7.34 2.62 2.71
C ALA A 87 8.48 1.95 1.96
N GLU A 88 9.08 0.95 2.59
CA GLU A 88 10.20 0.23 1.97
C GLU A 88 9.67 -0.97 1.19
N ALA A 89 8.60 -1.57 1.70
CA ALA A 89 7.98 -2.73 1.06
C ALA A 89 6.48 -2.71 1.30
N VAL A 90 5.71 -3.13 0.30
CA VAL A 90 4.25 -3.14 0.42
C VAL A 90 3.64 -4.40 -0.16
N GLU A 91 2.77 -5.03 0.62
CA GLU A 91 2.08 -6.26 0.20
C GLU A 91 0.58 -5.99 0.10
N VAL A 92 0.09 -5.89 -1.12
CA VAL A 92 -1.32 -5.60 -1.35
C VAL A 92 -2.18 -6.87 -1.39
N ARG A 93 -3.32 -6.80 -0.71
CA ARG A 93 -4.27 -7.90 -0.67
C ARG A 93 -5.67 -7.31 -0.83
N GLY A 94 -5.71 -6.08 -1.36
CA GLY A 94 -6.98 -5.38 -1.55
C GLY A 94 -6.85 -4.25 -2.59
N ARG A 95 -7.70 -3.22 -2.46
CA ARG A 95 -7.69 -2.12 -3.45
C ARG A 95 -7.13 -0.81 -2.88
N VAL A 96 -6.35 -0.13 -3.74
CA VAL A 96 -5.72 1.15 -3.40
C VAL A 96 -5.79 2.10 -4.59
N VAL A 97 -6.13 3.36 -4.32
CA VAL A 97 -6.24 4.36 -5.39
C VAL A 97 -5.65 5.69 -4.92
N GLY A 98 -4.62 6.15 -5.63
CA GLY A 98 -3.96 7.41 -5.30
C GLY A 98 -2.54 7.45 -5.82
N ALA A 99 -1.58 7.17 -4.95
CA ALA A 99 -0.18 7.16 -5.32
C ALA A 99 0.64 6.39 -4.29
N ILE A 100 1.71 5.74 -4.76
CA ILE A 100 2.56 4.96 -3.85
C ILE A 100 4.03 5.08 -4.24
N THR A 101 4.88 5.19 -3.22
CA THR A 101 6.33 5.30 -3.43
C THR A 101 7.05 4.34 -2.48
N SER A 102 7.77 3.38 -3.04
CA SER A 102 8.48 2.41 -2.21
C SER A 102 9.60 1.72 -2.98
N LYS A 103 10.48 1.04 -2.26
CA LYS A 103 11.60 0.33 -2.87
C LYS A 103 11.12 -0.93 -3.58
N GLN A 104 10.29 -1.71 -2.90
CA GLN A 104 9.76 -2.96 -3.48
C GLN A 104 8.24 -3.01 -3.35
N VAL A 105 7.59 -3.56 -4.39
CA VAL A 105 6.13 -3.67 -4.39
C VAL A 105 5.68 -5.06 -4.82
N ARG A 106 4.95 -5.73 -3.94
CA ARG A 106 4.44 -7.08 -4.22
C ARG A 106 2.91 -7.06 -4.19
N LEU A 107 2.29 -7.17 -5.36
CA LEU A 107 0.83 -7.14 -5.44
C LEU A 107 0.23 -8.53 -5.23
N TYR A 108 -0.17 -8.81 -4.00
CA TYR A 108 -0.80 -10.08 -3.64
C TYR A 108 -2.31 -9.98 -3.75
N GLY A 109 -2.98 -11.13 -3.81
CA GLY A 109 -4.43 -11.14 -3.88
C GLY A 109 -4.94 -10.50 -5.18
N THR A 110 -6.26 -10.52 -5.35
CA THR A 110 -6.90 -9.92 -6.52
C THR A 110 -6.81 -8.39 -6.43
N SER A 111 -5.75 -7.93 -5.76
CA SER A 111 -5.55 -6.51 -5.55
C SER A 111 -5.70 -5.68 -6.81
N TYR A 112 -5.97 -4.39 -6.62
CA TYR A 112 -6.15 -3.44 -7.71
C TYR A 112 -5.50 -2.11 -7.34
N VAL A 113 -4.72 -1.55 -8.25
CA VAL A 113 -4.06 -0.27 -7.99
C VAL A 113 -4.12 0.63 -9.21
N ASP A 114 -4.66 1.84 -9.03
CA ASP A 114 -4.79 2.80 -10.12
C ASP A 114 -4.35 4.19 -9.67
N GLY A 115 -3.29 4.70 -10.28
CA GLY A 115 -2.79 6.03 -9.93
C GLY A 115 -1.31 6.18 -10.30
N ASP A 116 -0.62 7.07 -9.60
CA ASP A 116 0.79 7.31 -9.86
C ASP A 116 1.65 6.26 -9.14
N ILE A 117 2.63 5.71 -9.86
CA ILE A 117 3.52 4.69 -9.30
C ILE A 117 4.97 5.16 -9.33
N THR A 118 5.72 4.82 -8.29
CA THR A 118 7.13 5.19 -8.19
C THR A 118 7.89 4.14 -7.38
N HIS A 119 8.39 3.12 -8.08
CA HIS A 119 9.13 2.04 -7.42
C HIS A 119 10.32 1.61 -8.27
N GLU A 120 11.29 0.94 -7.63
CA GLU A 120 12.49 0.48 -8.33
C GLU A 120 12.38 -1.00 -8.66
N GLN A 121 11.71 -1.76 -7.80
CA GLN A 121 11.53 -3.21 -8.02
C GLN A 121 10.05 -3.54 -8.20
N LEU A 122 9.74 -4.22 -9.29
CA LEU A 122 8.37 -4.61 -9.61
C LEU A 122 8.16 -6.10 -9.32
N ALA A 123 7.06 -6.40 -8.66
CA ALA A 123 6.72 -7.79 -8.33
C ALA A 123 5.21 -7.95 -8.23
N MET A 124 4.67 -8.93 -8.95
CA MET A 124 3.23 -9.17 -8.95
C MET A 124 2.93 -10.67 -9.00
N GLU A 125 1.93 -11.09 -8.23
CA GLU A 125 1.53 -12.50 -8.18
C GLU A 125 0.07 -12.64 -8.61
N THR A 126 -0.39 -13.87 -8.76
CA THR A 126 -1.77 -14.13 -9.15
C THR A 126 -2.72 -13.19 -8.42
N GLY A 127 -3.50 -12.42 -9.18
CA GLY A 127 -4.46 -11.48 -8.58
C GLY A 127 -3.95 -10.05 -8.69
N ALA A 128 -2.89 -9.85 -9.47
CA ALA A 128 -2.32 -8.52 -9.65
C ALA A 128 -2.97 -7.79 -10.81
N PHE A 129 -3.63 -6.68 -10.50
CA PHE A 129 -4.30 -5.86 -11.50
C PHE A 129 -3.84 -4.42 -11.32
N PHE A 130 -2.96 -3.94 -12.20
CA PHE A 130 -2.42 -2.58 -12.07
C PHE A 130 -2.49 -1.81 -13.38
N GLN A 131 -3.40 -0.84 -13.43
CA GLN A 131 -3.50 0.03 -14.61
C GLN A 131 -3.54 1.46 -14.15
N GLY A 132 -2.38 2.10 -14.26
CA GLY A 132 -2.20 3.49 -13.86
C GLY A 132 -1.00 4.04 -14.60
N ARG A 133 -0.69 5.31 -14.40
CA ARG A 133 0.49 5.84 -15.04
C ARG A 133 1.68 5.42 -14.20
N SER A 134 2.46 4.48 -14.74
CA SER A 134 3.61 3.93 -14.03
C SER A 134 4.91 4.62 -14.46
N LEU A 135 5.63 5.16 -13.49
CA LEU A 135 6.90 5.84 -13.78
C LEU A 135 8.07 4.90 -13.49
N LYS A 136 8.89 4.65 -14.51
CA LYS A 136 10.04 3.77 -14.35
C LYS A 136 11.23 4.53 -13.76
N PHE A 137 11.69 4.09 -12.60
CA PHE A 137 12.81 4.74 -11.94
C PHE A 137 13.94 5.00 -12.94
N GLN A 138 14.49 6.21 -12.88
CA GLN A 138 15.58 6.60 -13.78
C GLN A 138 16.85 5.81 -13.47
N ARG A 139 17.95 6.23 -14.08
CA ARG A 139 19.23 5.57 -13.86
C ARG A 139 19.13 4.07 -14.16
#